data_8T56
#
_entry.id   8T56
#
loop_
_entity.id
_entity.type
_entity.pdbx_description
1 polymer 'Calcium permeable stress-gated cation channel 1'
2 polymer 'NSPr peptide'
3 non-polymer 'CHOLESTEROL HEMISUCCINATE'
4 non-polymer 'PALMITIC ACID'
5 non-polymer 1-palmitoyl-2-oleoyl-sn-glycero-3-phosphocholine
6 non-polymer CHOLESTEROL
#
loop_
_entity_poly.entity_id
_entity_poly.type
_entity_poly.pdbx_seq_one_letter_code
_entity_poly.pdbx_strand_id
1 'polypeptide(L)'
;MATLQDIGVSAGINILSAFVFFIIFAVLRLQPFNDRVYFSKWYLKGLRSSPARGGAFAQRFVNLDFRSYMKFLNWMPEAL
KMPEPELIDHAGLDSVVYLRIYWLGLKIFTPIAVLAWAVLVPVNWTNNTLEMAKQLRNVTSSDIDKLSVSNIPEYSMRFW
THIVMAYAFTIWTCYVLMKEYETIANMRLQFVASEARRPDQFTVLVRNVPPDADESVSELVEHFFLVNHPDHYLTHQVVC
NANKLADLVKKKKKLQNWLDYYQLKYARNNSQRIMVKLGFLGLWGQKVDAIEHYIAEIDKISKEISKEREEVVNDPKAIM
PAAFVSFKTRWAAAVCAQTQQTRNPTQWLTEWAPEPRDVFWSNLAIPYVSLTVRRLIMHVAFFFLTFFFIVPIAFVQSLA
TIEGIVKAAPFLKFIVDDKFMKSVIQGFLPGIALKLFLAFLPSILMIMSKFEGFTSISSLERRAAFRYYIFNLVNVFLAS
VIAGAAFEQLNSFLNQSANQIPKTIGVAIPMKATFFITYIMVDGWAGVAGEILMLKPLIMFHLKNAFLVKTDKDREEAMD
PGSIGFNTGEPRIQLYFLLGLVYAPVTPMLLPFILVFFALAYIVYRHQIINVYNQEYESAAAFWPDVHGRVIAALVISQL
LLMGLLGTKHAALAAPFLIALPVLTIGFHHFCKGRYEPAFIRYPLQEAMMKDTLETAREPNLNLKGYLQNAYVHPVFKGD
EDDYDIDDKLGKFEDEAIIVPTKRQSRRNTPAPSIISGDDSPSLPFSGKLVGTGTLEVLFQ
;
A,B
2 'polypeptide(L)' FAEKFKEAVKDYFAKFWDPAAEKLKEAVKDYFAKLWD C,D,E,F,G,H,I,J
#
loop_
_chem_comp.id
_chem_comp.type
_chem_comp.name
_chem_comp.formula
CLR non-polymer CHOLESTEROL 'C27 H46 O'
LBN non-polymer 1-palmitoyl-2-oleoyl-sn-glycero-3-phosphocholine 'C42 H82 N O8 P'
PLM non-polymer 'PALMITIC ACID' 'C16 H32 O2'
Y01 non-polymer 'CHOLESTEROL HEMISUCCINATE' 'C31 H50 O4'
#
# COMPACT_ATOMS: atom_id res chain seq x y z
N ALA A 2 8.23 38.76 -14.23
CA ALA A 2 8.21 39.58 -15.43
C ALA A 2 6.75 40.05 -15.64
N THR A 3 6.50 40.88 -16.68
CA THR A 3 5.16 41.40 -17.03
C THR A 3 4.66 40.87 -18.36
N LEU A 4 3.47 41.29 -18.77
CA LEU A 4 2.88 40.76 -19.98
C LEU A 4 3.68 41.05 -21.23
N GLN A 5 4.32 42.21 -21.30
CA GLN A 5 5.09 42.52 -22.48
C GLN A 5 6.39 41.77 -22.50
N ASP A 6 6.78 41.19 -21.38
CA ASP A 6 8.01 40.46 -21.40
C ASP A 6 7.65 39.08 -21.90
N ILE A 7 6.43 38.64 -21.60
CA ILE A 7 5.95 37.35 -22.09
C ILE A 7 5.80 37.46 -23.58
N GLY A 8 5.21 38.56 -24.04
CA GLY A 8 5.01 38.81 -25.45
C GLY A 8 6.32 38.85 -26.21
N VAL A 9 7.29 39.62 -25.73
CA VAL A 9 8.58 39.69 -26.39
C VAL A 9 9.31 38.38 -26.33
N SER A 10 9.29 37.69 -25.19
CA SER A 10 9.96 36.44 -25.11
C SER A 10 9.33 35.43 -26.03
N ALA A 11 8.00 35.40 -26.15
CA ALA A 11 7.38 34.46 -27.05
C ALA A 11 7.77 34.75 -28.46
N GLY A 12 7.86 36.01 -28.84
CA GLY A 12 8.22 36.31 -30.21
C GLY A 12 9.60 35.79 -30.53
N ILE A 13 10.52 35.94 -29.59
CA ILE A 13 11.87 35.48 -29.75
C ILE A 13 12.00 33.97 -29.71
N ASN A 14 11.31 33.28 -28.80
CA ASN A 14 11.43 31.84 -28.76
C ASN A 14 10.82 31.19 -29.98
N ILE A 15 9.79 31.81 -30.54
CA ILE A 15 9.18 31.28 -31.75
C ILE A 15 10.12 31.46 -32.89
N LEU A 16 10.69 32.64 -33.01
CA LEU A 16 11.62 32.90 -34.07
C LEU A 16 12.86 32.04 -33.91
N SER A 17 13.33 31.85 -32.70
CA SER A 17 14.49 31.03 -32.47
C SER A 17 14.25 29.61 -32.90
N ALA A 18 13.09 29.03 -32.54
CA ALA A 18 12.81 27.66 -32.94
C ALA A 18 12.75 27.56 -34.45
N PHE A 19 12.19 28.58 -35.09
CA PHE A 19 12.10 28.62 -36.53
C PHE A 19 13.48 28.58 -37.14
N VAL A 20 14.38 29.40 -36.63
CA VAL A 20 15.74 29.44 -37.11
C VAL A 20 16.44 28.11 -36.90
N PHE A 21 16.25 27.46 -35.75
CA PHE A 21 16.87 26.18 -35.53
C PHE A 21 16.39 25.20 -36.57
N PHE A 22 15.12 25.24 -36.91
CA PHE A 22 14.59 24.34 -37.92
C PHE A 22 15.18 24.66 -39.29
N ILE A 23 15.45 25.92 -39.59
CA ILE A 23 16.09 26.24 -40.87
C ILE A 23 17.50 25.68 -40.91
N ILE A 24 18.25 25.84 -39.83
CA ILE A 24 19.60 25.33 -39.80
C ILE A 24 19.56 23.83 -39.97
N PHE A 25 18.65 23.17 -39.28
CA PHE A 25 18.47 21.73 -39.37
C PHE A 25 18.22 21.32 -40.79
N ALA A 26 17.30 21.99 -41.46
CA ALA A 26 17.00 21.64 -42.83
C ALA A 26 18.22 21.70 -43.70
N VAL A 27 19.14 22.61 -43.43
CA VAL A 27 20.35 22.66 -44.21
C VAL A 27 21.31 21.54 -43.84
N LEU A 28 21.55 21.34 -42.56
CA LEU A 28 22.54 20.36 -42.14
C LEU A 28 22.15 18.94 -42.51
N ARG A 29 20.87 18.62 -42.46
CA ARG A 29 20.44 17.26 -42.73
C ARG A 29 20.52 16.89 -44.19
N LEU A 30 20.72 17.86 -45.08
CA LEU A 30 20.80 17.56 -46.48
C LEU A 30 22.23 17.46 -46.96
N GLN A 31 23.19 17.67 -46.07
CA GLN A 31 24.56 17.57 -46.48
C GLN A 31 24.90 16.11 -46.26
N PRO A 32 25.34 15.36 -47.28
CA PRO A 32 25.52 13.92 -47.22
C PRO A 32 26.51 13.45 -46.19
N PHE A 33 27.45 14.28 -45.80
CA PHE A 33 28.40 13.84 -44.81
C PHE A 33 27.80 13.78 -43.41
N ASN A 34 26.59 14.31 -43.24
CA ASN A 34 25.91 14.27 -41.98
C ASN A 34 24.81 13.20 -41.97
N ASP A 35 24.68 12.38 -43.01
CA ASP A 35 23.57 11.42 -42.94
C ASP A 35 23.77 10.40 -41.87
N ARG A 36 24.99 10.10 -41.58
CA ARG A 36 25.32 9.11 -40.58
C ARG A 36 24.97 9.58 -39.18
N VAL A 37 24.68 10.87 -39.04
CA VAL A 37 24.28 11.45 -37.78
C VAL A 37 22.77 11.59 -37.71
N TYR A 38 22.16 12.13 -38.76
CA TYR A 38 20.72 12.39 -38.75
C TYR A 38 19.82 11.20 -39.04
N PHE A 39 20.33 10.19 -39.73
CA PHE A 39 19.56 9.01 -40.08
C PHE A 39 20.15 7.76 -39.47
N SER A 40 20.75 7.91 -38.31
CA SER A 40 21.44 6.83 -37.63
C SER A 40 20.58 5.61 -37.37
N LYS A 41 19.29 5.78 -37.18
CA LYS A 41 18.44 4.64 -36.91
C LYS A 41 18.37 3.73 -38.09
N TRP A 42 18.39 4.29 -39.30
CA TRP A 42 18.25 3.46 -40.46
C TRP A 42 19.54 2.72 -40.71
N TYR A 43 20.66 3.32 -40.29
CA TYR A 43 21.91 2.63 -40.51
C TYR A 43 22.02 1.47 -39.54
N LEU A 44 21.48 1.65 -38.33
CA LEU A 44 21.47 0.62 -37.30
C LEU A 44 20.55 -0.53 -37.67
N LYS A 45 19.43 -0.22 -38.34
CA LYS A 45 18.50 -1.24 -38.80
C LYS A 45 19.09 -1.95 -40.02
N GLY A 46 19.94 -1.27 -40.79
CA GLY A 46 20.52 -1.84 -41.99
C GLY A 46 19.68 -1.58 -43.22
N LEU A 47 18.87 -0.54 -43.15
CA LEU A 47 17.97 -0.16 -44.21
C LEU A 47 18.45 1.04 -45.01
N ARG A 48 19.64 1.51 -44.75
CA ARG A 48 20.13 2.69 -45.43
C ARG A 48 21.59 2.57 -45.82
N SER A 49 21.88 3.04 -47.03
CA SER A 49 23.21 3.09 -47.61
C SER A 49 23.92 4.41 -47.30
N SER A 50 25.24 4.49 -47.55
CA SER A 50 26.06 5.68 -47.36
C SER A 50 25.68 6.73 -48.43
N LYS A 71 7.83 23.25 -46.74
CA LYS A 71 8.82 24.17 -47.27
C LYS A 71 10.21 23.55 -47.05
N PHE A 72 10.65 23.54 -45.77
CA PHE A 72 11.90 23.00 -45.25
C PHE A 72 11.50 22.37 -43.94
N LEU A 73 10.20 22.50 -43.68
CA LEU A 73 9.54 22.00 -42.49
C LEU A 73 8.70 20.80 -42.86
N ASN A 74 8.99 20.23 -44.01
CA ASN A 74 8.24 19.11 -44.52
C ASN A 74 8.50 17.84 -43.72
N TRP A 75 9.50 17.89 -42.86
CA TRP A 75 9.79 16.77 -42.02
C TRP A 75 8.69 16.60 -41.00
N MET A 76 7.92 17.64 -40.72
CA MET A 76 6.86 17.50 -39.76
C MET A 76 5.80 16.52 -40.28
N PRO A 77 5.12 16.76 -41.41
CA PRO A 77 4.23 15.82 -42.00
C PRO A 77 4.84 14.45 -42.18
N GLU A 78 6.14 14.35 -42.49
CA GLU A 78 6.69 13.01 -42.66
C GLU A 78 6.76 12.25 -41.36
N ALA A 79 7.04 12.95 -40.26
CA ALA A 79 7.14 12.30 -38.97
C ALA A 79 5.82 11.67 -38.60
N LEU A 80 4.74 12.30 -39.02
CA LEU A 80 3.41 11.82 -38.71
C LEU A 80 2.86 10.73 -39.62
N LYS A 81 3.60 10.33 -40.65
CA LYS A 81 3.06 9.33 -41.56
C LYS A 81 3.21 7.88 -41.16
N MET A 82 4.13 7.54 -40.28
CA MET A 82 4.27 6.13 -39.94
C MET A 82 3.16 5.73 -38.95
N PRO A 83 2.35 4.71 -39.20
CA PRO A 83 1.30 4.25 -38.31
C PRO A 83 1.90 3.83 -36.99
N GLU A 84 1.17 4.00 -35.89
CA GLU A 84 1.73 3.59 -34.62
C GLU A 84 2.23 2.14 -34.63
N PRO A 85 1.49 1.11 -35.12
CA PRO A 85 1.95 -0.25 -35.15
C PRO A 85 3.28 -0.45 -35.88
N GLU A 86 3.59 0.41 -36.84
CA GLU A 86 4.82 0.24 -37.56
C GLU A 86 5.92 0.86 -36.76
N LEU A 87 5.59 1.88 -35.98
CA LEU A 87 6.57 2.53 -35.16
C LEU A 87 6.93 1.61 -34.02
N ILE A 88 5.96 0.84 -33.54
CA ILE A 88 6.28 -0.07 -32.46
C ILE A 88 7.31 -1.07 -32.96
N ASP A 89 7.11 -1.64 -34.15
CA ASP A 89 8.10 -2.58 -34.66
C ASP A 89 9.42 -1.93 -35.10
N HIS A 90 9.37 -0.71 -35.62
CA HIS A 90 10.55 0.01 -36.06
C HIS A 90 11.41 0.50 -34.90
N ALA A 91 10.82 1.26 -34.00
CA ALA A 91 11.51 1.86 -32.89
C ALA A 91 11.50 1.06 -31.62
N GLY A 92 10.40 0.39 -31.32
CA GLY A 92 10.26 -0.35 -30.06
C GLY A 92 9.06 0.15 -29.27
N LEU A 93 8.61 -0.65 -28.31
CA LEU A 93 7.44 -0.25 -27.55
C LEU A 93 7.78 0.83 -26.56
N ASP A 94 8.90 0.75 -25.87
CA ASP A 94 9.19 1.82 -24.92
C ASP A 94 9.25 3.18 -25.58
N SER A 95 9.79 3.25 -26.78
CA SER A 95 9.87 4.53 -27.45
C SER A 95 8.49 5.05 -27.78
N VAL A 96 7.60 4.17 -28.24
CA VAL A 96 6.25 4.59 -28.54
C VAL A 96 5.47 5.01 -27.32
N VAL A 97 5.55 4.26 -26.24
CA VAL A 97 4.82 4.61 -25.05
C VAL A 97 5.29 5.93 -24.49
N TYR A 98 6.59 6.17 -24.50
CA TYR A 98 7.11 7.45 -24.07
C TYR A 98 6.52 8.59 -24.86
N LEU A 99 6.50 8.47 -26.17
CA LEU A 99 5.98 9.51 -27.02
C LEU A 99 4.50 9.81 -26.72
N ARG A 100 3.76 8.78 -26.37
CA ARG A 100 2.35 8.93 -26.04
C ARG A 100 2.11 9.74 -24.78
N ILE A 101 3.14 10.02 -24.00
CA ILE A 101 2.99 10.82 -22.80
C ILE A 101 2.73 12.26 -23.24
N TYR A 102 3.36 12.71 -24.32
CA TYR A 102 3.14 14.07 -24.77
C TYR A 102 1.70 14.17 -25.26
N TRP A 103 1.22 13.10 -25.87
CA TRP A 103 -0.18 13.01 -26.28
C TRP A 103 -1.10 13.04 -25.07
N LEU A 104 -0.72 12.36 -24.00
CA LEU A 104 -1.51 12.37 -22.78
C LEU A 104 -1.63 13.79 -22.28
N GLY A 105 -0.54 14.53 -22.32
CA GLY A 105 -0.59 15.91 -21.89
C GLY A 105 -1.59 16.72 -22.67
N LEU A 106 -1.65 16.56 -23.97
CA LEU A 106 -2.64 17.32 -24.71
C LEU A 106 -4.05 16.87 -24.36
N LYS A 107 -4.28 15.58 -24.18
CA LYS A 107 -5.62 15.11 -23.83
C LYS A 107 -6.10 15.62 -22.49
N ILE A 108 -5.21 15.70 -21.51
CA ILE A 108 -5.58 16.18 -20.19
C ILE A 108 -5.78 17.67 -20.17
N PHE A 109 -4.86 18.42 -20.76
CA PHE A 109 -4.96 19.85 -20.62
C PHE A 109 -5.73 20.61 -21.66
N THR A 110 -5.86 20.15 -22.88
CA THR A 110 -6.56 21.01 -23.83
C THR A 110 -7.94 21.44 -23.31
N PRO A 111 -8.85 20.55 -22.86
CA PRO A 111 -10.14 20.93 -22.30
C PRO A 111 -10.06 21.68 -20.97
N ILE A 112 -8.94 21.61 -20.25
CA ILE A 112 -8.82 22.32 -19.01
C ILE A 112 -8.53 23.75 -19.34
N ALA A 113 -7.64 23.97 -20.29
CA ALA A 113 -7.34 25.32 -20.68
C ALA A 113 -8.57 26.01 -21.20
N VAL A 114 -9.39 25.28 -21.93
CA VAL A 114 -10.60 25.85 -22.47
C VAL A 114 -11.65 26.15 -21.43
N LEU A 115 -11.91 25.20 -20.52
CA LEU A 115 -12.93 25.47 -19.55
C LEU A 115 -12.46 26.49 -18.54
N ALA A 116 -11.19 26.43 -18.13
CA ALA A 116 -10.70 27.37 -17.14
C ALA A 116 -10.81 28.78 -17.68
N TRP A 117 -10.51 28.95 -18.95
CA TRP A 117 -10.67 30.25 -19.51
C TRP A 117 -12.10 30.69 -19.52
N ALA A 118 -13.00 29.85 -20.03
CA ALA A 118 -14.39 30.22 -20.12
C ALA A 118 -15.05 30.52 -18.79
N VAL A 119 -14.71 29.78 -17.75
CA VAL A 119 -15.31 29.95 -16.44
C VAL A 119 -14.58 30.85 -15.45
N LEU A 120 -13.27 30.72 -15.34
CA LEU A 120 -12.54 31.49 -14.35
C LEU A 120 -11.98 32.85 -14.82
N VAL A 121 -11.67 33.03 -16.13
CA VAL A 121 -11.11 34.30 -16.66
C VAL A 121 -12.30 35.21 -16.97
N MET A 157 -19.37 33.31 -4.13
CA MET A 157 -19.59 32.73 -5.46
C MET A 157 -18.26 32.18 -6.04
N ARG A 158 -17.19 33.01 -6.04
CA ARG A 158 -15.88 32.66 -6.62
C ARG A 158 -15.26 31.50 -5.88
N PHE A 159 -15.48 31.46 -4.58
CA PHE A 159 -14.95 30.39 -3.78
C PHE A 159 -15.46 29.05 -4.28
N TRP A 160 -16.78 28.97 -4.46
CA TRP A 160 -17.38 27.74 -4.93
C TRP A 160 -17.09 27.45 -6.38
N THR A 161 -16.88 28.48 -7.17
CA THR A 161 -16.54 28.26 -8.56
C THR A 161 -15.22 27.53 -8.60
N HIS A 162 -14.27 27.94 -7.77
CA HIS A 162 -12.97 27.29 -7.75
C HIS A 162 -13.06 25.84 -7.28
N ILE A 163 -13.92 25.55 -6.30
CA ILE A 163 -14.05 24.16 -5.88
C ILE A 163 -14.66 23.32 -6.99
N VAL A 164 -15.69 23.81 -7.67
CA VAL A 164 -16.29 23.02 -8.73
C VAL A 164 -15.30 22.75 -9.82
N MET A 165 -14.53 23.75 -10.20
CA MET A 165 -13.54 23.57 -11.22
C MET A 165 -12.50 22.56 -10.77
N ALA A 166 -12.09 22.59 -9.51
CA ALA A 166 -11.12 21.61 -9.06
C ALA A 166 -11.64 20.19 -9.26
N TYR A 167 -12.93 19.97 -9.02
CA TYR A 167 -13.49 18.66 -9.26
C TYR A 167 -13.57 18.36 -10.73
N ALA A 168 -13.95 19.33 -11.54
CA ALA A 168 -14.04 19.06 -12.96
C ALA A 168 -12.71 18.65 -13.53
N PHE A 169 -11.65 19.28 -13.07
CA PHE A 169 -10.32 19.03 -13.56
C PHE A 169 -9.82 17.69 -13.07
N THR A 170 -10.07 17.37 -11.82
CA THR A 170 -9.62 16.11 -11.25
C THR A 170 -10.29 14.94 -11.91
N ILE A 171 -11.60 15.05 -12.14
CA ILE A 171 -12.33 13.98 -12.75
C ILE A 171 -11.89 13.77 -14.17
N TRP A 172 -11.74 14.84 -14.93
CA TRP A 172 -11.28 14.66 -16.28
C TRP A 172 -9.93 14.03 -16.31
N THR A 173 -9.02 14.48 -15.47
CA THR A 173 -7.69 13.93 -15.48
C THR A 173 -7.74 12.46 -15.14
N CYS A 174 -8.49 12.07 -14.13
CA CYS A 174 -8.54 10.68 -13.75
C CYS A 174 -9.13 9.83 -14.85
N TYR A 175 -10.18 10.32 -15.50
CA TYR A 175 -10.79 9.61 -16.61
C TYR A 175 -9.80 9.35 -17.71
N VAL A 176 -9.06 10.38 -18.09
CA VAL A 176 -8.11 10.22 -19.16
C VAL A 176 -7.03 9.24 -18.74
N LEU A 177 -6.55 9.32 -17.51
CA LEU A 177 -5.53 8.38 -17.07
C LEU A 177 -6.02 6.97 -17.06
N MET A 178 -7.26 6.75 -16.68
CA MET A 178 -7.82 5.40 -16.63
C MET A 178 -7.80 4.79 -18.00
N LYS A 179 -8.22 5.56 -18.98
CA LYS A 179 -8.26 5.08 -20.34
C LYS A 179 -6.87 4.85 -20.88
N GLU A 180 -5.91 5.68 -20.50
CA GLU A 180 -4.57 5.50 -20.99
C GLU A 180 -4.00 4.23 -20.37
N TYR A 181 -4.27 3.98 -19.10
CA TYR A 181 -3.66 2.85 -18.44
C TYR A 181 -4.16 1.58 -19.10
N GLU A 182 -5.44 1.54 -19.45
CA GLU A 182 -5.99 0.39 -20.14
C GLU A 182 -5.31 0.18 -21.48
N THR A 183 -5.13 1.25 -22.24
CA THR A 183 -4.51 1.19 -23.55
C THR A 183 -3.09 0.71 -23.49
N ILE A 184 -2.31 1.20 -22.54
CA ILE A 184 -0.92 0.82 -22.49
C ILE A 184 -0.85 -0.64 -22.10
N ALA A 185 -1.69 -1.07 -21.15
CA ALA A 185 -1.69 -2.47 -20.74
C ALA A 185 -2.00 -3.38 -21.89
N ASN A 186 -2.92 -3.00 -22.77
CA ASN A 186 -3.20 -3.86 -23.89
C ASN A 186 -2.04 -3.89 -24.86
N MET A 187 -1.36 -2.77 -25.06
CA MET A 187 -0.23 -2.79 -25.98
C MET A 187 0.87 -3.65 -25.43
N ARG A 188 1.06 -3.62 -24.12
CA ARG A 188 2.10 -4.41 -23.53
C ARG A 188 1.83 -5.87 -23.68
N LEU A 189 0.60 -6.28 -23.44
CA LEU A 189 0.30 -7.68 -23.55
C LEU A 189 0.43 -8.18 -24.97
N GLN A 190 0.03 -7.41 -25.96
CA GLN A 190 0.16 -7.89 -27.31
C GLN A 190 1.60 -7.92 -27.74
N PHE A 191 2.37 -6.92 -27.33
CA PHE A 191 3.75 -6.84 -27.69
C PHE A 191 4.51 -8.01 -27.15
N VAL A 192 4.29 -8.33 -25.90
CA VAL A 192 4.99 -9.44 -25.31
C VAL A 192 4.59 -10.75 -25.98
N ALA A 193 3.31 -10.96 -26.24
CA ALA A 193 2.90 -12.21 -26.86
C ALA A 193 3.57 -12.45 -28.20
N SER A 194 3.80 -11.39 -28.97
CA SER A 194 4.41 -11.47 -30.28
C SER A 194 5.92 -11.31 -30.29
N GLU A 195 6.52 -11.10 -29.13
CA GLU A 195 7.95 -10.85 -29.03
C GLU A 195 8.76 -12.08 -29.40
N ALA A 196 9.83 -11.86 -30.16
CA ALA A 196 10.75 -12.90 -30.59
C ALA A 196 11.51 -13.48 -29.43
N ARG A 197 11.90 -14.74 -29.54
CA ARG A 197 12.64 -15.40 -28.48
C ARG A 197 13.84 -14.60 -28.05
N ARG A 198 14.00 -14.51 -26.74
CA ARG A 198 15.06 -13.77 -26.13
C ARG A 198 15.40 -14.49 -24.82
N PRO A 199 16.67 -14.61 -24.38
CA PRO A 199 17.07 -15.33 -23.19
C PRO A 199 16.38 -15.01 -21.90
N ASP A 200 15.95 -13.78 -21.69
CA ASP A 200 15.31 -13.47 -20.44
C ASP A 200 13.95 -14.08 -20.31
N GLN A 201 13.36 -14.52 -21.39
CA GLN A 201 12.03 -15.08 -21.31
C GLN A 201 12.03 -16.38 -20.51
N PHE A 202 13.19 -17.03 -20.44
CA PHE A 202 13.37 -18.29 -19.75
C PHE A 202 14.24 -18.16 -18.52
N THR A 203 14.62 -16.95 -18.15
CA THR A 203 15.63 -16.83 -17.11
C THR A 203 15.26 -15.93 -15.96
N VAL A 204 15.62 -16.38 -14.78
CA VAL A 204 15.42 -15.59 -13.59
C VAL A 204 16.75 -15.35 -12.90
N LEU A 205 16.85 -14.27 -12.20
CA LEU A 205 18.03 -13.94 -11.46
C LEU A 205 17.81 -14.25 -10.01
N VAL A 206 18.67 -15.07 -9.47
CA VAL A 206 18.61 -15.50 -8.09
C VAL A 206 19.62 -14.75 -7.27
N ARG A 207 19.17 -14.08 -6.23
CA ARG A 207 20.06 -13.31 -5.38
C ARG A 207 20.07 -13.82 -3.97
N ASN A 208 21.15 -13.54 -3.28
CA ASN A 208 21.31 -13.90 -1.90
C ASN A 208 21.18 -15.39 -1.67
N VAL A 209 21.92 -16.15 -2.44
CA VAL A 209 21.99 -17.57 -2.27
C VAL A 209 22.72 -17.72 -0.95
N PRO A 210 22.20 -18.42 0.04
CA PRO A 210 22.81 -18.51 1.34
C PRO A 210 24.10 -19.27 1.20
N PRO A 211 25.07 -19.02 2.07
CA PRO A 211 26.36 -19.65 2.14
C PRO A 211 26.26 -21.06 2.64
N ASP A 212 27.28 -21.83 2.32
CA ASP A 212 27.45 -23.17 2.81
C ASP A 212 28.93 -23.41 2.92
N ALA A 213 29.34 -24.03 4.00
CA ALA A 213 30.75 -24.31 4.20
C ALA A 213 31.33 -25.30 3.19
N ASP A 214 30.54 -26.28 2.76
CA ASP A 214 31.08 -27.30 1.90
C ASP A 214 30.80 -27.10 0.44
N GLU A 215 29.61 -26.59 0.11
CA GLU A 215 29.21 -26.49 -1.27
C GLU A 215 29.45 -25.13 -1.89
N SER A 216 29.78 -25.14 -3.17
CA SER A 216 30.01 -23.92 -3.92
C SER A 216 28.71 -23.29 -4.29
N VAL A 217 28.74 -22.06 -4.76
CA VAL A 217 27.49 -21.44 -5.15
C VAL A 217 26.88 -22.21 -6.26
N SER A 218 27.68 -22.67 -7.21
CA SER A 218 27.12 -23.40 -8.32
C SER A 218 26.42 -24.65 -7.86
N GLU A 219 27.03 -25.40 -6.95
CA GLU A 219 26.41 -26.61 -6.45
C GLU A 219 25.13 -26.34 -5.69
N LEU A 220 25.08 -25.27 -4.91
CA LEU A 220 23.89 -24.95 -4.17
C LEU A 220 22.76 -24.58 -5.08
N VAL A 221 23.04 -23.84 -6.13
CA VAL A 221 22.01 -23.45 -7.06
C VAL A 221 21.51 -24.64 -7.83
N GLU A 222 22.39 -25.48 -8.34
CA GLU A 222 21.91 -26.61 -9.10
C GLU A 222 21.06 -27.50 -8.25
N HIS A 223 21.48 -27.77 -7.04
CA HIS A 223 20.73 -28.64 -6.19
C HIS A 223 19.37 -28.06 -5.85
N PHE A 224 19.32 -26.79 -5.46
CA PHE A 224 18.07 -26.20 -5.07
C PHE A 224 17.06 -26.29 -6.19
N PHE A 225 17.47 -25.95 -7.41
CA PHE A 225 16.53 -25.97 -8.49
C PHE A 225 16.16 -27.36 -8.96
N LEU A 226 17.06 -28.33 -8.94
CA LEU A 226 16.66 -29.67 -9.31
C LEU A 226 15.65 -30.22 -8.34
N VAL A 227 15.77 -29.87 -7.07
CA VAL A 227 14.82 -30.34 -6.09
C VAL A 227 13.49 -29.62 -6.12
N ASN A 228 13.50 -28.29 -6.23
CA ASN A 228 12.25 -27.54 -6.13
C ASN A 228 11.56 -27.21 -7.44
N HIS A 229 12.26 -27.31 -8.56
CA HIS A 229 11.68 -27.10 -9.88
C HIS A 229 12.18 -28.21 -10.82
N PRO A 230 11.97 -29.50 -10.47
CA PRO A 230 12.54 -30.68 -11.07
C PRO A 230 12.17 -30.96 -12.49
N ASP A 231 11.07 -30.42 -12.94
CA ASP A 231 10.61 -30.70 -14.28
C ASP A 231 11.17 -29.74 -15.30
N HIS A 232 11.49 -28.52 -14.89
CA HIS A 232 11.87 -27.54 -15.87
C HIS A 232 13.25 -26.96 -15.71
N TYR A 233 13.91 -27.18 -14.60
CA TYR A 233 15.23 -26.57 -14.50
C TYR A 233 16.09 -27.05 -15.63
N LEU A 234 16.78 -26.13 -16.32
CA LEU A 234 17.62 -26.51 -17.42
C LEU A 234 19.09 -26.29 -17.20
N THR A 235 19.46 -25.07 -16.84
CA THR A 235 20.87 -24.70 -16.71
C THR A 235 21.07 -23.44 -15.91
N HIS A 236 22.26 -23.22 -15.40
CA HIS A 236 22.49 -21.97 -14.69
C HIS A 236 23.88 -21.43 -14.92
N GLN A 237 24.02 -20.13 -14.74
CA GLN A 237 25.29 -19.45 -14.84
C GLN A 237 25.54 -18.58 -13.63
N VAL A 238 26.56 -18.91 -12.88
CA VAL A 238 26.89 -18.21 -11.65
C VAL A 238 27.52 -16.86 -11.91
N VAL A 239 27.11 -15.87 -11.13
CA VAL A 239 27.62 -14.52 -11.22
C VAL A 239 29.03 -14.39 -10.69
N CYS A 240 29.90 -13.81 -11.51
CA CYS A 240 31.30 -13.61 -11.19
C CYS A 240 31.64 -12.13 -11.10
N ASN A 241 32.46 -11.78 -10.12
CA ASN A 241 32.94 -10.43 -9.96
C ASN A 241 34.18 -10.24 -10.79
N ALA A 242 34.00 -9.60 -11.92
CA ALA A 242 35.06 -9.39 -12.85
C ALA A 242 35.21 -7.91 -13.07
N ASN A 243 34.91 -7.13 -12.05
CA ASN A 243 34.98 -5.70 -12.20
C ASN A 243 36.39 -5.17 -12.43
N LYS A 244 37.40 -5.80 -11.83
CA LYS A 244 38.74 -5.30 -12.05
C LYS A 244 39.15 -5.57 -13.47
N LEU A 245 38.83 -6.75 -13.96
CA LEU A 245 39.20 -7.11 -15.30
C LEU A 245 38.50 -6.24 -16.30
N ALA A 246 37.22 -5.98 -16.08
CA ALA A 246 36.48 -5.15 -16.98
C ALA A 246 37.04 -3.74 -17.03
N ASP A 247 37.48 -3.21 -15.88
CA ASP A 247 38.05 -1.87 -15.91
C ASP A 247 39.36 -1.85 -16.65
N LEU A 248 40.18 -2.89 -16.51
CA LEU A 248 41.44 -2.90 -17.22
C LEU A 248 41.20 -2.95 -18.70
N VAL A 249 40.22 -3.71 -19.13
CA VAL A 249 39.95 -3.81 -20.55
C VAL A 249 39.48 -2.46 -21.09
N LYS A 250 38.59 -1.77 -20.38
CA LYS A 250 38.13 -0.48 -20.85
C LYS A 250 39.27 0.53 -20.91
N LYS A 251 40.16 0.50 -19.93
CA LYS A 251 41.31 1.39 -19.94
C LYS A 251 42.18 1.11 -21.13
N LYS A 252 42.38 -0.17 -21.46
CA LYS A 252 43.18 -0.52 -22.61
C LYS A 252 42.57 0.07 -23.86
N LYS A 253 41.25 0.02 -24.01
CA LYS A 253 40.62 0.59 -25.19
C LYS A 253 40.87 2.09 -25.27
N LYS A 254 40.82 2.81 -24.15
CA LYS A 254 41.09 4.23 -24.18
C LYS A 254 42.53 4.52 -24.59
N LEU A 255 43.46 3.71 -24.10
CA LEU A 255 44.85 3.88 -24.47
C LEU A 255 45.04 3.61 -25.94
N GLN A 256 44.32 2.62 -26.46
CA GLN A 256 44.46 2.30 -27.86
C GLN A 256 43.95 3.44 -28.69
N ASN A 257 42.89 4.12 -28.27
CA ASN A 257 42.41 5.25 -29.06
C ASN A 257 43.46 6.33 -29.11
N TRP A 258 44.16 6.57 -28.00
CA TRP A 258 45.21 7.57 -28.03
C TRP A 258 46.36 7.18 -28.92
N LEU A 259 46.70 5.90 -28.92
CA LEU A 259 47.78 5.50 -29.77
C LEU A 259 47.38 5.67 -31.22
N ASP A 260 46.14 5.32 -31.58
CA ASP A 260 45.71 5.46 -32.97
C ASP A 260 45.69 6.93 -33.38
N TYR A 261 45.30 7.80 -32.46
CA TYR A 261 45.27 9.23 -32.66
C TYR A 261 46.62 9.77 -33.02
N TYR A 262 47.62 9.40 -32.21
CA TYR A 262 48.95 9.91 -32.44
C TYR A 262 49.57 9.30 -33.65
N GLN A 263 49.22 8.06 -34.00
CA GLN A 263 49.77 7.50 -35.21
C GLN A 263 49.21 8.22 -36.44
N LEU A 264 47.91 8.54 -36.46
CA LEU A 264 47.32 9.24 -37.61
C LEU A 264 47.89 10.63 -37.75
N LYS A 265 48.16 11.27 -36.63
CA LYS A 265 48.74 12.61 -36.59
C LYS A 265 50.25 12.67 -36.94
N TYR A 266 50.96 11.52 -37.02
CA TYR A 266 52.39 11.37 -37.24
C TYR A 266 52.59 10.83 -38.64
N ALA A 290 55.88 10.41 -28.25
CA ALA A 290 54.57 10.09 -27.67
C ALA A 290 54.04 8.69 -28.06
N ILE A 291 54.48 8.15 -29.22
CA ILE A 291 54.11 6.83 -29.75
C ILE A 291 54.67 5.74 -28.86
N GLU A 292 55.92 5.89 -28.46
CA GLU A 292 56.57 4.91 -27.60
C GLU A 292 55.90 4.88 -26.24
N HIS A 293 55.46 6.04 -25.77
CA HIS A 293 54.78 6.14 -24.50
C HIS A 293 53.50 5.35 -24.51
N TYR A 294 52.67 5.54 -25.55
CA TYR A 294 51.43 4.80 -25.57
C TYR A 294 51.62 3.34 -25.85
N ILE A 295 52.64 2.97 -26.61
CA ILE A 295 52.85 1.55 -26.79
C ILE A 295 53.22 0.92 -25.47
N ALA A 296 54.10 1.58 -24.71
CA ALA A 296 54.47 1.02 -23.42
C ALA A 296 53.26 0.86 -22.51
N GLU A 297 52.31 1.81 -22.54
CA GLU A 297 51.16 1.68 -21.67
C GLU A 297 50.31 0.50 -22.12
N ILE A 298 50.21 0.27 -23.43
CA ILE A 298 49.45 -0.87 -23.93
C ILE A 298 50.10 -2.17 -23.50
N ASP A 299 51.42 -2.29 -23.59
CA ASP A 299 51.99 -3.55 -23.17
C ASP A 299 51.85 -3.78 -21.68
N LYS A 300 52.01 -2.74 -20.87
CA LYS A 300 51.88 -2.95 -19.44
C LYS A 300 50.49 -3.37 -19.05
N ILE A 301 49.48 -2.74 -19.66
CA ILE A 301 48.13 -3.08 -19.29
C ILE A 301 47.78 -4.44 -19.81
N SER A 302 48.31 -4.83 -20.97
CA SER A 302 48.00 -6.14 -21.50
C SER A 302 48.50 -7.20 -20.54
N LYS A 303 49.67 -6.97 -19.92
CA LYS A 303 50.19 -7.91 -18.96
C LYS A 303 49.29 -8.00 -17.74
N GLU A 304 48.77 -6.85 -17.27
CA GLU A 304 47.86 -6.85 -16.13
C GLU A 304 46.57 -7.57 -16.46
N ILE A 305 46.08 -7.42 -17.69
CA ILE A 305 44.87 -8.07 -18.12
C ILE A 305 45.06 -9.55 -18.16
N SER A 306 46.16 -10.04 -18.71
CA SER A 306 46.38 -11.47 -18.76
C SER A 306 46.45 -12.06 -17.36
N LYS A 307 47.18 -11.40 -16.47
CA LYS A 307 47.31 -11.88 -15.10
C LYS A 307 45.96 -11.88 -14.41
N GLU A 308 45.17 -10.83 -14.61
CA GLU A 308 43.89 -10.72 -13.98
C GLU A 308 42.96 -11.77 -14.53
N ARG A 309 43.00 -12.08 -15.82
CA ARG A 309 42.11 -13.13 -16.27
C ARG A 309 42.40 -14.42 -15.54
N GLU A 310 43.66 -14.76 -15.32
CA GLU A 310 43.89 -16.01 -14.62
C GLU A 310 43.37 -15.96 -13.18
N GLU A 311 43.56 -14.84 -12.51
CA GLU A 311 43.10 -14.76 -11.13
C GLU A 311 41.59 -14.70 -11.00
N VAL A 312 40.89 -14.00 -11.86
CA VAL A 312 39.45 -13.92 -11.65
C VAL A 312 38.80 -15.25 -11.93
N VAL A 313 39.29 -15.99 -12.91
CA VAL A 313 38.71 -17.26 -13.24
C VAL A 313 38.94 -18.32 -12.17
N ASN A 314 40.13 -18.39 -11.59
CA ASN A 314 40.43 -19.41 -10.60
C ASN A 314 40.37 -18.96 -9.12
N ASP A 315 39.85 -17.77 -8.86
CA ASP A 315 39.75 -17.22 -7.50
C ASP A 315 38.36 -17.43 -6.91
N PRO A 316 38.14 -18.27 -5.90
CA PRO A 316 36.84 -18.59 -5.35
C PRO A 316 36.15 -17.37 -4.74
N LYS A 317 36.90 -16.30 -4.46
CA LYS A 317 36.29 -15.12 -3.86
C LYS A 317 35.68 -14.23 -4.92
N ALA A 318 35.86 -14.60 -6.18
CA ALA A 318 35.28 -13.85 -7.27
C ALA A 318 33.88 -14.36 -7.51
N ILE A 319 33.45 -15.40 -6.81
CA ILE A 319 32.12 -15.91 -7.03
C ILE A 319 31.12 -15.33 -6.08
N MET A 320 30.09 -14.73 -6.64
CA MET A 320 29.05 -14.10 -5.87
C MET A 320 27.97 -15.10 -5.59
N PRO A 321 27.24 -15.00 -4.49
CA PRO A 321 26.10 -15.83 -4.17
C PRO A 321 24.88 -15.42 -4.95
N ALA A 322 24.97 -15.52 -6.26
CA ALA A 322 23.91 -15.18 -7.16
C ALA A 322 24.09 -15.96 -8.44
N ALA A 323 23.00 -16.18 -9.15
CA ALA A 323 23.10 -16.88 -10.42
C ALA A 323 21.96 -16.59 -11.35
N PHE A 324 22.20 -16.75 -12.63
CA PHE A 324 21.15 -16.68 -13.61
C PHE A 324 20.68 -18.09 -13.85
N VAL A 325 19.42 -18.34 -13.60
CA VAL A 325 18.85 -19.67 -13.72
C VAL A 325 17.86 -19.77 -14.85
N SER A 326 18.12 -20.69 -15.76
CA SER A 326 17.29 -20.85 -16.93
C SER A 326 16.44 -22.09 -16.85
N PHE A 327 15.25 -21.99 -17.41
CA PHE A 327 14.30 -23.09 -17.44
C PHE A 327 13.93 -23.46 -18.85
N LYS A 328 13.46 -24.69 -19.00
CA LYS A 328 13.02 -25.23 -20.28
C LYS A 328 11.86 -24.49 -20.91
N THR A 329 10.96 -23.94 -20.09
CA THR A 329 9.80 -23.26 -20.62
C THR A 329 9.65 -21.89 -20.02
N ARG A 330 8.82 -21.05 -20.66
CA ARG A 330 8.52 -19.73 -20.17
C ARG A 330 7.60 -19.86 -19.01
N TRP A 331 6.75 -20.87 -19.04
CA TRP A 331 5.82 -21.11 -17.96
C TRP A 331 6.60 -21.33 -16.69
N ALA A 332 7.62 -22.17 -16.73
CA ALA A 332 8.39 -22.42 -15.53
C ALA A 332 9.14 -21.23 -15.05
N ALA A 333 9.69 -20.43 -15.96
CA ALA A 333 10.39 -19.25 -15.50
C ALA A 333 9.42 -18.32 -14.83
N ALA A 334 8.20 -18.21 -15.35
CA ALA A 334 7.18 -17.36 -14.76
C ALA A 334 6.78 -17.81 -13.38
N VAL A 335 6.71 -19.11 -13.17
CA VAL A 335 6.38 -19.60 -11.86
C VAL A 335 7.45 -19.27 -10.88
N CYS A 336 8.70 -19.47 -11.27
CA CYS A 336 9.77 -19.20 -10.37
C CYS A 336 9.86 -17.71 -10.04
N ALA A 337 9.79 -16.86 -11.06
CA ALA A 337 9.90 -15.43 -10.89
C ALA A 337 8.83 -14.83 -10.02
N GLN A 338 7.63 -15.38 -10.05
CA GLN A 338 6.52 -14.84 -9.31
C GLN A 338 6.25 -15.47 -7.95
N THR A 339 7.07 -16.42 -7.49
CA THR A 339 6.78 -17.06 -6.20
C THR A 339 7.93 -17.01 -5.21
N GLN A 340 7.59 -17.15 -3.93
CA GLN A 340 8.57 -17.22 -2.87
C GLN A 340 9.13 -18.62 -2.86
N GLN A 341 10.44 -18.73 -2.78
CA GLN A 341 11.07 -20.03 -2.88
C GLN A 341 11.34 -20.69 -1.56
N THR A 342 11.74 -19.95 -0.57
CA THR A 342 12.05 -20.55 0.72
C THR A 342 11.30 -19.84 1.81
N ARG A 343 11.35 -20.36 3.03
CA ARG A 343 10.61 -19.75 4.14
C ARG A 343 11.16 -18.43 4.59
N ASN A 344 12.43 -18.20 4.37
CA ASN A 344 13.05 -16.94 4.71
C ASN A 344 12.90 -16.02 3.49
N PRO A 345 12.08 -14.97 3.53
CA PRO A 345 11.73 -14.13 2.42
C PRO A 345 12.88 -13.29 1.92
N THR A 346 13.99 -13.26 2.65
CA THR A 346 15.10 -12.44 2.23
C THR A 346 16.19 -13.24 1.53
N GLN A 347 16.00 -14.56 1.37
CA GLN A 347 17.00 -15.44 0.74
C GLN A 347 16.45 -16.09 -0.52
N TRP A 348 17.36 -16.48 -1.43
CA TRP A 348 16.93 -17.12 -2.67
C TRP A 348 15.88 -16.28 -3.34
N LEU A 349 16.20 -15.03 -3.53
CA LEU A 349 15.28 -14.07 -4.07
C LEU A 349 15.22 -14.23 -5.53
N THR A 350 14.04 -14.27 -6.10
CA THR A 350 13.97 -14.47 -7.53
C THR A 350 13.21 -13.38 -8.23
N GLU A 351 13.77 -12.90 -9.32
CA GLU A 351 13.14 -11.88 -10.17
C GLU A 351 13.46 -12.20 -11.60
N TRP A 352 12.72 -11.65 -12.54
CA TRP A 352 13.06 -11.94 -13.93
C TRP A 352 14.41 -11.36 -14.28
N ALA A 353 15.21 -12.10 -15.03
CA ALA A 353 16.50 -11.59 -15.44
C ALA A 353 16.30 -10.48 -16.44
N PRO A 354 17.14 -9.45 -16.51
CA PRO A 354 17.17 -8.48 -17.56
C PRO A 354 17.63 -9.15 -18.81
N GLU A 355 17.30 -8.62 -19.96
CA GLU A 355 17.85 -9.11 -21.21
C GLU A 355 19.35 -8.98 -21.03
N PRO A 356 20.23 -9.89 -21.52
CA PRO A 356 21.67 -9.79 -21.35
C PRO A 356 22.29 -8.43 -21.69
N ARG A 357 21.71 -7.66 -22.61
CA ARG A 357 22.29 -6.35 -22.95
C ARG A 357 21.84 -5.24 -22.01
N ASP A 358 20.92 -5.56 -21.10
CA ASP A 358 20.33 -4.67 -20.14
C ASP A 358 20.87 -4.96 -18.76
N VAL A 359 21.89 -5.79 -18.68
CA VAL A 359 22.42 -6.11 -17.38
C VAL A 359 23.49 -5.14 -16.99
N PHE A 360 23.37 -4.55 -15.83
CA PHE A 360 24.38 -3.63 -15.41
C PHE A 360 25.33 -4.44 -14.60
N TRP A 361 26.27 -5.05 -15.30
CA TRP A 361 27.16 -6.06 -14.75
C TRP A 361 27.92 -5.63 -13.54
N SER A 362 28.27 -4.36 -13.45
CA SER A 362 29.04 -3.89 -12.34
C SER A 362 28.33 -4.03 -11.01
N ASN A 363 27.01 -3.95 -10.98
CA ASN A 363 26.36 -4.00 -9.69
C ASN A 363 26.00 -5.37 -9.26
N LEU A 364 26.34 -6.38 -10.04
CA LEU A 364 26.05 -7.71 -9.61
C LEU A 364 27.08 -8.13 -8.59
N ALA A 365 28.14 -7.34 -8.47
CA ALA A 365 29.20 -7.60 -7.53
C ALA A 365 28.91 -7.04 -6.16
N ILE A 366 27.80 -6.33 -5.99
CA ILE A 366 27.46 -5.77 -4.70
C ILE A 366 26.81 -6.81 -3.83
N PRO A 367 27.30 -7.13 -2.64
CA PRO A 367 26.71 -8.12 -1.80
C PRO A 367 25.33 -7.63 -1.51
N TYR A 368 24.37 -8.51 -1.63
CA TYR A 368 22.97 -8.17 -1.48
C TYR A 368 22.64 -7.45 -0.20
N VAL A 369 23.20 -7.88 0.89
CA VAL A 369 22.84 -7.30 2.15
C VAL A 369 23.24 -5.83 2.30
N SER A 370 24.19 -5.35 1.51
CA SER A 370 24.64 -3.98 1.64
C SER A 370 23.71 -3.02 0.97
N LEU A 371 22.75 -3.52 0.21
CA LEU A 371 21.86 -2.66 -0.54
C LEU A 371 21.00 -1.81 0.35
N THR A 372 20.64 -2.31 1.51
CA THR A 372 19.81 -1.53 2.40
C THR A 372 20.58 -0.30 2.89
N VAL A 373 21.85 -0.47 3.23
CA VAL A 373 22.61 0.62 3.76
C VAL A 373 22.86 1.62 2.64
N ARG A 374 23.18 1.12 1.44
CA ARG A 374 23.44 1.99 0.32
C ARG A 374 22.27 2.87 0.00
N ARG A 375 21.06 2.34 0.05
CA ARG A 375 19.91 3.18 -0.22
C ARG A 375 19.77 4.23 0.86
N LEU A 376 20.01 3.89 2.13
CA LEU A 376 19.87 4.89 3.17
C LEU A 376 20.85 6.02 2.99
N ILE A 377 22.09 5.72 2.61
CA ILE A 377 23.09 6.74 2.42
C ILE A 377 22.69 7.67 1.30
N MET A 378 22.18 7.13 0.20
CA MET A 378 21.74 7.95 -0.90
C MET A 378 20.51 8.76 -0.58
N HIS A 379 19.68 8.34 0.37
CA HIS A 379 18.55 9.19 0.71
C HIS A 379 19.10 10.41 1.44
N VAL A 380 20.13 10.21 2.26
CA VAL A 380 20.76 11.31 2.95
C VAL A 380 21.50 12.21 1.96
N ALA A 381 22.23 11.62 1.02
CA ALA A 381 22.92 12.43 0.03
C ALA A 381 21.93 13.23 -0.79
N PHE A 382 20.76 12.67 -1.09
CA PHE A 382 19.72 13.35 -1.85
C PHE A 382 19.27 14.53 -1.04
N PHE A 383 19.03 14.35 0.25
CA PHE A 383 18.63 15.46 1.07
C PHE A 383 19.60 16.60 0.94
N PHE A 384 20.89 16.31 1.04
CA PHE A 384 21.84 17.39 0.93
C PHE A 384 21.85 18.00 -0.44
N LEU A 385 21.71 17.21 -1.49
CA LEU A 385 21.69 17.79 -2.81
C LEU A 385 20.54 18.77 -2.95
N THR A 386 19.35 18.37 -2.49
CA THR A 386 18.14 19.17 -2.56
C THR A 386 18.29 20.45 -1.75
N PHE A 387 18.84 20.32 -0.55
CA PHE A 387 19.10 21.40 0.36
C PHE A 387 20.11 22.41 -0.16
N PHE A 388 21.24 21.96 -0.64
CA PHE A 388 22.24 22.90 -1.07
C PHE A 388 21.85 23.59 -2.35
N PHE A 389 21.03 22.94 -3.16
CA PHE A 389 20.61 23.47 -4.45
C PHE A 389 19.64 24.64 -4.26
N ILE A 390 19.18 24.86 -3.04
CA ILE A 390 18.31 25.97 -2.79
C ILE A 390 19.06 27.24 -3.14
N VAL A 391 20.37 27.30 -2.89
CA VAL A 391 21.10 28.51 -3.19
C VAL A 391 21.02 28.94 -4.67
N PRO A 392 21.36 28.12 -5.69
CA PRO A 392 21.12 28.40 -7.09
C PRO A 392 19.69 28.81 -7.41
N ILE A 393 18.71 28.23 -6.72
CA ILE A 393 17.34 28.64 -6.98
C ILE A 393 17.12 30.06 -6.50
N ALA A 394 17.62 30.36 -5.31
CA ALA A 394 17.46 31.68 -4.76
C ALA A 394 18.13 32.70 -5.65
N PHE A 395 19.28 32.34 -6.22
CA PHE A 395 19.95 33.24 -7.13
C PHE A 395 19.06 33.57 -8.31
N VAL A 396 18.48 32.54 -8.92
CA VAL A 396 17.62 32.76 -10.06
C VAL A 396 16.44 33.63 -9.69
N GLN A 397 15.87 33.43 -8.51
CA GLN A 397 14.77 34.28 -8.13
C GLN A 397 15.22 35.72 -7.85
N SER A 398 16.46 35.95 -7.43
CA SER A 398 16.95 37.31 -7.24
C SER A 398 16.87 38.04 -8.58
N LEU A 399 17.21 37.30 -9.64
CA LEU A 399 17.23 37.82 -11.01
C LEU A 399 15.83 38.04 -11.57
N ALA A 400 14.80 37.78 -10.78
CA ALA A 400 13.43 37.99 -11.18
C ALA A 400 13.13 39.46 -11.41
N THR A 401 13.91 40.37 -10.83
CA THR A 401 13.63 41.78 -11.04
C THR A 401 14.79 42.42 -11.76
N ILE A 402 14.56 43.58 -12.35
CA ILE A 402 15.66 44.20 -13.07
C ILE A 402 16.76 44.66 -12.14
N GLU A 403 16.42 45.03 -10.92
CA GLU A 403 17.42 45.45 -9.98
C GLU A 403 18.31 44.27 -9.64
N GLY A 404 17.73 43.08 -9.44
CA GLY A 404 18.52 41.90 -9.13
C GLY A 404 19.44 41.57 -10.30
N ILE A 405 18.97 41.80 -11.52
CA ILE A 405 19.75 41.53 -12.71
C ILE A 405 20.96 42.40 -12.80
N VAL A 406 20.82 43.70 -12.58
CA VAL A 406 21.99 44.56 -12.66
C VAL A 406 22.91 44.40 -11.46
N LYS A 407 22.37 44.06 -10.29
CA LYS A 407 23.26 43.86 -9.18
C LYS A 407 24.13 42.62 -9.40
N ALA A 408 23.52 41.56 -9.92
CA ALA A 408 24.25 40.33 -10.21
C ALA A 408 25.19 40.50 -11.39
N ALA A 409 24.80 41.33 -12.34
CA ALA A 409 25.56 41.55 -13.55
C ALA A 409 25.60 43.03 -13.96
N PRO A 410 26.39 43.88 -13.28
CA PRO A 410 26.47 45.34 -13.44
C PRO A 410 26.84 45.78 -14.84
N PHE A 411 27.44 44.90 -15.59
CA PHE A 411 27.84 45.22 -16.95
C PHE A 411 26.65 45.33 -17.87
N LEU A 412 25.48 44.90 -17.42
CA LEU A 412 24.29 44.99 -18.24
C LEU A 412 23.60 46.33 -18.09
N LYS A 413 24.03 47.17 -17.15
CA LYS A 413 23.28 48.40 -16.95
C LYS A 413 23.13 49.24 -18.20
N PHE A 414 24.15 49.31 -19.02
CA PHE A 414 24.11 50.17 -20.20
C PHE A 414 23.06 49.75 -21.23
N ILE A 415 22.55 48.52 -21.16
CA ILE A 415 21.55 48.07 -22.10
C ILE A 415 20.20 47.73 -21.49
N VAL A 416 19.93 48.11 -20.24
CA VAL A 416 18.61 47.75 -19.70
C VAL A 416 17.73 48.97 -19.56
N ASP A 417 18.19 50.09 -20.09
CA ASP A 417 17.38 51.30 -20.12
C ASP A 417 16.54 51.23 -21.38
N ASP A 418 17.04 50.48 -22.37
CA ASP A 418 16.36 50.29 -23.62
C ASP A 418 15.20 49.36 -23.39
N LYS A 419 14.00 49.83 -23.66
CA LYS A 419 12.81 49.06 -23.38
C LYS A 419 12.82 47.68 -24.01
N PHE A 420 13.34 47.55 -25.23
CA PHE A 420 13.30 46.26 -25.87
C PHE A 420 14.20 45.27 -25.18
N MET A 421 15.44 45.69 -24.89
CA MET A 421 16.38 44.80 -24.24
C MET A 421 16.00 44.51 -22.84
N LYS A 422 15.35 45.45 -22.18
CA LYS A 422 14.96 45.19 -20.82
C LYS A 422 14.06 43.97 -20.82
N SER A 423 13.12 43.88 -21.76
CA SER A 423 12.21 42.75 -21.87
C SER A 423 12.94 41.48 -22.27
N VAL A 424 13.92 41.57 -23.15
CA VAL A 424 14.61 40.37 -23.57
C VAL A 424 15.40 39.75 -22.43
N ILE A 425 16.11 40.58 -21.68
CA ILE A 425 16.91 40.11 -20.56
C ILE A 425 16.03 39.63 -19.44
N GLN A 426 15.00 40.39 -19.10
CA GLN A 426 14.08 40.03 -18.04
C GLN A 426 13.40 38.69 -18.31
N GLY A 427 13.10 38.41 -19.56
CA GLY A 427 12.50 37.16 -19.97
C GLY A 427 13.48 35.99 -19.96
N PHE A 428 14.49 36.06 -20.82
CA PHE A 428 15.43 34.98 -21.02
C PHE A 428 16.48 34.74 -19.96
N LEU A 429 17.01 35.77 -19.31
CA LEU A 429 18.11 35.53 -18.42
C LEU A 429 17.84 34.57 -17.27
N PRO A 430 16.84 34.73 -16.39
CA PRO A 430 16.60 33.78 -15.32
C PRO A 430 16.16 32.42 -15.84
N GLY A 431 15.58 32.36 -17.04
CA GLY A 431 15.18 31.10 -17.64
C GLY A 431 16.41 30.26 -17.93
N ILE A 432 17.37 30.89 -18.60
CA ILE A 432 18.60 30.26 -18.98
C ILE A 432 19.45 29.94 -17.78
N ALA A 433 19.55 30.87 -16.84
CA ALA A 433 20.37 30.60 -15.67
C ALA A 433 19.89 29.37 -14.94
N LEU A 434 18.59 29.17 -14.80
CA LEU A 434 18.12 27.99 -14.11
C LEU A 434 18.44 26.75 -14.90
N LYS A 435 18.25 26.82 -16.21
CA LYS A 435 18.51 25.68 -17.06
C LYS A 435 19.97 25.26 -16.98
N LEU A 436 20.88 26.21 -16.90
CA LEU A 436 22.28 25.85 -16.76
C LEU A 436 22.59 25.22 -15.41
N PHE A 437 22.00 25.71 -14.33
CA PHE A 437 22.33 25.13 -13.04
C PHE A 437 21.88 23.69 -12.94
N LEU A 438 20.76 23.38 -13.58
CA LEU A 438 20.19 22.06 -13.56
C LEU A 438 20.80 21.13 -14.61
N ALA A 439 21.70 21.63 -15.44
CA ALA A 439 22.25 20.87 -16.55
C ALA A 439 22.95 19.58 -16.13
N PHE A 440 23.59 19.56 -14.97
CA PHE A 440 24.31 18.37 -14.58
C PHE A 440 23.55 17.55 -13.58
N LEU A 441 22.35 17.97 -13.26
CA LEU A 441 21.60 17.28 -12.28
C LEU A 441 21.36 15.83 -12.62
N PRO A 442 20.95 15.43 -13.85
CA PRO A 442 20.71 14.07 -14.16
C PRO A 442 21.97 13.22 -14.17
N SER A 443 23.16 13.80 -14.26
CA SER A 443 24.34 12.97 -14.24
C SER A 443 24.53 12.58 -12.79
N ILE A 444 24.28 13.53 -11.90
CA ILE A 444 24.45 13.26 -10.49
C ILE A 444 23.46 12.23 -10.05
N LEU A 445 22.22 12.38 -10.47
CA LEU A 445 21.21 11.44 -10.05
C LEU A 445 21.48 10.05 -10.60
N MET A 446 22.00 9.94 -11.82
CA MET A 446 22.33 8.62 -12.33
C MET A 446 23.47 7.99 -11.53
N ILE A 447 24.43 8.79 -11.08
CA ILE A 447 25.51 8.26 -10.25
C ILE A 447 24.95 7.73 -8.96
N MET A 448 24.07 8.48 -8.34
CA MET A 448 23.47 8.03 -7.11
C MET A 448 22.72 6.72 -7.32
N SER A 449 21.99 6.62 -8.41
CA SER A 449 21.21 5.43 -8.72
C SER A 449 22.13 4.23 -8.87
N LYS A 450 23.26 4.39 -9.55
CA LYS A 450 24.20 3.30 -9.68
C LYS A 450 24.78 2.88 -8.34
N PHE A 451 25.07 3.83 -7.45
CA PHE A 451 25.59 3.53 -6.12
C PHE A 451 24.64 2.62 -5.37
N GLU A 452 23.35 2.87 -5.52
CA GLU A 452 22.31 2.11 -4.83
C GLU A 452 22.28 0.64 -5.22
N GLY A 453 22.92 0.23 -6.31
CA GLY A 453 22.97 -1.18 -6.64
C GLY A 453 21.95 -1.78 -7.57
N PHE A 454 21.29 -1.01 -8.39
CA PHE A 454 20.32 -1.60 -9.31
C PHE A 454 21.09 -2.36 -10.37
N THR A 455 20.56 -3.49 -10.81
CA THR A 455 21.28 -4.36 -11.73
C THR A 455 20.85 -4.32 -13.17
N SER A 456 20.11 -3.33 -13.56
CA SER A 456 19.74 -3.24 -14.96
C SER A 456 19.66 -1.83 -15.40
N ILE A 457 19.81 -1.64 -16.69
CA ILE A 457 19.78 -0.29 -17.20
C ILE A 457 18.39 0.26 -17.06
N SER A 458 17.39 -0.54 -17.37
CA SER A 458 16.04 -0.04 -17.25
C SER A 458 15.69 0.36 -15.82
N SER A 459 16.21 -0.35 -14.81
CA SER A 459 15.91 0.03 -13.44
C SER A 459 16.62 1.29 -13.04
N LEU A 460 17.85 1.47 -13.51
CA LEU A 460 18.59 2.66 -13.19
C LEU A 460 17.94 3.89 -13.78
N GLU A 461 17.41 3.81 -14.99
CA GLU A 461 16.75 4.98 -15.56
C GLU A 461 15.47 5.28 -14.84
N ARG A 462 14.74 4.28 -14.41
CA ARG A 462 13.51 4.54 -13.70
C ARG A 462 13.77 5.20 -12.36
N ARG A 463 14.84 4.82 -11.65
CA ARG A 463 15.14 5.46 -10.39
C ARG A 463 15.67 6.85 -10.58
N ALA A 464 16.47 7.08 -11.60
CA ALA A 464 16.94 8.42 -11.79
C ALA A 464 15.74 9.31 -12.09
N ALA A 465 14.76 8.83 -12.87
CA ALA A 465 13.58 9.63 -13.17
C ALA A 465 12.81 9.97 -11.91
N PHE A 466 12.71 9.01 -10.99
CA PHE A 466 12.04 9.19 -9.72
C PHE A 466 12.68 10.27 -8.89
N ARG A 467 13.99 10.20 -8.75
CA ARG A 467 14.63 11.20 -7.94
C ARG A 467 14.58 12.55 -8.59
N TYR A 468 14.67 12.61 -9.90
CA TYR A 468 14.64 13.88 -10.58
C TYR A 468 13.29 14.51 -10.32
N TYR A 469 12.21 13.73 -10.41
CA TYR A 469 10.87 14.23 -10.16
C TYR A 469 10.74 14.87 -8.80
N ILE A 470 11.23 14.19 -7.76
CA ILE A 470 11.16 14.77 -6.43
C ILE A 470 11.95 16.03 -6.37
N PHE A 471 13.13 16.03 -6.95
CA PHE A 471 13.96 17.20 -6.96
C PHE A 471 13.20 18.34 -7.59
N ASN A 472 12.56 18.14 -8.74
CA ASN A 472 11.84 19.25 -9.34
C ASN A 472 10.71 19.72 -8.47
N LEU A 473 10.01 18.83 -7.81
CA LEU A 473 8.95 19.29 -6.96
C LEU A 473 9.43 20.23 -5.88
N VAL A 474 10.54 19.87 -5.22
CA VAL A 474 11.04 20.70 -4.14
C VAL A 474 11.88 21.90 -4.59
N ASN A 475 12.84 21.71 -5.47
CA ASN A 475 13.74 22.77 -5.86
C ASN A 475 13.30 23.65 -6.98
N VAL A 476 12.49 23.18 -7.89
CA VAL A 476 12.17 24.06 -8.98
C VAL A 476 10.83 24.65 -8.68
N PHE A 477 9.87 23.83 -8.33
CA PHE A 477 8.58 24.41 -8.06
C PHE A 477 8.46 25.04 -6.68
N LEU A 478 8.51 24.27 -5.59
CA LEU A 478 8.25 24.93 -4.31
C LEU A 478 9.30 25.92 -3.91
N ALA A 479 10.56 25.63 -4.09
CA ALA A 479 11.59 26.56 -3.71
C ALA A 479 11.51 27.86 -4.49
N SER A 480 11.10 27.85 -5.75
CA SER A 480 11.04 29.10 -6.48
C SER A 480 9.92 29.93 -5.93
N VAL A 481 8.82 29.29 -5.60
CA VAL A 481 7.66 29.99 -5.09
C VAL A 481 7.95 30.62 -3.72
N ILE A 482 8.58 29.85 -2.84
CA ILE A 482 8.92 30.31 -1.51
C ILE A 482 9.98 31.39 -1.53
N ALA A 483 11.05 31.18 -2.31
CA ALA A 483 12.10 32.16 -2.42
C ALA A 483 11.52 33.44 -2.96
N GLY A 484 10.59 33.31 -3.88
CA GLY A 484 9.94 34.45 -4.45
C GLY A 484 9.32 35.30 -3.37
N ALA A 485 8.52 34.67 -2.51
CA ALA A 485 7.89 35.40 -1.41
C ALA A 485 8.93 36.02 -0.48
N ALA A 486 10.03 35.30 -0.24
CA ALA A 486 11.09 35.82 0.62
C ALA A 486 11.74 37.11 0.07
N PHE A 487 11.87 37.25 -1.28
CA PHE A 487 12.44 38.43 -1.95
C PHE A 487 11.35 39.49 -2.06
N ILE A 505 2.27 30.60 1.16
CA ILE A 505 2.42 29.81 -0.08
C ILE A 505 1.26 30.08 -1.02
N GLY A 506 0.10 30.37 -0.46
CA GLY A 506 -1.04 30.64 -1.28
C GLY A 506 -0.78 31.79 -2.22
N VAL A 507 -0.48 32.96 -1.68
CA VAL A 507 -0.23 34.14 -2.53
C VAL A 507 1.05 34.00 -3.32
N ALA A 508 2.03 33.32 -2.74
CA ALA A 508 3.28 33.13 -3.41
C ALA A 508 3.12 32.42 -4.74
N ILE A 509 2.16 31.49 -4.85
CA ILE A 509 2.00 30.78 -6.11
C ILE A 509 1.56 31.65 -7.28
N PRO A 510 0.42 32.36 -7.29
CA PRO A 510 0.02 33.21 -8.38
C PRO A 510 1.09 34.19 -8.80
N MET A 511 1.90 34.67 -7.86
CA MET A 511 2.92 35.64 -8.20
C MET A 511 4.02 35.12 -9.12
N LYS A 512 4.16 33.80 -9.22
CA LYS A 512 5.18 33.21 -10.06
C LYS A 512 4.67 32.61 -11.33
N ALA A 513 3.42 32.80 -11.67
CA ALA A 513 3.00 32.19 -12.92
C ALA A 513 3.83 32.73 -14.06
N THR A 514 4.19 34.01 -14.04
CA THR A 514 4.97 34.59 -15.13
C THR A 514 6.34 33.97 -15.23
N PHE A 515 6.98 33.74 -14.10
CA PHE A 515 8.29 33.10 -14.11
C PHE A 515 8.21 31.76 -14.76
N PHE A 516 7.22 30.96 -14.37
CA PHE A 516 7.15 29.64 -14.94
C PHE A 516 6.87 29.73 -16.43
N ILE A 517 6.09 30.71 -16.87
CA ILE A 517 5.84 30.86 -18.29
C ILE A 517 7.09 31.16 -19.08
N THR A 518 7.95 32.07 -18.62
CA THR A 518 9.13 32.34 -19.42
C THR A 518 10.08 31.15 -19.35
N TYR A 519 10.08 30.43 -18.22
CA TYR A 519 10.90 29.25 -18.07
C TYR A 519 10.50 28.20 -19.08
N ILE A 520 9.20 27.96 -19.25
CA ILE A 520 8.68 26.98 -20.21
C ILE A 520 9.06 27.37 -21.61
N MET A 521 8.95 28.63 -21.96
CA MET A 521 9.33 28.97 -23.31
C MET A 521 10.82 28.73 -23.59
N VAL A 522 11.71 28.96 -22.62
CA VAL A 522 13.14 28.73 -22.83
C VAL A 522 13.52 27.26 -22.76
N ASP A 523 13.06 26.57 -21.74
CA ASP A 523 13.34 25.15 -21.49
C ASP A 523 12.57 24.21 -22.38
N GLY A 524 11.34 24.55 -22.67
CA GLY A 524 10.43 23.75 -23.40
C GLY A 524 10.47 24.03 -24.87
N TRP A 525 9.91 25.15 -25.29
CA TRP A 525 9.79 25.44 -26.72
C TRP A 525 11.12 25.52 -27.44
N ALA A 526 11.98 26.43 -26.99
CA ALA A 526 13.28 26.58 -27.64
C ALA A 526 14.13 25.35 -27.43
N GLY A 527 13.95 24.71 -26.29
CA GLY A 527 14.71 23.54 -25.91
C GLY A 527 14.52 22.41 -26.89
N VAL A 528 13.28 21.97 -27.12
CA VAL A 528 13.14 20.83 -28.01
C VAL A 528 13.48 21.21 -29.44
N ALA A 529 13.19 22.45 -29.82
CA ALA A 529 13.52 22.85 -31.16
C ALA A 529 15.00 22.76 -31.42
N GLY A 530 15.84 23.05 -30.42
CA GLY A 530 17.29 22.96 -30.63
C GLY A 530 17.78 21.51 -30.59
N GLU A 531 17.08 20.66 -29.89
CA GLU A 531 17.48 19.27 -29.77
C GLU A 531 17.48 18.60 -31.13
N ILE A 532 16.59 19.01 -32.01
CA ILE A 532 16.55 18.35 -33.31
C ILE A 532 17.85 18.61 -34.09
N LEU A 533 18.58 19.72 -33.84
CA LEU A 533 19.84 19.99 -34.54
C LEU A 533 20.82 18.96 -34.11
N MET A 534 20.73 18.60 -32.86
CA MET A 534 21.56 17.55 -32.32
C MET A 534 23.03 17.84 -32.57
N LEU A 535 23.43 19.02 -32.14
CA LEU A 535 24.78 19.49 -32.34
C LEU A 535 25.83 18.68 -31.64
N LYS A 536 25.53 18.14 -30.46
CA LYS A 536 26.58 17.42 -29.80
C LYS A 536 27.06 16.23 -30.64
N PRO A 537 26.21 15.26 -31.06
CA PRO A 537 26.58 14.22 -32.00
C PRO A 537 27.22 14.75 -33.27
N LEU A 538 26.81 15.90 -33.84
CA LEU A 538 27.57 16.28 -35.02
C LEU A 538 29.01 16.57 -34.70
N ILE A 539 29.23 17.23 -33.59
CA ILE A 539 30.57 17.59 -33.25
C ILE A 539 31.38 16.38 -32.92
N MET A 540 30.85 15.48 -32.12
CA MET A 540 31.66 14.34 -31.77
C MET A 540 31.87 13.42 -32.94
N PHE A 541 30.90 13.34 -33.83
CA PHE A 541 31.01 12.50 -34.99
C PHE A 541 32.11 12.98 -35.88
N HIS A 542 32.14 14.28 -36.14
CA HIS A 542 33.17 14.78 -37.02
C HIS A 542 34.54 14.75 -36.38
N LEU A 543 34.65 14.97 -35.06
CA LEU A 543 35.96 14.89 -34.47
C LEU A 543 36.48 13.46 -34.53
N LYS A 544 35.61 12.47 -34.34
CA LYS A 544 36.08 11.12 -34.43
C LYS A 544 36.52 10.80 -35.83
N ASN A 545 35.77 11.24 -36.83
CA ASN A 545 36.20 10.91 -38.18
C ASN A 545 37.50 11.57 -38.54
N ALA A 546 37.70 12.79 -38.08
CA ALA A 546 38.91 13.50 -38.39
C ALA A 546 40.14 12.91 -37.72
N PHE A 547 40.02 12.47 -36.47
CA PHE A 547 41.22 12.02 -35.79
C PHE A 547 41.33 10.59 -35.28
N LEU A 548 40.23 9.87 -35.09
CA LEU A 548 40.32 8.54 -34.53
C LEU A 548 39.94 7.44 -35.50
N VAL A 549 39.77 7.79 -36.77
CA VAL A 549 39.40 6.80 -37.77
C VAL A 549 40.55 6.39 -38.65
N LYS A 550 40.79 5.07 -38.67
CA LYS A 550 41.85 4.48 -39.45
C LYS A 550 41.26 3.73 -40.62
N THR A 551 40.06 3.21 -40.40
CA THR A 551 39.32 2.43 -41.38
C THR A 551 37.88 2.84 -41.42
N ASP A 552 37.23 2.61 -42.54
CA ASP A 552 35.83 2.98 -42.67
C ASP A 552 34.94 2.21 -41.73
N LYS A 553 35.39 1.06 -41.26
CA LYS A 553 34.61 0.27 -40.30
C LYS A 553 34.42 1.02 -38.99
N ASP A 554 35.33 1.95 -38.68
CA ASP A 554 35.33 2.69 -37.44
C ASP A 554 34.19 3.70 -37.47
N ARG A 555 33.69 3.99 -38.67
CA ARG A 555 32.66 5.00 -38.83
C ARG A 555 31.32 4.46 -38.36
N GLU A 556 31.26 3.14 -38.13
CA GLU A 556 30.02 2.54 -37.65
C GLU A 556 30.00 2.61 -36.13
N GLU A 557 31.13 2.98 -35.52
CA GLU A 557 31.24 3.08 -34.07
C GLU A 557 31.06 4.54 -33.67
N ALA A 558 31.48 5.44 -34.57
CA ALA A 558 31.33 6.88 -34.37
C ALA A 558 29.84 7.20 -34.25
N MET A 559 29.05 6.42 -34.96
CA MET A 559 27.61 6.55 -35.00
C MET A 559 26.92 5.96 -33.78
N ASP A 560 26.96 6.68 -32.68
CA ASP A 560 26.23 6.25 -31.49
C ASP A 560 25.27 7.37 -31.10
N PRO A 561 24.00 7.32 -31.51
CA PRO A 561 23.02 8.34 -31.33
C PRO A 561 22.44 8.45 -29.94
N GLY A 562 22.74 7.49 -29.08
CA GLY A 562 22.07 7.49 -27.80
C GLY A 562 20.66 6.95 -27.92
N SER A 563 19.80 7.36 -27.00
CA SER A 563 18.44 6.88 -26.84
C SER A 563 17.55 8.02 -26.41
N ILE A 564 16.27 7.77 -26.20
CA ILE A 564 15.36 8.85 -25.85
C ILE A 564 15.67 9.56 -24.54
N GLY A 565 16.33 8.90 -23.58
CA GLY A 565 16.64 9.60 -22.35
C GLY A 565 15.50 9.58 -21.38
N PHE A 566 14.94 8.43 -21.08
CA PHE A 566 13.80 8.39 -20.17
C PHE A 566 14.06 9.17 -18.89
N ASN A 567 15.25 9.03 -18.33
CA ASN A 567 15.56 9.68 -17.08
C ASN A 567 15.70 11.19 -17.13
N THR A 568 15.78 11.80 -18.31
CA THR A 568 15.86 13.25 -18.37
C THR A 568 14.62 13.85 -19.00
N GLY A 569 13.93 13.05 -19.82
CA GLY A 569 12.72 13.46 -20.51
C GLY A 569 11.48 13.35 -19.65
N GLU A 570 11.33 12.22 -18.96
CA GLU A 570 10.10 12.04 -18.21
C GLU A 570 9.90 13.09 -17.13
N PRO A 571 10.91 13.49 -16.34
CA PRO A 571 10.80 14.49 -15.32
C PRO A 571 10.46 15.88 -15.83
N ARG A 572 10.67 16.16 -17.12
CA ARG A 572 10.36 17.47 -17.63
C ARG A 572 8.91 17.51 -17.93
N ILE A 573 8.41 16.40 -18.45
CA ILE A 573 7.02 16.35 -18.79
C ILE A 573 6.24 16.44 -17.50
N GLN A 574 6.68 15.69 -16.48
CA GLN A 574 5.97 15.70 -15.23
C GLN A 574 5.99 17.05 -14.55
N LEU A 575 7.06 17.81 -14.67
CA LEU A 575 7.04 19.15 -14.09
C LEU A 575 6.02 19.99 -14.77
N TYR A 576 5.90 19.90 -16.08
CA TYR A 576 4.94 20.74 -16.74
C TYR A 576 3.54 20.29 -16.42
N PHE A 577 3.31 18.99 -16.20
CA PHE A 577 1.99 18.54 -15.81
C PHE A 577 1.63 19.12 -14.46
N LEU A 578 2.59 19.16 -13.53
CA LEU A 578 2.32 19.73 -12.22
C LEU A 578 2.01 21.20 -12.33
N LEU A 579 2.76 21.95 -13.13
CA LEU A 579 2.49 23.37 -13.25
C LEU A 579 1.14 23.59 -13.87
N GLY A 580 0.77 22.77 -14.81
CA GLY A 580 -0.52 22.90 -15.42
C GLY A 580 -1.62 22.69 -14.39
N LEU A 581 -1.55 21.59 -13.65
CA LEU A 581 -2.60 21.32 -12.68
C LEU A 581 -2.65 22.33 -11.56
N VAL A 582 -1.50 22.87 -11.14
CA VAL A 582 -1.46 23.88 -10.09
C VAL A 582 -1.96 25.23 -10.54
N TYR A 583 -1.56 25.67 -11.71
CA TYR A 583 -1.95 26.98 -12.18
C TYR A 583 -3.29 27.01 -12.90
N ALA A 584 -3.79 25.90 -13.40
CA ALA A 584 -5.05 25.93 -14.12
C ALA A 584 -6.19 26.64 -13.38
N PRO A 585 -6.45 26.42 -12.07
CA PRO A 585 -7.50 27.12 -11.36
C PRO A 585 -7.17 28.56 -10.94
N VAL A 586 -5.93 29.03 -11.12
CA VAL A 586 -5.59 30.36 -10.65
C VAL A 586 -5.13 31.31 -11.75
N THR A 587 -4.24 30.85 -12.63
CA THR A 587 -3.70 31.66 -13.70
C THR A 587 -3.68 30.86 -15.01
N PRO A 588 -4.83 30.64 -15.67
CA PRO A 588 -5.02 29.81 -16.83
C PRO A 588 -4.18 30.19 -18.03
N MET A 589 -3.62 31.41 -18.07
CA MET A 589 -2.81 31.79 -19.22
C MET A 589 -1.52 31.00 -19.31
N LEU A 590 -1.16 30.28 -18.26
CA LEU A 590 0.00 29.42 -18.29
C LEU A 590 -0.23 28.23 -19.22
N LEU A 591 -1.45 27.70 -19.22
CA LEU A 591 -1.71 26.47 -19.91
C LEU A 591 -1.41 26.44 -21.40
N PRO A 592 -1.67 27.45 -22.22
CA PRO A 592 -1.33 27.48 -23.62
C PRO A 592 0.15 27.33 -23.86
N PHE A 593 0.99 27.62 -22.86
CA PHE A 593 2.41 27.51 -23.08
C PHE A 593 2.78 26.05 -22.96
N ILE A 594 2.13 25.32 -22.05
CA ILE A 594 2.44 23.91 -21.96
C ILE A 594 1.80 23.18 -23.13
N LEU A 595 0.64 23.63 -23.62
CA LEU A 595 0.06 22.95 -24.75
C LEU A 595 0.94 23.06 -25.97
N VAL A 596 1.58 24.20 -26.19
CA VAL A 596 2.49 24.31 -27.30
C VAL A 596 3.65 23.38 -27.08
N PHE A 597 4.19 23.33 -25.88
CA PHE A 597 5.27 22.41 -25.59
C PHE A 597 4.92 20.99 -25.90
N PHE A 598 3.78 20.50 -25.45
CA PHE A 598 3.47 19.11 -25.67
C PHE A 598 3.35 18.85 -27.14
N ALA A 599 2.70 19.75 -27.87
CA ALA A 599 2.55 19.53 -29.29
C ALA A 599 3.86 19.57 -30.05
N LEU A 600 4.75 20.49 -29.69
CA LEU A 600 6.01 20.59 -30.38
C LEU A 600 6.90 19.45 -30.02
N ALA A 601 6.94 19.10 -28.76
CA ALA A 601 7.76 18.01 -28.34
C ALA A 601 7.30 16.74 -28.99
N TYR A 602 6.00 16.56 -29.16
CA TYR A 602 5.53 15.35 -29.79
C TYR A 602 6.10 15.24 -31.19
N ILE A 603 6.01 16.30 -32.00
CA ILE A 603 6.47 16.16 -33.37
C ILE A 603 7.99 16.04 -33.46
N VAL A 604 8.72 16.74 -32.61
CA VAL A 604 10.16 16.64 -32.65
C VAL A 604 10.60 15.27 -32.20
N TYR A 605 10.03 14.73 -31.14
CA TYR A 605 10.47 13.42 -30.72
C TYR A 605 9.98 12.35 -31.61
N ARG A 606 8.84 12.49 -32.25
CA ARG A 606 8.44 11.43 -33.14
C ARG A 606 9.46 11.33 -34.25
N HIS A 607 9.94 12.48 -34.73
CA HIS A 607 10.97 12.48 -35.75
C HIS A 607 12.23 11.81 -35.26
N GLN A 608 12.68 12.14 -34.06
CA GLN A 608 13.91 11.57 -33.57
C GLN A 608 13.77 10.07 -33.31
N ILE A 609 12.64 9.63 -32.86
CA ILE A 609 12.43 8.22 -32.62
C ILE A 609 12.53 7.44 -33.91
N ILE A 610 11.93 7.94 -34.98
CA ILE A 610 11.99 7.28 -36.26
C ILE A 610 13.36 7.32 -36.93
N ASN A 611 14.02 8.47 -36.95
CA ASN A 611 15.28 8.57 -37.67
C ASN A 611 16.58 8.53 -36.89
N VAL A 612 16.57 8.85 -35.61
CA VAL A 612 17.80 8.99 -34.86
C VAL A 612 18.08 8.07 -33.70
N TYR A 613 17.16 7.93 -32.79
CA TYR A 613 17.51 7.25 -31.58
C TYR A 613 17.53 5.75 -31.65
N ASN A 614 18.42 5.15 -30.90
CA ASN A 614 18.46 3.72 -30.76
C ASN A 614 17.71 3.40 -29.50
N GLN A 615 17.59 2.15 -29.16
CA GLN A 615 16.94 1.79 -27.94
C GLN A 615 17.86 0.76 -27.29
N GLU A 616 18.34 1.07 -26.09
CA GLU A 616 19.29 0.27 -25.34
C GLU A 616 18.74 -0.96 -24.67
N TYR A 617 17.47 -0.93 -24.33
CA TYR A 617 16.82 -2.04 -23.70
C TYR A 617 15.39 -1.99 -24.09
N GLU A 618 14.68 -3.10 -24.03
CA GLU A 618 13.25 -3.08 -24.28
C GLU A 618 12.52 -3.56 -23.07
N SER A 619 11.87 -2.65 -22.35
CA SER A 619 11.21 -3.03 -21.14
C SER A 619 9.71 -3.20 -21.37
N ALA A 620 9.26 -3.05 -22.61
CA ALA A 620 7.87 -3.20 -22.97
C ALA A 620 6.96 -2.36 -22.11
N ALA A 621 7.30 -1.11 -21.94
CA ALA A 621 6.57 -0.12 -21.20
C ALA A 621 6.37 -0.44 -19.75
N ALA A 622 7.33 -1.11 -19.13
CA ALA A 622 7.29 -1.44 -17.72
C ALA A 622 7.27 -0.22 -16.84
N PHE A 623 7.66 0.92 -17.36
CA PHE A 623 7.69 2.15 -16.63
C PHE A 623 6.34 2.81 -16.51
N TRP A 624 5.35 2.35 -17.25
CA TRP A 624 4.09 3.06 -17.24
C TRP A 624 3.51 3.28 -15.86
N PRO A 625 3.43 2.31 -14.95
CA PRO A 625 2.87 2.50 -13.64
C PRO A 625 3.51 3.64 -12.87
N ASP A 626 4.76 3.99 -13.18
CA ASP A 626 5.44 5.06 -12.48
C ASP A 626 4.95 6.37 -13.05
N VAL A 627 4.69 6.38 -14.34
CA VAL A 627 4.22 7.59 -14.98
C VAL A 627 2.84 7.89 -14.43
N HIS A 628 2.03 6.86 -14.31
CA HIS A 628 0.69 7.00 -13.78
C HIS A 628 0.75 7.53 -12.37
N GLY A 629 1.59 6.93 -11.52
CA GLY A 629 1.67 7.35 -10.14
C GLY A 629 2.09 8.79 -9.98
N ARG A 630 3.01 9.27 -10.80
CA ARG A 630 3.42 10.65 -10.71
C ARG A 630 2.31 11.61 -11.06
N VAL A 631 1.45 11.26 -12.00
CA VAL A 631 0.37 12.18 -12.33
C VAL A 631 -0.57 12.23 -11.15
N ILE A 632 -0.85 11.10 -10.52
CA ILE A 632 -1.73 11.09 -9.37
C ILE A 632 -1.14 11.95 -8.27
N ALA A 633 0.17 11.84 -8.04
CA ALA A 633 0.76 12.68 -7.02
C ALA A 633 0.59 14.14 -7.37
N ALA A 634 0.73 14.50 -8.64
CA ALA A 634 0.56 15.88 -9.04
C ALA A 634 -0.85 16.36 -8.77
N LEU A 635 -1.85 15.51 -8.98
CA LEU A 635 -3.22 15.91 -8.67
C LEU A 635 -3.39 16.17 -7.21
N VAL A 636 -2.84 15.33 -6.36
CA VAL A 636 -2.99 15.54 -4.93
C VAL A 636 -2.30 16.81 -4.50
N ILE A 637 -1.11 17.07 -5.01
CA ILE A 637 -0.38 18.26 -4.63
C ILE A 637 -1.16 19.48 -5.04
N SER A 638 -1.70 19.52 -6.25
CA SER A 638 -2.47 20.67 -6.65
C SER A 638 -3.67 20.90 -5.76
N GLN A 639 -4.37 19.84 -5.39
CA GLN A 639 -5.54 19.95 -4.54
C GLN A 639 -5.19 20.50 -3.16
N LEU A 640 -4.07 20.07 -2.59
CA LEU A 640 -3.65 20.57 -1.28
C LEU A 640 -3.21 22.03 -1.36
N LEU A 641 -2.55 22.42 -2.44
CA LEU A 641 -2.13 23.80 -2.59
C LEU A 641 -3.35 24.68 -2.74
N LEU A 642 -4.38 24.18 -3.41
CA LEU A 642 -5.59 24.96 -3.58
C LEU A 642 -6.21 25.18 -2.23
N MET A 643 -6.23 24.19 -1.35
CA MET A 643 -6.84 24.42 -0.04
C MET A 643 -6.17 25.59 0.65
N GLY A 644 -4.85 25.63 0.60
CA GLY A 644 -4.13 26.73 1.21
C GLY A 644 -4.51 28.09 0.63
N LEU A 645 -4.49 28.20 -0.70
CA LEU A 645 -4.80 29.50 -1.37
C LEU A 645 -6.28 29.82 -1.21
N LEU A 646 -7.17 29.00 -1.78
CA LEU A 646 -8.63 29.25 -1.73
C LEU A 646 -9.08 29.48 -0.28
N GLY A 647 -8.74 28.55 0.62
CA GLY A 647 -9.20 28.65 2.02
C GLY A 647 -10.25 27.61 2.32
N THR A 648 -10.53 27.35 3.60
CA THR A 648 -11.51 26.30 3.98
C THR A 648 -12.76 26.96 4.58
N ALA A 654 -17.00 24.17 3.97
CA ALA A 654 -16.48 23.83 2.65
C ALA A 654 -15.34 22.79 2.68
N ALA A 655 -14.72 22.56 3.87
CA ALA A 655 -13.62 21.63 4.06
C ALA A 655 -13.94 20.23 3.57
N PRO A 656 -15.14 19.65 3.77
CA PRO A 656 -15.44 18.34 3.27
C PRO A 656 -15.26 18.19 1.76
N PHE A 657 -15.37 19.29 0.99
CA PHE A 657 -15.19 19.16 -0.44
C PHE A 657 -13.73 19.13 -0.75
N LEU A 658 -13.02 19.99 -0.08
CA LEU A 658 -11.61 20.10 -0.28
C LEU A 658 -10.87 18.85 0.20
N ILE A 659 -11.35 18.23 1.24
CA ILE A 659 -10.80 17.00 1.80
C ILE A 659 -11.10 15.81 0.91
N ALA A 660 -12.34 15.73 0.44
CA ALA A 660 -12.73 14.64 -0.42
C ALA A 660 -11.91 14.59 -1.68
N LEU A 661 -11.53 15.73 -2.27
CA LEU A 661 -10.76 15.59 -3.49
C LEU A 661 -9.53 14.67 -3.35
N PRO A 662 -8.55 14.89 -2.44
CA PRO A 662 -7.46 13.96 -2.22
C PRO A 662 -7.88 12.54 -1.91
N VAL A 663 -8.99 12.35 -1.19
CA VAL A 663 -9.39 10.98 -0.86
C VAL A 663 -9.90 10.23 -2.06
N LEU A 664 -10.71 10.88 -2.86
CA LEU A 664 -11.28 10.29 -4.04
C LEU A 664 -10.21 10.03 -5.08
N THR A 665 -9.22 10.93 -5.17
CA THR A 665 -8.14 10.79 -6.13
C THR A 665 -7.34 9.55 -5.78
N ILE A 666 -7.06 9.34 -4.51
CA ILE A 666 -6.36 8.14 -4.12
C ILE A 666 -7.22 6.90 -4.35
N GLY A 667 -8.52 6.95 -4.04
CA GLY A 667 -9.34 5.78 -4.28
C GLY A 667 -9.30 5.36 -5.75
N PHE A 668 -9.28 6.34 -6.66
CA PHE A 668 -9.13 6.07 -8.08
C PHE A 668 -7.84 5.34 -8.33
N HIS A 669 -6.77 5.84 -7.77
CA HIS A 669 -5.48 5.22 -7.93
C HIS A 669 -5.52 3.76 -7.50
N HIS A 670 -6.15 3.43 -6.38
CA HIS A 670 -6.19 2.02 -5.98
C HIS A 670 -7.02 1.18 -6.92
N PHE A 671 -8.08 1.73 -7.48
CA PHE A 671 -8.84 0.99 -8.48
C PHE A 671 -7.94 0.60 -9.62
N CYS A 672 -7.19 1.57 -10.14
CA CYS A 672 -6.30 1.30 -11.24
C CYS A 672 -5.19 0.33 -10.88
N LYS A 673 -4.65 0.40 -9.67
CA LYS A 673 -3.64 -0.57 -9.34
C LYS A 673 -4.21 -1.96 -9.36
N GLY A 674 -5.42 -2.13 -8.88
CA GLY A 674 -5.99 -3.45 -8.89
C GLY A 674 -6.33 -3.95 -10.28
N ARG A 675 -6.84 -3.08 -11.13
CA ARG A 675 -7.30 -3.50 -12.44
C ARG A 675 -6.30 -3.50 -13.58
N TYR A 676 -5.39 -2.53 -13.66
CA TYR A 676 -4.50 -2.46 -14.81
C TYR A 676 -3.07 -2.76 -14.48
N GLU A 677 -2.63 -2.42 -13.28
CA GLU A 677 -1.22 -2.64 -12.93
C GLU A 677 -0.71 -4.07 -13.18
N PRO A 678 -1.46 -5.17 -12.93
CA PRO A 678 -1.02 -6.52 -13.17
C PRO A 678 -0.51 -6.76 -14.58
N ALA A 679 -0.92 -5.98 -15.56
CA ALA A 679 -0.41 -6.23 -16.90
C ALA A 679 1.08 -5.94 -16.98
N PHE A 680 1.59 -5.17 -16.02
CA PHE A 680 2.95 -4.74 -15.95
C PHE A 680 3.74 -5.51 -14.89
N ILE A 681 3.06 -6.01 -13.86
CA ILE A 681 3.76 -6.70 -12.77
C ILE A 681 3.55 -8.20 -12.55
N ARG A 682 2.75 -8.86 -13.36
CA ARG A 682 2.49 -10.31 -13.21
C ARG A 682 2.45 -10.88 -14.63
N TYR A 683 2.93 -12.10 -14.86
CA TYR A 683 2.89 -12.70 -16.16
C TYR A 683 1.99 -13.90 -16.09
N PRO A 684 0.79 -13.85 -16.67
CA PRO A 684 -0.18 -14.88 -16.58
C PRO A 684 0.37 -16.18 -17.05
N LEU A 685 0.00 -17.24 -16.37
CA LEU A 685 0.49 -18.53 -16.77
C LEU A 685 -0.07 -18.95 -18.10
N GLN A 686 -1.30 -18.57 -18.40
CA GLN A 686 -1.86 -18.92 -19.69
C GLN A 686 -1.08 -18.28 -20.83
N GLU A 687 -0.60 -17.06 -20.65
CA GLU A 687 0.10 -16.39 -21.71
C GLU A 687 1.44 -17.05 -21.94
N ALA A 688 2.07 -17.46 -20.84
CA ALA A 688 3.34 -18.13 -20.96
C ALA A 688 3.18 -19.46 -21.67
N MET A 689 2.10 -20.17 -21.35
CA MET A 689 1.85 -21.46 -21.95
C MET A 689 1.58 -21.32 -23.43
N MET A 690 0.85 -20.28 -23.84
CA MET A 690 0.60 -20.12 -25.26
C MET A 690 1.87 -19.87 -26.03
N LYS A 691 2.78 -19.04 -25.51
CA LYS A 691 4.00 -18.83 -26.27
C LYS A 691 4.79 -20.10 -26.37
N ASP A 692 4.84 -20.89 -25.30
CA ASP A 692 5.60 -22.11 -25.30
C ASP A 692 5.05 -23.10 -26.29
N THR A 693 3.72 -23.19 -26.36
CA THR A 693 3.09 -24.13 -27.25
C THR A 693 3.31 -23.77 -28.70
N LEU A 694 3.15 -22.50 -29.02
CA LEU A 694 3.30 -22.07 -30.39
C LEU A 694 4.73 -22.17 -30.83
N GLU A 695 5.68 -21.84 -29.95
CA GLU A 695 7.06 -21.94 -30.31
C GLU A 695 7.45 -23.35 -30.58
N THR A 696 7.00 -24.28 -29.75
CA THR A 696 7.39 -25.65 -29.97
C THR A 696 6.85 -26.14 -31.29
N ALA A 697 5.61 -25.82 -31.60
CA ALA A 697 5.05 -26.28 -32.86
C ALA A 697 5.77 -25.68 -34.07
N ARG A 698 6.14 -24.42 -33.99
CA ARG A 698 6.82 -23.69 -35.05
C ARG A 698 8.27 -24.11 -35.26
N GLU A 699 9.00 -24.34 -34.18
CA GLU A 699 10.41 -24.71 -34.21
C GLU A 699 10.63 -25.98 -33.40
N PRO A 700 10.19 -27.15 -33.90
CA PRO A 700 10.17 -28.41 -33.21
C PRO A 700 11.54 -28.97 -32.90
N ASN A 701 12.55 -28.44 -33.55
CA ASN A 701 13.90 -28.88 -33.38
C ASN A 701 14.81 -27.86 -32.71
N LEU A 702 14.23 -26.91 -31.98
CA LEU A 702 15.03 -25.92 -31.28
C LEU A 702 15.86 -26.51 -30.16
N ASN A 703 17.14 -26.17 -30.15
CA ASN A 703 18.02 -26.60 -29.07
C ASN A 703 18.06 -25.49 -28.07
N LEU A 704 17.13 -25.51 -27.14
CA LEU A 704 17.01 -24.41 -26.22
C LEU A 704 18.19 -24.34 -25.31
N LYS A 705 18.76 -25.48 -24.97
CA LYS A 705 19.87 -25.39 -24.01
C LYS A 705 21.03 -24.74 -24.69
N GLY A 706 21.28 -25.07 -25.95
CA GLY A 706 22.40 -24.45 -26.62
C GLY A 706 22.23 -22.94 -26.67
N TYR A 707 21.01 -22.49 -26.90
CA TYR A 707 20.67 -21.08 -26.97
C TYR A 707 20.92 -20.34 -25.66
N LEU A 708 20.46 -20.90 -24.56
CA LEU A 708 20.56 -20.25 -23.27
C LEU A 708 21.85 -20.52 -22.49
N GLN A 709 22.57 -21.56 -22.80
CA GLN A 709 23.73 -21.97 -22.01
C GLN A 709 24.81 -20.94 -21.85
N ASN A 710 25.10 -20.11 -22.84
CA ASN A 710 26.15 -19.11 -22.67
C ASN A 710 25.60 -17.72 -22.63
N ALA A 711 24.33 -17.58 -22.35
CA ALA A 711 23.76 -16.28 -22.20
C ALA A 711 24.15 -15.86 -20.81
N TYR A 712 24.18 -14.59 -20.54
CA TYR A 712 24.51 -14.11 -19.20
C TYR A 712 25.89 -14.45 -18.70
N VAL A 713 26.84 -14.52 -19.60
CA VAL A 713 28.23 -14.71 -19.26
C VAL A 713 28.81 -13.33 -19.33
N HIS A 714 29.52 -12.90 -18.31
CA HIS A 714 29.99 -11.53 -18.34
C HIS A 714 30.74 -11.32 -19.65
N PRO A 715 30.47 -10.25 -20.43
CA PRO A 715 31.07 -9.90 -21.69
C PRO A 715 32.58 -9.83 -21.69
N VAL A 716 33.19 -9.60 -20.55
CA VAL A 716 34.63 -9.51 -20.54
C VAL A 716 35.23 -10.88 -20.81
N PHE A 717 34.53 -11.95 -20.42
CA PHE A 717 35.02 -13.29 -20.65
C PHE A 717 34.71 -13.81 -22.05
N LYS A 718 33.52 -13.45 -22.61
CA LYS A 718 33.06 -13.87 -23.94
C LYS A 718 34.04 -13.39 -25.01
N ALA B 2 -17.55 9.94 36.95
CA ALA B 2 -17.62 9.54 38.35
C ALA B 2 -16.37 10.10 39.05
N THR B 3 -16.24 9.90 40.38
CA THR B 3 -15.08 10.36 41.19
C THR B 3 -14.25 9.21 41.73
N LEU B 4 -13.21 9.51 42.47
CA LEU B 4 -12.31 8.47 42.96
C LEU B 4 -12.98 7.49 43.88
N GLN B 5 -13.92 7.93 44.69
CA GLN B 5 -14.57 7.00 45.58
C GLN B 5 -15.58 6.15 44.85
N ASP B 6 -15.92 6.50 43.64
CA ASP B 6 -16.85 5.68 42.93
C ASP B 6 -16.02 4.61 42.28
N ILE B 7 -14.78 4.94 41.92
CA ILE B 7 -13.87 3.96 41.36
C ILE B 7 -13.54 2.95 42.44
N GLY B 8 -13.26 3.44 43.63
CA GLY B 8 -12.94 2.60 44.78
C GLY B 8 -14.08 1.65 45.11
N VAL B 9 -15.31 2.18 45.23
CA VAL B 9 -16.45 1.34 45.53
C VAL B 9 -16.73 0.37 44.41
N SER B 10 -16.67 0.83 43.17
CA SER B 10 -16.93 -0.07 42.08
C SER B 10 -15.89 -1.15 42.02
N ALA B 11 -14.62 -0.85 42.26
CA ALA B 11 -13.62 -1.89 42.24
C ALA B 11 -13.88 -2.90 43.32
N GLY B 12 -14.29 -2.45 44.51
CA GLY B 12 -14.53 -3.40 45.56
C GLY B 12 -15.63 -4.37 45.19
N ILE B 13 -16.67 -3.86 44.56
CA ILE B 13 -17.78 -4.67 44.13
C ILE B 13 -17.44 -5.57 42.96
N ASN B 14 -16.71 -5.10 41.96
CA ASN B 14 -16.39 -5.96 40.83
C ASN B 14 -15.44 -7.07 41.23
N ILE B 15 -14.57 -6.81 42.21
CA ILE B 15 -13.67 -7.83 42.69
C ILE B 15 -14.45 -8.87 43.43
N LEU B 16 -15.33 -8.42 44.31
CA LEU B 16 -16.13 -9.33 45.06
C LEU B 16 -17.06 -10.11 44.16
N SER B 17 -17.61 -9.46 43.14
CA SER B 17 -18.50 -10.13 42.22
C SER B 17 -17.77 -11.22 41.48
N ALA B 18 -16.56 -10.95 40.97
CA ALA B 18 -15.81 -11.97 40.26
C ALA B 18 -15.51 -13.14 41.18
N PHE B 19 -15.20 -12.84 42.42
CA PHE B 19 -14.92 -13.86 43.41
C PHE B 19 -16.13 -14.76 43.59
N VAL B 20 -17.31 -14.16 43.74
CA VAL B 20 -18.52 -14.92 43.88
C VAL B 20 -18.80 -15.76 42.67
N PHE B 21 -18.59 -15.24 41.46
CA PHE B 21 -18.82 -16.03 40.27
C PHE B 21 -17.91 -17.24 40.29
N PHE B 22 -16.68 -17.07 40.73
CA PHE B 22 -15.77 -18.20 40.78
C PHE B 22 -16.22 -19.20 41.83
N ILE B 23 -16.83 -18.77 42.93
CA ILE B 23 -17.34 -19.72 43.91
C ILE B 23 -18.49 -20.51 43.31
N ILE B 24 -19.40 -19.85 42.62
CA ILE B 24 -20.52 -20.55 42.03
C ILE B 24 -20.01 -21.55 41.03
N PHE B 25 -19.03 -21.14 40.23
CA PHE B 25 -18.41 -22.01 39.24
C PHE B 25 -17.85 -23.24 39.89
N ALA B 26 -17.10 -23.06 40.97
CA ALA B 26 -16.50 -24.19 41.64
C ALA B 26 -17.55 -25.17 42.08
N VAL B 27 -18.74 -24.71 42.45
CA VAL B 27 -19.77 -25.63 42.82
C VAL B 27 -20.39 -26.32 41.61
N LEU B 28 -20.75 -25.56 40.59
CA LEU B 28 -21.43 -26.13 39.45
C LEU B 28 -20.58 -27.13 38.69
N ARG B 29 -19.28 -26.89 38.60
CA ARG B 29 -18.42 -27.78 37.82
C ARG B 29 -18.18 -29.10 38.49
N LEU B 30 -18.54 -29.25 39.77
CA LEU B 30 -18.32 -30.50 40.45
C LEU B 30 -19.56 -31.35 40.48
N GLN B 31 -20.66 -30.86 39.93
CA GLN B 31 -21.86 -31.64 39.91
C GLN B 31 -21.77 -32.45 38.64
N PRO B 32 -21.81 -33.78 38.68
CA PRO B 32 -21.55 -34.65 37.55
C PRO B 32 -22.48 -34.47 36.38
N PHE B 33 -23.68 -33.97 36.61
CA PHE B 33 -24.58 -33.78 35.51
C PHE B 33 -24.19 -32.60 34.63
N ASN B 34 -23.24 -31.78 35.09
CA ASN B 34 -22.77 -30.66 34.34
C ASN B 34 -21.41 -30.95 33.68
N ASP B 35 -20.87 -32.18 33.77
CA ASP B 35 -19.55 -32.37 33.17
C ASP B 35 -19.59 -32.22 31.69
N ARG B 36 -20.69 -32.56 31.09
CA ARG B 36 -20.84 -32.52 29.67
C ARG B 36 -20.85 -31.08 29.15
N VAL B 37 -20.99 -30.12 30.06
CA VAL B 37 -20.98 -28.72 29.72
C VAL B 37 -19.60 -28.13 30.00
N TYR B 38 -19.04 -28.40 31.17
CA TYR B 38 -17.77 -27.79 31.56
C TYR B 38 -16.51 -28.44 31.00
N PHE B 39 -16.59 -29.70 30.63
CA PHE B 39 -15.46 -30.43 30.09
C PHE B 39 -15.71 -30.90 28.67
N SER B 40 -16.49 -30.14 27.93
CA SER B 40 -16.91 -30.49 26.59
C SER B 40 -15.76 -30.76 25.65
N LYS B 41 -14.62 -30.11 25.82
CA LYS B 41 -13.52 -30.33 24.92
C LYS B 41 -13.00 -31.74 25.03
N TRP B 42 -13.02 -32.30 26.22
CA TRP B 42 -12.47 -33.61 26.38
C TRP B 42 -13.42 -34.64 25.82
N TYR B 43 -14.72 -34.31 25.82
CA TYR B 43 -15.65 -35.27 25.27
C TYR B 43 -15.54 -35.27 23.76
N LEU B 44 -15.27 -34.10 23.20
CA LEU B 44 -15.08 -33.94 21.76
C LEU B 44 -13.81 -34.62 21.28
N LYS B 45 -12.76 -34.58 22.10
CA LYS B 45 -11.51 -35.26 21.77
C LYS B 45 -11.67 -36.76 21.95
N GLY B 46 -12.57 -37.18 22.84
CA GLY B 46 -12.77 -38.60 23.11
C GLY B 46 -11.88 -39.10 24.23
N LEU B 47 -11.45 -38.19 25.09
CA LEU B 47 -10.57 -38.48 26.18
C LEU B 47 -11.26 -38.50 27.53
N ARG B 48 -12.57 -38.39 27.54
CA ARG B 48 -13.30 -38.34 28.80
C ARG B 48 -14.58 -39.16 28.76
N SER B 49 -14.82 -39.87 29.86
CA SER B 49 -16.01 -40.68 30.08
C SER B 49 -17.12 -39.87 30.76
N SER B 50 -18.35 -40.42 30.78
CA SER B 50 -19.51 -39.82 31.44
C SER B 50 -19.32 -39.86 32.97
N LYS B 71 -7.81 -23.34 46.69
CA LYS B 71 -8.95 -23.50 47.59
C LYS B 71 -10.10 -24.11 46.78
N PHE B 72 -10.69 -23.31 45.88
CA PHE B 72 -11.77 -23.62 44.96
C PHE B 72 -11.39 -22.90 43.70
N LEU B 73 -10.25 -22.22 43.80
CA LEU B 73 -9.64 -21.45 42.75
C LEU B 73 -8.44 -22.17 42.21
N ASN B 74 -8.36 -23.45 42.50
CA ASN B 74 -7.26 -24.28 42.10
C ASN B 74 -7.22 -24.52 40.61
N TRP B 75 -8.29 -24.15 39.94
CA TRP B 75 -8.35 -24.28 38.51
C TRP B 75 -7.40 -23.30 37.88
N MET B 76 -7.04 -22.22 38.59
CA MET B 76 -6.14 -21.26 38.00
C MET B 76 -4.76 -21.91 37.77
N PRO B 77 -4.04 -22.40 38.78
CA PRO B 77 -2.83 -23.13 38.59
C PRO B 77 -2.96 -24.26 37.60
N GLU B 78 -4.11 -24.95 37.54
CA GLU B 78 -4.19 -26.05 36.57
C GLU B 78 -4.20 -25.54 35.15
N ALA B 79 -4.85 -24.41 34.91
CA ALA B 79 -4.93 -23.87 33.57
C ALA B 79 -3.54 -23.56 33.05
N LEU B 80 -2.65 -23.17 33.95
CA LEU B 80 -1.29 -22.81 33.57
C LEU B 80 -0.32 -23.97 33.44
N LYS B 81 -0.74 -25.20 33.71
CA LYS B 81 0.20 -26.30 33.64
C LYS B 81 0.44 -26.92 32.28
N MET B 82 -0.44 -26.75 31.32
CA MET B 82 -0.20 -27.38 30.03
C MET B 82 0.82 -26.53 29.25
N PRO B 83 1.94 -27.07 28.76
CA PRO B 83 2.94 -26.37 27.99
C PRO B 83 2.32 -25.82 26.73
N GLU B 84 2.80 -24.68 26.25
CA GLU B 84 2.21 -24.16 25.03
C GLU B 84 2.19 -25.17 23.88
N PRO B 85 3.25 -25.91 23.55
CA PRO B 85 3.25 -26.89 22.48
C PRO B 85 2.17 -27.95 22.62
N GLU B 86 1.75 -28.25 23.84
CA GLU B 86 0.74 -29.27 24.01
C GLU B 86 -0.60 -28.64 23.79
N LEU B 87 -0.71 -27.36 24.09
CA LEU B 87 -1.94 -26.66 23.91
C LEU B 87 -2.17 -26.47 22.42
N ILE B 88 -1.09 -26.27 21.68
CA ILE B 88 -1.27 -26.11 20.25
C ILE B 88 -1.85 -27.39 19.68
N ASP B 89 -1.33 -28.55 20.07
CA ASP B 89 -1.90 -29.79 19.55
C ASP B 89 -3.28 -30.14 20.13
N HIS B 90 -3.52 -29.78 21.39
CA HIS B 90 -4.79 -30.04 22.04
C HIS B 90 -5.92 -29.16 21.54
N ALA B 91 -5.72 -27.85 21.59
CA ALA B 91 -6.72 -26.87 21.22
C ALA B 91 -6.65 -26.40 19.79
N GLY B 92 -5.45 -26.25 19.25
CA GLY B 92 -5.26 -25.71 17.91
C GLY B 92 -4.40 -24.45 17.93
N LEU B 93 -3.87 -24.08 16.77
CA LEU B 93 -3.00 -22.91 16.75
C LEU B 93 -3.79 -21.64 16.85
N ASP B 94 -4.93 -21.52 16.18
CA ASP B 94 -5.66 -20.27 16.32
C ASP B 94 -6.03 -19.96 17.74
N SER B 95 -6.39 -20.98 18.51
CA SER B 95 -6.76 -20.74 19.88
C SER B 95 -5.58 -20.26 20.68
N VAL B 96 -4.40 -20.85 20.45
CA VAL B 96 -3.21 -20.41 21.16
C VAL B 96 -2.78 -19.01 20.79
N VAL B 97 -2.78 -18.69 19.51
CA VAL B 97 -2.37 -17.36 19.10
C VAL B 97 -3.30 -16.31 19.65
N TYR B 98 -4.59 -16.57 19.65
CA TYR B 98 -5.55 -15.65 20.25
C TYR B 98 -5.21 -15.38 21.70
N LEU B 99 -4.97 -16.42 22.47
CA LEU B 99 -4.68 -16.28 23.86
C LEU B 99 -3.43 -15.42 24.10
N ARG B 100 -2.46 -15.54 23.21
CA ARG B 100 -1.22 -14.78 23.30
C ARG B 100 -1.43 -13.29 23.12
N ILE B 101 -2.59 -12.86 22.67
CA ILE B 101 -2.87 -11.45 22.51
C ILE B 101 -3.00 -10.83 23.91
N TYR B 102 -3.58 -11.56 24.86
CA TYR B 102 -3.72 -11.02 26.20
C TYR B 102 -2.32 -10.89 26.80
N TRP B 103 -1.46 -11.83 26.45
CA TRP B 103 -0.06 -11.77 26.87
C TRP B 103 0.62 -10.56 26.23
N LEU B 104 0.32 -10.29 24.96
CA LEU B 104 0.88 -9.13 24.28
C LEU B 104 0.50 -7.89 25.04
N GLY B 105 -0.75 -7.80 25.46
CA GLY B 105 -1.19 -6.64 26.20
C GLY B 105 -0.37 -6.43 27.46
N LEU B 106 -0.08 -7.49 28.21
CA LEU B 106 0.72 -7.28 29.39
C LEU B 106 2.13 -6.86 29.04
N LYS B 107 2.72 -7.42 27.99
CA LYS B 107 4.07 -7.02 27.60
C LYS B 107 4.18 -5.58 27.17
N ILE B 108 3.18 -5.08 26.47
CA ILE B 108 3.18 -3.70 26.01
C ILE B 108 2.91 -2.74 27.13
N PHE B 109 1.91 -3.01 27.95
CA PHE B 109 1.54 -2.02 28.94
C PHE B 109 2.17 -2.11 30.29
N THR B 110 2.62 -3.26 30.77
CA THR B 110 3.16 -3.23 32.12
C THR B 110 4.24 -2.17 32.29
N PRO B 111 5.32 -2.07 31.47
CA PRO B 111 6.32 -1.05 31.56
C PRO B 111 5.84 0.35 31.26
N ILE B 112 4.71 0.51 30.57
CA ILE B 112 4.19 1.82 30.27
C ILE B 112 3.53 2.34 31.51
N ALA B 113 2.77 1.49 32.17
CA ALA B 113 2.12 1.91 33.39
C ALA B 113 3.15 2.31 34.41
N VAL B 114 4.25 1.59 34.47
CA VAL B 114 5.29 1.89 35.41
C VAL B 114 6.04 3.16 35.10
N LEU B 115 6.43 3.36 33.85
CA LEU B 115 7.18 4.55 33.55
C LEU B 115 6.28 5.76 33.58
N ALA B 116 5.05 5.64 33.09
CA ALA B 116 4.15 6.79 33.08
C ALA B 116 3.91 7.26 34.49
N TRP B 117 3.76 6.32 35.40
CA TRP B 117 3.58 6.72 36.76
C TRP B 117 4.81 7.42 37.30
N ALA B 118 5.97 6.82 37.12
CA ALA B 118 7.17 7.39 37.67
C ALA B 118 7.51 8.76 37.11
N VAL B 119 7.27 8.99 35.83
CA VAL B 119 7.61 10.25 35.19
C VAL B 119 6.50 11.30 35.11
N LEU B 120 5.29 10.90 34.76
CA LEU B 120 4.23 11.89 34.59
C LEU B 120 3.35 12.17 35.81
N VAL B 121 3.19 11.20 36.77
CA VAL B 121 2.36 11.39 37.97
C VAL B 121 3.24 12.06 39.03
N MET B 157 8.65 22.65 30.25
CA MET B 157 9.21 21.38 30.70
C MET B 157 8.23 20.22 30.48
N ARG B 158 6.96 20.37 30.95
CA ARG B 158 5.92 19.34 30.88
C ARG B 158 5.58 19.02 29.44
N PHE B 159 5.62 20.02 28.60
CA PHE B 159 5.33 19.83 27.20
C PHE B 159 6.29 18.81 26.61
N TRP B 160 7.58 19.03 26.86
CA TRP B 160 8.59 18.14 26.32
C TRP B 160 8.60 16.80 27.02
N THR B 161 8.21 16.75 28.28
CA THR B 161 8.15 15.48 28.97
C THR B 161 7.14 14.61 28.26
N HIS B 162 6.00 15.18 27.88
CA HIS B 162 4.97 14.42 27.21
C HIS B 162 5.43 13.94 25.84
N ILE B 163 6.19 14.75 25.10
CA ILE B 163 6.69 14.29 23.82
C ILE B 163 7.67 13.15 24.00
N VAL B 164 8.58 13.24 24.95
CA VAL B 164 9.54 12.17 25.15
C VAL B 164 8.86 10.90 25.51
N MET B 165 7.88 10.97 26.40
CA MET B 165 7.15 9.80 26.79
C MET B 165 6.40 9.22 25.60
N ALA B 166 5.83 10.05 24.74
CA ALA B 166 5.16 9.50 23.58
C ALA B 166 6.12 8.67 22.73
N TYR B 167 7.36 9.12 22.59
CA TYR B 167 8.32 8.32 21.85
C TYR B 167 8.70 7.08 22.60
N ALA B 168 8.88 7.16 23.90
CA ALA B 168 9.25 5.98 24.64
C ALA B 168 8.20 4.91 24.51
N PHE B 169 6.93 5.30 24.54
CA PHE B 169 5.83 4.38 24.48
C PHE B 169 5.69 3.79 23.10
N THR B 170 5.85 4.61 22.07
CA THR B 170 5.74 4.14 20.70
C THR B 170 6.83 3.17 20.36
N ILE B 171 8.04 3.46 20.78
CA ILE B 171 9.15 2.59 20.48
C ILE B 171 9.00 1.28 21.19
N TRP B 172 8.65 1.30 22.46
CA TRP B 172 8.46 0.05 23.14
C TRP B 172 7.39 -0.76 22.49
N THR B 173 6.26 -0.14 22.16
CA THR B 173 5.19 -0.89 21.57
C THR B 173 5.63 -1.50 20.26
N CYS B 174 6.31 -0.73 19.41
CA CYS B 174 6.73 -1.27 18.13
C CYS B 174 7.72 -2.40 18.31
N TYR B 175 8.63 -2.30 19.25
CA TYR B 175 9.59 -3.34 19.53
C TYR B 175 8.89 -4.62 19.91
N VAL B 176 7.94 -4.52 20.83
CA VAL B 176 7.24 -5.70 21.26
C VAL B 176 6.47 -6.29 20.11
N LEU B 177 5.82 -5.48 19.29
CA LEU B 177 5.08 -6.03 18.17
C LEU B 177 5.96 -6.70 17.17
N MET B 178 7.16 -6.17 16.94
CA MET B 178 8.07 -6.76 15.99
C MET B 178 8.45 -8.15 16.43
N LYS B 179 8.74 -8.30 17.71
CA LYS B 179 9.11 -9.58 18.23
C LYS B 179 7.95 -10.54 18.21
N GLU B 180 6.74 -10.06 18.46
CA GLU B 180 5.62 -10.95 18.43
C GLU B 180 5.38 -11.41 17.02
N TYR B 181 5.53 -10.53 16.04
CA TYR B 181 5.20 -10.90 14.67
C TYR B 181 6.16 -11.99 14.24
N GLU B 182 7.43 -11.89 14.62
CA GLU B 182 8.38 -12.92 14.29
C GLU B 182 8.01 -14.25 14.92
N THR B 183 7.62 -14.23 16.18
CA THR B 183 7.23 -15.43 16.91
C THR B 183 6.03 -16.11 16.31
N ILE B 184 5.02 -15.35 15.94
CA ILE B 184 3.82 -15.96 15.42
C ILE B 184 4.15 -16.56 14.08
N ALA B 185 4.94 -15.85 13.25
CA ALA B 185 5.30 -16.37 11.95
C ALA B 185 6.04 -17.69 12.06
N ASN B 186 6.90 -17.82 13.05
CA ASN B 186 7.60 -19.09 13.18
C ASN B 186 6.66 -20.18 13.63
N MET B 187 5.70 -19.87 14.50
CA MET B 187 4.77 -20.91 14.92
C MET B 187 3.93 -21.35 13.77
N ARG B 188 3.55 -20.41 12.90
CA ARG B 188 2.72 -20.77 11.78
C ARG B 188 3.45 -21.66 10.83
N LEU B 189 4.70 -21.36 10.55
CA LEU B 189 5.42 -22.17 9.61
C LEU B 189 5.64 -23.57 10.15
N GLN B 190 5.94 -23.72 11.44
CA GLN B 190 6.15 -25.06 11.93
C GLN B 190 4.86 -25.84 12.00
N PHE B 191 3.78 -25.17 12.35
CA PHE B 191 2.50 -25.80 12.45
C PHE B 191 2.07 -26.34 11.14
N VAL B 192 2.20 -25.53 10.09
CA VAL B 192 1.79 -25.97 8.79
C VAL B 192 2.66 -27.11 8.31
N ALA B 193 3.97 -27.04 8.51
CA ALA B 193 4.83 -28.12 8.05
C ALA B 193 4.46 -29.46 8.64
N SER B 194 4.04 -29.48 9.89
CA SER B 194 3.67 -30.69 10.61
C SER B 194 2.20 -31.06 10.51
N GLU B 195 1.40 -30.26 9.84
CA GLU B 195 -0.03 -30.47 9.75
C GLU B 195 -0.37 -31.73 8.96
N ALA B 196 -1.33 -32.48 9.47
CA ALA B 196 -1.82 -33.71 8.84
C ALA B 196 -2.52 -33.41 7.54
N ARG B 197 -2.49 -34.37 6.63
CA ARG B 197 -3.13 -34.19 5.34
C ARG B 197 -4.57 -33.77 5.48
N ARG B 198 -4.93 -32.79 4.67
CA ARG B 198 -6.24 -32.23 4.67
C ARG B 198 -6.53 -31.79 3.23
N PRO B 199 -7.75 -31.91 2.67
CA PRO B 199 -8.08 -31.58 1.30
C PRO B 199 -7.71 -30.21 0.80
N ASP B 200 -7.71 -29.20 1.64
CA ASP B 200 -7.38 -27.89 1.14
C ASP B 200 -5.93 -27.73 0.79
N GLN B 201 -5.09 -28.63 1.26
CA GLN B 201 -3.68 -28.49 0.97
C GLN B 201 -3.40 -28.66 -0.50
N PHE B 202 -4.30 -29.34 -1.21
CA PHE B 202 -4.18 -29.65 -2.61
C PHE B 202 -5.22 -28.93 -3.44
N THR B 203 -6.00 -28.04 -2.83
CA THR B 203 -7.13 -27.50 -3.58
C THR B 203 -7.23 -26.01 -3.61
N VAL B 204 -7.60 -25.49 -4.77
CA VAL B 204 -7.83 -24.09 -4.92
C VAL B 204 -9.24 -23.84 -5.38
N LEU B 205 -9.76 -22.70 -5.04
CA LEU B 205 -11.09 -22.32 -5.47
C LEU B 205 -10.98 -21.35 -6.61
N VAL B 206 -11.63 -21.70 -7.70
CA VAL B 206 -11.63 -20.92 -8.90
C VAL B 206 -12.93 -20.17 -9.01
N ARG B 207 -12.86 -18.86 -9.14
CA ARG B 207 -14.05 -18.04 -9.25
C ARG B 207 -14.10 -17.29 -10.55
N ASN B 208 -15.31 -16.95 -10.95
CA ASN B 208 -15.55 -16.19 -12.14
C ASN B 208 -15.00 -16.85 -13.38
N VAL B 209 -15.37 -18.11 -13.55
CA VAL B 209 -15.01 -18.85 -14.73
C VAL B 209 -15.84 -18.19 -15.81
N PRO B 210 -15.28 -17.70 -16.90
CA PRO B 210 -16.01 -16.98 -17.89
C PRO B 210 -16.98 -17.92 -18.54
N PRO B 211 -18.09 -17.43 -19.08
CA PRO B 211 -19.11 -18.15 -19.77
C PRO B 211 -18.67 -18.58 -21.13
N ASP B 212 -19.35 -19.57 -21.64
CA ASP B 212 -19.17 -20.06 -22.99
C ASP B 212 -20.51 -20.58 -23.44
N ALA B 213 -20.86 -20.27 -24.68
CA ALA B 213 -22.12 -20.72 -25.21
C ALA B 213 -22.22 -22.23 -25.37
N ASP B 214 -21.12 -22.89 -25.71
CA ASP B 214 -21.21 -24.30 -25.98
C ASP B 214 -20.77 -25.20 -24.84
N GLU B 215 -19.78 -24.76 -24.07
CA GLU B 215 -19.23 -25.61 -23.03
C GLU B 215 -19.78 -25.34 -21.66
N SER B 216 -19.90 -26.39 -20.87
CA SER B 216 -20.40 -26.30 -19.51
C SER B 216 -19.31 -25.81 -18.62
N VAL B 217 -19.64 -25.43 -17.39
CA VAL B 217 -18.61 -24.98 -16.51
C VAL B 217 -17.62 -26.07 -16.27
N SER B 218 -18.10 -27.29 -16.10
CA SER B 218 -17.19 -28.38 -15.84
C SER B 218 -16.22 -28.57 -16.97
N GLU B 219 -16.69 -28.52 -18.20
CA GLU B 219 -15.81 -28.68 -19.34
C GLU B 219 -14.80 -27.57 -19.45
N LEU B 220 -15.20 -26.33 -19.16
CA LEU B 220 -14.27 -25.23 -19.24
C LEU B 220 -13.19 -25.34 -18.22
N VAL B 221 -13.53 -25.77 -17.01
CA VAL B 221 -12.55 -25.92 -15.97
C VAL B 221 -11.61 -27.05 -16.28
N GLU B 222 -12.10 -28.19 -16.70
CA GLU B 222 -11.20 -29.28 -16.97
C GLU B 222 -10.24 -28.93 -18.07
N HIS B 223 -10.74 -28.30 -19.12
CA HIS B 223 -9.88 -27.95 -20.23
C HIS B 223 -8.84 -26.95 -19.81
N PHE B 224 -9.23 -25.89 -19.13
CA PHE B 224 -8.28 -24.86 -18.75
C PHE B 224 -7.15 -25.45 -17.95
N PHE B 225 -7.47 -26.27 -16.97
CA PHE B 225 -6.41 -26.80 -16.13
C PHE B 225 -5.58 -27.86 -16.81
N LEU B 226 -6.14 -28.70 -17.67
CA LEU B 226 -5.29 -29.65 -18.36
C LEU B 226 -4.31 -28.95 -19.27
N VAL B 227 -4.71 -27.83 -19.85
CA VAL B 227 -3.81 -27.09 -20.71
C VAL B 227 -2.78 -26.28 -19.96
N ASN B 228 -3.17 -25.57 -18.90
CA ASN B 228 -2.25 -24.67 -18.23
C ASN B 228 -1.51 -25.24 -17.04
N HIS B 229 -1.98 -26.35 -16.47
CA HIS B 229 -1.31 -27.03 -15.37
C HIS B 229 -1.31 -28.53 -15.66
N PRO B 230 -0.77 -28.98 -16.82
CA PRO B 230 -0.86 -30.30 -17.38
C PRO B 230 -0.22 -31.41 -16.61
N ASP B 231 0.72 -31.09 -15.76
CA ASP B 231 1.42 -32.11 -15.03
C ASP B 231 0.75 -32.47 -13.73
N HIS B 232 0.02 -31.53 -13.13
CA HIS B 232 -0.50 -31.80 -11.82
C HIS B 232 -2.00 -31.75 -11.69
N TYR B 233 -2.71 -31.26 -12.67
CA TYR B 233 -4.15 -31.23 -12.46
C TYR B 233 -4.67 -32.62 -12.22
N LEU B 234 -5.49 -32.79 -11.17
CA LEU B 234 -6.00 -34.10 -10.86
C LEU B 234 -7.49 -34.26 -11.05
N THR B 235 -8.26 -33.37 -10.43
CA THR B 235 -9.71 -33.49 -10.44
C THR B 235 -10.40 -32.21 -10.05
N HIS B 236 -11.68 -32.06 -10.40
CA HIS B 236 -12.36 -30.86 -9.96
C HIS B 236 -13.81 -31.13 -9.61
N GLN B 237 -14.36 -30.27 -8.77
CA GLN B 237 -15.75 -30.33 -8.38
C GLN B 237 -16.42 -28.99 -8.56
N VAL B 238 -17.39 -28.94 -9.44
CA VAL B 238 -18.09 -27.71 -9.78
C VAL B 238 -19.06 -27.29 -8.70
N VAL B 239 -19.09 -25.99 -8.41
CA VAL B 239 -19.96 -25.42 -7.41
C VAL B 239 -21.42 -25.39 -7.86
N CYS B 240 -22.29 -25.91 -7.02
CA CYS B 240 -23.72 -25.98 -7.27
C CYS B 240 -24.50 -25.13 -6.29
N ASN B 241 -25.52 -24.45 -6.77
CA ASN B 241 -26.41 -23.67 -5.96
C ASN B 241 -27.51 -24.55 -5.45
N ALA B 242 -27.39 -24.95 -4.21
CA ALA B 242 -28.32 -25.85 -3.59
C ALA B 242 -28.87 -25.19 -2.37
N ASN B 243 -28.97 -23.86 -2.42
CA ASN B 243 -29.47 -23.15 -1.25
C ASN B 243 -30.91 -23.44 -0.92
N LYS B 244 -31.75 -23.67 -1.92
CA LYS B 244 -33.14 -23.96 -1.60
C LYS B 244 -33.24 -25.30 -0.93
N LEU B 245 -32.50 -26.26 -1.44
CA LEU B 245 -32.55 -27.58 -0.89
C LEU B 245 -32.02 -27.58 0.51
N ALA B 246 -30.92 -26.88 0.74
CA ALA B 246 -30.34 -26.84 2.06
C ALA B 246 -31.29 -26.21 3.05
N ASP B 247 -32.04 -25.17 2.65
CA ASP B 247 -32.98 -24.58 3.58
C ASP B 247 -34.12 -25.51 3.90
N LEU B 248 -34.59 -26.28 2.91
CA LEU B 248 -35.68 -27.19 3.18
C LEU B 248 -35.22 -28.26 4.15
N VAL B 249 -34.01 -28.73 4.00
CA VAL B 249 -33.53 -29.75 4.89
C VAL B 249 -33.40 -29.21 6.31
N LYS B 250 -32.88 -28.01 6.48
CA LYS B 250 -32.78 -27.44 7.83
C LYS B 250 -34.15 -27.24 8.45
N LYS B 251 -35.12 -26.80 7.66
CA LYS B 251 -36.47 -26.62 8.16
C LYS B 251 -37.04 -27.95 8.62
N LYS B 252 -36.79 -29.01 7.85
CA LYS B 252 -37.27 -30.32 8.23
C LYS B 252 -36.70 -30.72 9.57
N LYS B 253 -35.42 -30.45 9.81
CA LYS B 253 -34.83 -30.79 11.10
C LYS B 253 -35.52 -30.04 12.24
N LYS B 254 -35.85 -28.77 12.04
CA LYS B 254 -36.53 -28.02 13.09
C LYS B 254 -37.91 -28.60 13.36
N LEU B 255 -38.62 -29.00 12.31
CA LEU B 255 -39.92 -29.60 12.48
C LEU B 255 -39.80 -30.91 13.19
N GLN B 256 -38.75 -31.67 12.90
CA GLN B 256 -38.58 -32.94 13.56
C GLN B 256 -38.34 -32.73 15.04
N ASN B 257 -37.61 -31.68 15.42
CA ASN B 257 -37.39 -31.46 16.83
C ASN B 257 -38.70 -31.18 17.53
N TRP B 258 -39.59 -30.42 16.88
CA TRP B 258 -40.88 -30.17 17.50
C TRP B 258 -41.71 -31.41 17.61
N LEU B 259 -41.65 -32.28 16.62
CA LEU B 259 -42.42 -33.48 16.72
C LEU B 259 -41.89 -34.34 17.86
N ASP B 260 -40.57 -34.43 18.01
CA ASP B 260 -40.00 -35.24 19.07
C ASP B 260 -40.37 -34.68 20.44
N TYR B 261 -40.40 -33.35 20.53
CA TYR B 261 -40.78 -32.64 21.75
C TYR B 261 -42.18 -33.00 22.18
N TYR B 262 -43.11 -32.92 21.24
CA TYR B 262 -44.48 -33.20 21.57
C TYR B 262 -44.71 -34.66 21.83
N GLN B 263 -43.95 -35.53 21.18
CA GLN B 263 -44.12 -36.94 21.47
C GLN B 263 -43.64 -37.26 22.90
N LEU B 264 -42.51 -36.69 23.33
CA LEU B 264 -42.01 -36.94 24.68
C LEU B 264 -42.95 -36.39 25.73
N LYS B 265 -43.56 -35.26 25.43
CA LYS B 265 -44.52 -34.61 26.32
C LYS B 265 -45.91 -35.30 26.39
N TYR B 266 -46.21 -36.27 25.47
CA TYR B 266 -47.48 -36.95 25.31
C TYR B 266 -47.31 -38.38 25.79
N ALA B 290 -51.76 -31.90 18.23
CA ALA B 290 -50.51 -31.25 17.79
C ALA B 290 -49.53 -32.22 17.08
N ILE B 291 -49.62 -33.55 17.37
CA ILE B 291 -48.79 -34.60 16.80
C ILE B 291 -49.10 -34.76 15.32
N GLU B 292 -50.39 -34.75 14.99
CA GLU B 292 -50.83 -34.90 13.62
C GLU B 292 -50.37 -33.71 12.79
N HIS B 293 -50.38 -32.53 13.41
CA HIS B 293 -49.95 -31.30 12.76
C HIS B 293 -48.50 -31.41 12.36
N TYR B 294 -47.63 -31.80 13.29
CA TYR B 294 -46.24 -31.88 12.94
C TYR B 294 -45.94 -33.02 12.01
N ILE B 295 -46.67 -34.12 12.07
CA ILE B 295 -46.41 -35.16 11.12
C ILE B 295 -46.76 -34.66 9.74
N ALA B 296 -47.89 -33.97 9.59
CA ALA B 296 -48.25 -33.45 8.29
C ALA B 296 -47.20 -32.51 7.75
N GLU B 297 -46.59 -31.68 8.61
CA GLU B 297 -45.58 -30.76 8.10
C GLU B 297 -44.36 -31.53 7.64
N ILE B 298 -44.01 -32.62 8.34
CA ILE B 298 -42.88 -33.43 7.93
C ILE B 298 -43.15 -34.08 6.58
N ASP B 299 -44.35 -34.62 6.37
CA ASP B 299 -44.56 -35.24 5.08
C ASP B 299 -44.57 -34.23 3.95
N LYS B 300 -45.15 -33.05 4.17
CA LYS B 300 -45.17 -32.08 3.10
C LYS B 300 -43.79 -31.61 2.74
N ILE B 301 -42.95 -31.38 3.75
CA ILE B 301 -41.62 -30.89 3.45
C ILE B 301 -40.80 -31.97 2.83
N SER B 302 -41.02 -33.24 3.22
CA SER B 302 -40.25 -34.31 2.63
C SER B 302 -40.53 -34.38 1.14
N LYS B 303 -41.79 -34.14 0.75
CA LYS B 303 -42.13 -34.15 -0.66
C LYS B 303 -41.43 -33.00 -1.39
N GLU B 304 -41.36 -31.83 -0.77
CA GLU B 304 -40.67 -30.69 -1.38
C GLU B 304 -39.18 -30.98 -1.52
N ILE B 305 -38.60 -31.65 -0.54
CA ILE B 305 -37.19 -31.99 -0.57
C ILE B 305 -36.91 -32.96 -1.67
N SER B 306 -37.72 -33.98 -1.83
CA SER B 306 -37.49 -34.94 -2.89
C SER B 306 -37.57 -34.27 -4.26
N LYS B 307 -38.60 -33.45 -4.46
CA LYS B 307 -38.76 -32.76 -5.72
C LYS B 307 -37.59 -31.83 -5.98
N GLU B 308 -37.14 -31.11 -4.95
CA GLU B 308 -36.05 -30.18 -5.10
C GLU B 308 -34.77 -30.93 -5.40
N ARG B 309 -34.54 -32.09 -4.79
CA ARG B 309 -33.32 -32.78 -5.14
C ARG B 309 -33.29 -33.09 -6.62
N GLU B 310 -34.41 -33.51 -7.20
CA GLU B 310 -34.36 -33.80 -8.62
C GLU B 310 -34.07 -32.55 -9.45
N GLU B 311 -34.69 -31.44 -9.08
CA GLU B 311 -34.48 -30.23 -9.86
C GLU B 311 -33.10 -29.63 -9.68
N VAL B 312 -32.52 -29.64 -8.50
CA VAL B 312 -31.23 -29.00 -8.37
C VAL B 312 -30.16 -29.80 -9.08
N VAL B 313 -30.26 -31.11 -9.06
CA VAL B 313 -29.29 -31.94 -9.71
C VAL B 313 -29.32 -31.84 -11.23
N ASN B 314 -30.51 -31.82 -11.83
CA ASN B 314 -30.62 -31.78 -13.28
C ASN B 314 -30.91 -30.39 -13.90
N ASP B 315 -30.82 -29.33 -13.11
CA ASP B 315 -31.09 -27.97 -13.58
C ASP B 315 -29.80 -27.22 -13.92
N PRO B 316 -29.49 -26.90 -15.17
CA PRO B 316 -28.24 -26.28 -15.58
C PRO B 316 -28.05 -24.90 -14.97
N LYS B 317 -29.12 -24.28 -14.47
CA LYS B 317 -28.99 -22.95 -13.91
C LYS B 317 -28.54 -23.01 -12.46
N ALA B 318 -28.42 -24.23 -11.94
CA ALA B 318 -27.95 -24.42 -10.59
C ALA B 318 -26.44 -24.48 -10.60
N ILE B 319 -25.82 -24.43 -11.78
CA ILE B 319 -24.37 -24.51 -11.82
C ILE B 319 -23.75 -23.14 -11.87
N MET B 320 -22.88 -22.89 -10.91
CA MET B 320 -22.22 -21.63 -10.80
C MET B 320 -20.92 -21.68 -11.57
N PRO B 321 -20.42 -20.58 -12.11
CA PRO B 321 -19.15 -20.49 -12.77
C PRO B 321 -18.00 -20.45 -11.78
N ALA B 322 -17.87 -21.51 -11.02
CA ALA B 322 -16.85 -21.66 -10.02
C ALA B 322 -16.61 -23.13 -9.79
N ALA B 323 -15.42 -23.46 -9.34
CA ALA B 323 -15.10 -24.84 -9.05
C ALA B 323 -13.98 -25.01 -8.06
N PHE B 324 -13.98 -26.13 -7.38
CA PHE B 324 -12.88 -26.49 -6.54
C PHE B 324 -11.97 -27.37 -7.36
N VAL B 325 -10.74 -26.94 -7.53
CA VAL B 325 -9.78 -27.65 -8.37
C VAL B 325 -8.65 -28.25 -7.57
N SER B 326 -8.49 -29.55 -7.68
CA SER B 326 -7.49 -30.25 -6.92
C SER B 326 -6.33 -30.69 -7.78
N PHE B 327 -5.15 -30.68 -7.18
CA PHE B 327 -3.92 -31.06 -7.82
C PHE B 327 -3.26 -32.22 -7.14
N LYS B 328 -2.42 -32.93 -7.88
CA LYS B 328 -1.66 -34.06 -7.39
C LYS B 328 -0.71 -33.73 -6.26
N THR B 329 -0.14 -32.53 -6.25
CA THR B 329 0.82 -32.16 -5.23
C THR B 329 0.45 -30.85 -4.58
N ARG B 330 1.07 -30.57 -3.43
CA ARG B 330 0.87 -29.33 -2.73
C ARG B 330 1.62 -28.26 -3.45
N TRP B 331 2.74 -28.64 -4.05
CA TRP B 331 3.53 -27.69 -4.80
C TRP B 331 2.69 -27.10 -5.90
N ALA B 332 1.98 -27.95 -6.66
CA ALA B 332 1.17 -27.44 -7.74
C ALA B 332 0.03 -26.59 -7.27
N ALA B 333 -0.61 -26.97 -6.17
CA ALA B 333 -1.69 -26.15 -5.68
C ALA B 333 -1.16 -24.79 -5.29
N ALA B 334 0.04 -24.74 -4.70
CA ALA B 334 0.65 -23.49 -4.30
C ALA B 334 0.95 -22.60 -5.47
N VAL B 335 1.40 -23.19 -6.57
CA VAL B 335 1.67 -22.42 -7.75
C VAL B 335 0.43 -21.83 -8.29
N CYS B 336 -0.63 -22.61 -8.37
CA CYS B 336 -1.87 -22.10 -8.90
C CYS B 336 -2.44 -21.01 -8.02
N ALA B 337 -2.49 -21.24 -6.72
CA ALA B 337 -3.06 -20.30 -5.78
C ALA B 337 -2.35 -18.96 -5.74
N GLN B 338 -1.06 -18.95 -5.97
CA GLN B 338 -0.28 -17.74 -5.89
C GLN B 338 -0.02 -17.02 -7.21
N THR B 339 -0.58 -17.49 -8.33
CA THR B 339 -0.29 -16.83 -9.60
C THR B 339 -1.54 -16.41 -10.38
N GLN B 340 -1.34 -15.43 -11.27
CA GLN B 340 -2.39 -14.98 -12.16
C GLN B 340 -2.50 -15.98 -13.28
N GLN B 341 -3.72 -16.39 -13.61
CA GLN B 341 -3.89 -17.43 -14.59
C GLN B 341 -4.13 -16.94 -15.99
N THR B 342 -4.87 -15.86 -16.14
CA THR B 342 -5.17 -15.36 -17.47
C THR B 342 -4.83 -13.90 -17.55
N ARG B 343 -4.90 -13.31 -18.74
CA ARG B 343 -4.54 -11.90 -18.90
C ARG B 343 -5.53 -10.95 -18.30
N ASN B 344 -6.77 -11.36 -18.16
CA ASN B 344 -7.78 -10.56 -17.54
C ASN B 344 -7.76 -10.86 -16.04
N PRO B 345 -7.29 -9.97 -15.17
CA PRO B 345 -7.07 -10.18 -13.77
C PRO B 345 -8.34 -10.40 -12.98
N THR B 346 -9.50 -10.18 -13.59
CA THR B 346 -10.74 -10.35 -12.87
C THR B 346 -11.42 -11.68 -13.16
N GLN B 347 -10.82 -12.52 -14.00
CA GLN B 347 -11.39 -13.82 -14.38
C GLN B 347 -10.51 -14.97 -13.98
N TRP B 348 -11.10 -16.16 -13.80
CA TRP B 348 -10.33 -17.34 -13.40
C TRP B 348 -9.51 -17.01 -12.20
N LEU B 349 -10.16 -16.50 -11.19
CA LEU B 349 -9.50 -16.06 -9.99
C LEU B 349 -9.20 -17.23 -9.14
N THR B 350 -7.99 -17.31 -8.63
CA THR B 350 -7.67 -18.47 -7.84
C THR B 350 -7.17 -18.11 -6.46
N GLU B 351 -7.69 -18.81 -5.47
CA GLU B 351 -7.30 -18.64 -4.08
C GLU B 351 -7.29 -19.99 -3.42
N TRP B 352 -6.64 -20.15 -2.29
CA TRP B 352 -6.68 -21.45 -1.65
C TRP B 352 -8.06 -21.78 -1.18
N ALA B 353 -8.49 -23.02 -1.36
CA ALA B 353 -9.79 -23.41 -0.90
C ALA B 353 -9.79 -23.44 0.62
N PRO B 354 -10.89 -23.14 1.30
CA PRO B 354 -11.07 -23.34 2.71
C PRO B 354 -11.12 -24.82 2.96
N GLU B 355 -10.80 -25.26 4.16
CA GLU B 355 -11.00 -26.65 4.52
C GLU B 355 -12.47 -26.90 4.28
N PRO B 356 -12.96 -28.06 3.81
CA PRO B 356 -14.36 -28.32 3.57
C PRO B 356 -15.31 -27.95 4.71
N ARG B 357 -14.88 -28.00 5.98
CA ARG B 357 -15.77 -27.65 7.08
C ARG B 357 -15.83 -26.15 7.35
N ASP B 358 -14.99 -25.40 6.66
CA ASP B 358 -14.84 -23.96 6.78
C ASP B 358 -15.46 -23.28 5.60
N VAL B 359 -16.18 -24.02 4.78
CA VAL B 359 -16.76 -23.41 3.60
C VAL B 359 -18.12 -22.88 3.93
N PHE B 360 -18.35 -21.62 3.62
CA PHE B 360 -19.64 -21.07 3.89
C PHE B 360 -20.41 -21.23 2.62
N TRP B 361 -21.01 -22.41 2.49
CA TRP B 361 -21.61 -22.88 1.25
C TRP B 361 -22.64 -21.96 0.68
N SER B 362 -23.36 -21.24 1.52
CA SER B 362 -24.40 -20.36 1.02
C SER B 362 -23.88 -19.24 0.16
N ASN B 363 -22.66 -18.77 0.38
CA ASN B 363 -22.21 -17.64 -0.40
C ASN B 363 -21.52 -18.03 -1.66
N LEU B 364 -21.42 -19.31 -1.94
CA LEU B 364 -20.79 -19.69 -3.18
C LEU B 364 -21.79 -19.50 -4.29
N ALA B 365 -23.04 -19.26 -3.94
CA ALA B 365 -24.10 -19.05 -4.90
C ALA B 365 -24.19 -17.60 -5.34
N ILE B 366 -23.38 -16.71 -4.77
CA ILE B 366 -23.43 -15.31 -5.14
C ILE B 366 -22.61 -15.09 -6.38
N PRO B 367 -23.16 -14.54 -7.47
CA PRO B 367 -22.40 -14.33 -8.67
C PRO B 367 -21.30 -13.40 -8.31
N TYR B 368 -20.10 -13.71 -8.74
CA TYR B 368 -18.91 -12.98 -8.39
C TYR B 368 -19.01 -11.50 -8.62
N VAL B 369 -19.56 -11.11 -9.75
CA VAL B 369 -19.58 -9.72 -10.08
C VAL B 369 -20.42 -8.86 -9.15
N SER B 370 -21.35 -9.44 -8.42
CA SER B 370 -22.22 -8.67 -7.54
C SER B 370 -21.53 -8.31 -6.26
N LEU B 371 -20.37 -8.88 -6.00
CA LEU B 371 -19.69 -8.67 -4.74
C LEU B 371 -19.27 -7.23 -4.57
N THR B 372 -18.94 -6.55 -5.65
CA THR B 372 -18.54 -5.18 -5.53
C THR B 372 -19.70 -4.32 -5.04
N VAL B 373 -20.88 -4.55 -5.58
CA VAL B 373 -22.02 -3.74 -5.21
C VAL B 373 -22.40 -4.06 -3.78
N ARG B 374 -22.37 -5.34 -3.41
CA ARG B 374 -22.73 -5.75 -2.07
C ARG B 374 -21.84 -5.10 -1.03
N ARG B 375 -20.54 -5.01 -1.29
CA ARG B 375 -19.70 -4.35 -0.33
C ARG B 375 -20.03 -2.88 -0.23
N LEU B 376 -20.33 -2.22 -1.35
CA LEU B 376 -20.66 -0.81 -1.27
C LEU B 376 -21.90 -0.57 -0.44
N ILE B 377 -22.91 -1.41 -0.60
CA ILE B 377 -24.14 -1.25 0.15
C ILE B 377 -23.89 -1.41 1.62
N MET B 378 -23.10 -2.39 2.01
CA MET B 378 -22.77 -2.59 3.40
C MET B 378 -21.91 -1.48 3.97
N HIS B 379 -21.13 -0.78 3.16
CA HIS B 379 -20.38 0.32 3.73
C HIS B 379 -21.37 1.42 4.09
N VAL B 380 -22.39 1.60 3.25
CA VAL B 380 -23.42 2.58 3.54
C VAL B 380 -24.26 2.15 4.73
N ALA B 381 -24.63 0.88 4.82
CA ALA B 381 -25.39 0.41 5.95
C ALA B 381 -24.59 0.57 7.24
N PHE B 382 -23.26 0.37 7.18
CA PHE B 382 -22.39 0.54 8.33
C PHE B 382 -22.43 1.97 8.75
N PHE B 383 -22.34 2.90 7.79
CA PHE B 383 -22.42 4.30 8.14
C PHE B 383 -23.66 4.57 8.94
N PHE B 384 -24.80 4.09 8.48
CA PHE B 384 -26.01 4.35 9.21
C PHE B 384 -26.01 3.69 10.56
N LEU B 385 -25.49 2.49 10.68
CA LEU B 385 -25.46 1.84 11.98
C LEU B 385 -24.65 2.68 12.96
N THR B 386 -23.49 3.16 12.53
CA THR B 386 -22.57 3.96 13.34
C THR B 386 -23.21 5.27 13.75
N PHE B 387 -23.86 5.91 12.79
CA PHE B 387 -24.57 7.16 12.96
C PHE B 387 -25.76 7.05 13.92
N PHE B 388 -26.62 6.09 13.73
CA PHE B 388 -27.79 6.01 14.57
C PHE B 388 -27.44 5.59 15.97
N PHE B 389 -26.35 4.85 16.14
CA PHE B 389 -25.94 4.35 17.42
C PHE B 389 -25.42 5.47 18.31
N ILE B 390 -25.22 6.65 17.75
CA ILE B 390 -24.78 7.77 18.53
C ILE B 390 -25.82 8.03 19.60
N VAL B 391 -27.10 7.85 19.30
CA VAL B 391 -28.12 8.13 20.29
C VAL B 391 -27.96 7.30 21.58
N PRO B 392 -27.88 5.95 21.59
CA PRO B 392 -27.55 5.15 22.75
C PRO B 392 -26.29 5.60 23.47
N ILE B 393 -25.29 6.07 22.72
CA ILE B 393 -24.08 6.53 23.40
C ILE B 393 -24.37 7.79 24.16
N ALA B 394 -25.10 8.71 23.54
CA ALA B 394 -25.44 9.96 24.19
C ALA B 394 -26.26 9.69 25.43
N PHE B 395 -27.14 8.71 25.37
CA PHE B 395 -27.93 8.35 26.53
C PHE B 395 -27.01 7.94 27.68
N VAL B 396 -26.07 7.06 27.40
CA VAL B 396 -25.16 6.60 28.43
C VAL B 396 -24.37 7.76 29.00
N GLN B 397 -23.95 8.69 28.16
CA GLN B 397 -23.22 9.82 28.71
C GLN B 397 -24.13 10.74 29.53
N SER B 398 -25.41 10.81 29.25
CA SER B 398 -26.32 11.61 30.07
C SER B 398 -26.27 11.06 31.49
N LEU B 399 -26.22 9.74 31.59
CA LEU B 399 -26.21 9.02 32.86
C LEU B 399 -24.88 9.17 33.59
N ALA B 400 -23.93 9.92 33.03
CA ALA B 400 -22.65 10.17 33.65
C ALA B 400 -22.79 10.95 34.94
N THR B 401 -23.88 11.68 35.12
CA THR B 401 -24.03 12.45 36.34
C THR B 401 -25.21 11.94 37.13
N ILE B 402 -25.27 12.26 38.41
CA ILE B 402 -26.38 11.76 39.19
C ILE B 402 -27.70 12.39 38.76
N GLU B 403 -27.65 13.63 38.29
CA GLU B 403 -28.87 14.26 37.85
C GLU B 403 -29.40 13.55 36.62
N GLY B 404 -28.51 13.18 35.69
CA GLY B 404 -28.93 12.45 34.50
C GLY B 404 -29.54 11.11 34.88
N ILE B 405 -28.98 10.48 35.91
CA ILE B 405 -29.47 9.20 36.37
C ILE B 405 -30.87 9.27 36.92
N VAL B 406 -31.16 10.26 37.76
CA VAL B 406 -32.51 10.35 38.29
C VAL B 406 -33.49 10.86 37.25
N LYS B 407 -33.06 11.70 36.31
CA LYS B 407 -34.00 12.14 35.30
C LYS B 407 -34.39 10.97 34.41
N ALA B 408 -33.43 10.14 34.04
CA ALA B 408 -33.69 8.97 33.22
C ALA B 408 -34.47 7.90 33.98
N ALA B 409 -34.22 7.81 35.27
CA ALA B 409 -34.82 6.80 36.12
C ALA B 409 -35.26 7.36 37.48
N PRO B 410 -36.36 8.13 37.56
CA PRO B 410 -36.86 8.86 38.72
C PRO B 410 -37.13 7.97 39.93
N PHE B 411 -37.34 6.70 39.67
CA PHE B 411 -37.62 5.76 40.73
C PHE B 411 -36.39 5.50 41.59
N LEU B 412 -35.22 5.95 41.15
CA LEU B 412 -34.01 5.75 41.92
C LEU B 412 -33.79 6.87 42.90
N LYS B 413 -34.58 7.93 42.87
CA LYS B 413 -34.29 9.05 43.76
C LYS B 413 -34.21 8.66 45.21
N PHE B 414 -35.09 7.78 45.66
CA PHE B 414 -35.15 7.43 47.07
C PHE B 414 -33.88 6.74 47.59
N ILE B 415 -33.04 6.21 46.68
CA ILE B 415 -31.83 5.54 47.12
C ILE B 415 -30.54 6.20 46.66
N VAL B 416 -30.57 7.44 46.16
CA VAL B 416 -29.31 8.04 45.74
C VAL B 416 -28.87 9.13 46.67
N ASP B 417 -29.57 9.26 47.79
CA ASP B 417 -29.17 10.21 48.81
C ASP B 417 -28.18 9.49 49.72
N ASP B 418 -28.28 8.17 49.73
CA ASP B 418 -27.41 7.32 50.51
C ASP B 418 -26.07 7.30 49.83
N LYS B 419 -25.04 7.74 50.53
CA LYS B 419 -23.71 7.85 49.94
C LYS B 419 -23.22 6.55 49.31
N PHE B 420 -23.50 5.42 49.94
CA PHE B 420 -22.97 4.18 49.41
C PHE B 420 -23.62 3.84 48.09
N MET B 421 -24.94 3.93 48.04
CA MET B 421 -25.65 3.59 46.82
C MET B 421 -25.41 4.58 45.75
N LYS B 422 -25.17 5.82 46.11
CA LYS B 422 -24.92 6.79 45.08
C LYS B 422 -23.71 6.35 44.30
N SER B 423 -22.66 5.89 44.99
CA SER B 423 -21.45 5.42 44.34
C SER B 423 -21.68 4.14 43.56
N VAL B 424 -22.50 3.23 44.06
CA VAL B 424 -22.72 1.99 43.34
C VAL B 424 -23.45 2.24 42.02
N ILE B 425 -24.48 3.07 42.04
CA ILE B 425 -25.24 3.37 40.85
C ILE B 425 -24.42 4.20 39.89
N GLN B 426 -23.75 5.22 40.38
CA GLN B 426 -22.91 6.07 39.55
C GLN B 426 -21.83 5.29 38.83
N GLY B 427 -21.29 4.27 39.47
CA GLY B 427 -20.27 3.42 38.91
C GLY B 427 -20.84 2.43 37.88
N PHE B 428 -21.68 1.52 38.36
CA PHE B 428 -22.21 0.44 37.54
C PHE B 428 -23.28 0.76 36.52
N LEU B 429 -24.18 1.70 36.79
CA LEU B 429 -25.28 1.88 35.87
C LEU B 429 -24.90 2.25 34.45
N PRO B 430 -24.12 3.31 34.14
CA PRO B 430 -23.76 3.61 32.77
C PRO B 430 -22.86 2.55 32.15
N GLY B 431 -22.12 1.80 32.98
CA GLY B 431 -21.28 0.73 32.49
C GLY B 431 -22.14 -0.37 31.89
N ILE B 432 -23.13 -0.78 32.65
CA ILE B 432 -24.06 -1.82 32.26
C ILE B 432 -24.93 -1.38 31.12
N ALA B 433 -25.43 -0.15 31.17
CA ALA B 433 -26.28 0.31 30.09
C ALA B 433 -25.58 0.27 28.76
N LEU B 434 -24.30 0.64 28.73
CA LEU B 434 -23.60 0.60 27.46
C LEU B 434 -23.40 -0.82 27.00
N LYS B 435 -23.06 -1.70 27.94
CA LYS B 435 -22.84 -3.08 27.61
C LYS B 435 -24.09 -3.72 27.04
N LEU B 436 -25.26 -3.37 27.56
CA LEU B 436 -26.49 -3.91 26.99
C LEU B 436 -26.78 -3.38 25.60
N PHE B 437 -26.53 -2.10 25.34
CA PHE B 437 -26.84 -1.58 24.02
C PHE B 437 -25.99 -2.23 22.96
N LEU B 438 -24.76 -2.55 23.30
CA LEU B 438 -23.82 -3.16 22.38
C LEU B 438 -23.96 -4.66 22.29
N ALA B 439 -24.84 -5.26 23.07
CA ALA B 439 -24.97 -6.70 23.15
C ALA B 439 -25.29 -7.37 21.83
N PHE B 440 -26.05 -6.72 20.96
CA PHE B 440 -26.42 -7.35 19.72
C PHE B 440 -25.61 -6.86 18.57
N LEU B 441 -24.65 -6.01 18.84
CA LEU B 441 -23.87 -5.46 17.79
C LEU B 441 -23.15 -6.51 16.97
N PRO B 442 -22.47 -7.53 17.54
CA PRO B 442 -21.77 -8.50 16.76
C PRO B 442 -22.69 -9.39 15.95
N SER B 443 -23.99 -9.48 16.28
CA SER B 443 -24.85 -10.31 15.47
C SER B 443 -25.13 -9.53 14.22
N ILE B 444 -25.30 -8.23 14.36
CA ILE B 444 -25.58 -7.39 13.23
C ILE B 444 -24.40 -7.38 12.32
N LEU B 445 -23.21 -7.23 12.88
CA LEU B 445 -22.04 -7.16 12.05
C LEU B 445 -21.78 -8.47 11.34
N MET B 446 -22.06 -9.61 11.97
CA MET B 446 -21.90 -10.87 11.28
C MET B 446 -22.89 -10.99 10.14
N ILE B 447 -24.11 -10.48 10.28
CA ILE B 447 -25.08 -10.52 9.20
C ILE B 447 -24.58 -9.70 8.04
N MET B 448 -24.06 -8.52 8.32
CA MET B 448 -23.54 -7.70 7.27
C MET B 448 -22.40 -8.39 6.55
N SER B 449 -21.52 -9.04 7.29
CA SER B 449 -20.39 -9.73 6.71
C SER B 449 -20.86 -10.85 5.79
N LYS B 450 -21.89 -11.59 6.19
CA LYS B 450 -22.41 -12.63 5.33
C LYS B 450 -23.01 -12.06 4.05
N PHE B 451 -23.71 -10.93 4.14
CA PHE B 451 -24.30 -10.27 2.97
C PHE B 451 -23.24 -9.97 1.94
N GLU B 452 -22.08 -9.54 2.41
CA GLU B 452 -20.96 -9.16 1.55
C GLU B 452 -20.44 -10.31 0.70
N GLY B 453 -20.75 -11.55 1.03
CA GLY B 453 -20.33 -12.66 0.18
C GLY B 453 -19.05 -13.40 0.49
N PHE B 454 -18.54 -13.33 1.70
CA PHE B 454 -17.33 -14.08 1.99
C PHE B 454 -17.67 -15.56 2.01
N THR B 455 -16.75 -16.40 1.53
CA THR B 455 -17.02 -17.81 1.38
C THR B 455 -16.44 -18.75 2.42
N SER B 456 -15.98 -18.22 3.52
CA SER B 456 -15.46 -19.09 4.54
C SER B 456 -15.75 -18.55 5.89
N ILE B 457 -15.76 -19.45 6.86
CA ILE B 457 -16.08 -19.01 8.20
C ILE B 457 -14.96 -18.16 8.71
N SER B 458 -13.73 -18.55 8.46
CA SER B 458 -12.63 -17.75 8.95
C SER B 458 -12.62 -16.35 8.36
N SER B 459 -13.04 -16.18 7.11
CA SER B 459 -13.07 -14.84 6.53
C SER B 459 -14.18 -14.01 7.10
N LEU B 460 -15.32 -14.64 7.37
CA LEU B 460 -16.43 -13.91 7.93
C LEU B 460 -16.11 -13.42 9.33
N GLU B 461 -15.42 -14.20 10.15
CA GLU B 461 -15.08 -13.73 11.47
C GLU B 461 -14.06 -12.62 11.42
N ARG B 462 -13.12 -12.68 10.49
CA ARG B 462 -12.15 -11.61 10.40
C ARG B 462 -12.79 -10.31 9.97
N ARG B 463 -13.78 -10.35 9.08
CA ARG B 463 -14.43 -9.10 8.69
C ARG B 463 -15.33 -8.58 9.77
N ALA B 464 -16.01 -9.45 10.49
CA ALA B 464 -16.83 -8.94 11.55
C ALA B 464 -15.94 -8.27 12.58
N ALA B 465 -14.75 -8.83 12.86
CA ALA B 465 -13.85 -8.22 13.82
C ALA B 465 -13.41 -6.85 13.35
N PHE B 466 -13.15 -6.71 12.07
CA PHE B 466 -12.75 -5.45 11.46
C PHE B 466 -13.80 -4.39 11.64
N ARG B 467 -15.04 -4.72 11.31
CA ARG B 467 -16.07 -3.73 11.43
C ARG B 467 -16.34 -3.39 12.87
N TYR B 468 -16.26 -4.35 13.76
CA TYR B 468 -16.52 -4.09 15.15
C TYR B 468 -15.47 -3.12 15.64
N TYR B 469 -14.21 -3.31 15.27
CA TYR B 469 -13.13 -2.42 15.68
C TYR B 469 -13.41 -0.99 15.28
N ILE B 470 -13.81 -0.77 14.03
CA ILE B 470 -14.09 0.59 13.60
C ILE B 470 -15.25 1.13 14.38
N PHE B 471 -16.27 0.34 14.59
CA PHE B 471 -17.41 0.78 15.35
C PHE B 471 -16.94 1.23 16.72
N ASN B 472 -16.12 0.44 17.41
CA ASN B 472 -15.70 0.88 18.73
C ASN B 472 -14.91 2.15 18.68
N LEU B 473 -14.08 2.33 17.68
CA LEU B 473 -13.32 3.55 17.62
C LEU B 473 -14.23 4.76 17.55
N VAL B 474 -15.25 4.70 16.70
CA VAL B 474 -16.13 5.84 16.54
C VAL B 474 -17.21 5.97 17.59
N ASN B 475 -17.94 4.91 17.88
CA ASN B 475 -19.06 4.98 18.80
C ASN B 475 -18.75 4.80 20.26
N VAL B 476 -17.71 4.09 20.62
CA VAL B 476 -17.53 3.90 22.02
C VAL B 476 -16.49 4.88 22.47
N PHE B 477 -15.38 4.96 21.76
CA PHE B 477 -14.39 5.89 22.21
C PHE B 477 -14.67 7.33 21.78
N LEU B 478 -14.63 7.66 20.49
CA LEU B 478 -14.78 9.08 20.18
C LEU B 478 -16.12 9.66 20.51
N ALA B 479 -17.20 8.95 20.23
CA ALA B 479 -18.50 9.49 20.54
C ALA B 479 -18.70 9.71 22.02
N SER B 480 -18.13 8.89 22.89
CA SER B 480 -18.36 9.11 24.31
C SER B 480 -17.64 10.35 24.73
N VAL B 481 -16.45 10.55 24.19
CA VAL B 481 -15.66 11.70 24.54
C VAL B 481 -16.31 13.01 24.07
N ILE B 482 -16.79 13.01 22.84
CA ILE B 482 -17.44 14.17 22.26
C ILE B 482 -18.77 14.46 22.93
N ALA B 483 -19.59 13.43 23.13
CA ALA B 483 -20.88 13.62 23.78
C ALA B 483 -20.64 14.15 25.17
N GLY B 484 -19.60 13.68 25.81
CA GLY B 484 -19.25 14.13 27.12
C GLY B 484 -19.09 15.63 27.13
N ALA B 485 -18.26 16.14 26.22
CA ALA B 485 -18.04 17.57 26.13
C ALA B 485 -19.34 18.33 25.83
N ALA B 486 -20.19 17.74 24.99
CA ALA B 486 -21.48 18.35 24.66
C ALA B 486 -22.40 18.52 25.89
N PHE B 487 -22.38 17.57 26.86
CA PHE B 487 -23.18 17.59 28.09
C PHE B 487 -22.46 18.47 29.11
N ILE B 505 -11.66 18.35 21.68
CA ILE B 505 -11.38 16.92 21.88
C ILE B 505 -10.23 16.73 22.86
N GLY B 506 -9.30 17.68 22.87
CA GLY B 506 -8.19 17.57 23.77
C GLY B 506 -8.66 17.49 25.21
N VAL B 507 -9.37 18.50 25.69
CA VAL B 507 -9.85 18.49 27.07
C VAL B 507 -10.91 17.42 27.31
N ALA B 508 -11.70 17.14 26.29
CA ALA B 508 -12.73 16.15 26.41
C ALA B 508 -12.17 14.79 26.77
N ILE B 509 -10.97 14.45 26.29
CA ILE B 509 -10.43 13.14 26.60
C ILE B 509 -10.10 12.91 28.07
N PRO B 510 -9.25 13.69 28.78
CA PRO B 510 -8.97 13.50 30.18
C PRO B 510 -10.21 13.45 31.03
N MET B 511 -11.26 14.19 30.65
CA MET B 511 -12.47 14.19 31.46
C MET B 511 -13.22 12.86 31.50
N LYS B 512 -12.94 11.96 30.57
CA LYS B 512 -13.59 10.68 30.54
C LYS B 512 -12.76 9.53 30.99
N ALA B 513 -11.57 9.77 31.54
CA ALA B 513 -10.82 8.61 31.96
C ALA B 513 -11.61 7.82 32.98
N THR B 514 -12.33 8.48 33.88
CA THR B 514 -13.09 7.79 34.90
C THR B 514 -14.18 6.92 34.31
N PHE B 515 -14.87 7.44 33.31
CA PHE B 515 -15.90 6.65 32.65
C PHE B 515 -15.32 5.39 32.09
N PHE B 516 -14.21 5.50 31.38
CA PHE B 516 -13.66 4.32 30.79
C PHE B 516 -13.21 3.36 31.87
N ILE B 517 -12.72 3.84 32.99
CA ILE B 517 -12.32 2.96 34.07
C ILE B 517 -13.47 2.16 34.63
N THR B 518 -14.62 2.78 34.89
CA THR B 518 -15.71 1.98 35.43
C THR B 518 -16.25 1.04 34.37
N TYR B 519 -16.19 1.45 33.10
CA TYR B 519 -16.63 0.61 32.00
C TYR B 519 -15.79 -0.65 31.95
N ILE B 520 -14.46 -0.51 32.05
CA ILE B 520 -13.54 -1.64 32.02
C ILE B 520 -13.81 -2.57 33.18
N MET B 521 -14.04 -2.06 34.36
CA MET B 521 -14.31 -2.97 35.44
C MET B 521 -15.61 -3.78 35.23
N VAL B 522 -16.64 -3.19 34.64
CA VAL B 522 -17.89 -3.93 34.41
C VAL B 522 -17.81 -4.87 33.22
N ASP B 523 -17.31 -4.37 32.09
CA ASP B 523 -17.19 -5.11 30.85
C ASP B 523 -16.04 -6.10 30.83
N GLY B 524 -14.96 -5.73 31.46
CA GLY B 524 -13.73 -6.48 31.46
C GLY B 524 -13.65 -7.42 32.63
N TRP B 525 -13.41 -6.89 33.81
CA TRP B 525 -13.18 -7.74 34.98
C TRP B 525 -14.35 -8.64 35.31
N ALA B 526 -15.50 -8.04 35.58
CA ALA B 526 -16.69 -8.82 35.92
C ALA B 526 -17.14 -9.65 34.75
N GLY B 527 -16.93 -9.13 33.56
CA GLY B 527 -17.34 -9.78 32.34
C GLY B 527 -16.69 -11.12 32.17
N VAL B 528 -15.36 -11.18 32.16
CA VAL B 528 -14.74 -12.48 31.92
C VAL B 528 -14.97 -13.41 33.07
N ALA B 529 -15.03 -12.88 34.28
CA ALA B 529 -15.26 -13.73 35.41
C ALA B 529 -16.60 -14.44 35.30
N GLY B 530 -17.62 -13.78 34.75
CA GLY B 530 -18.92 -14.43 34.62
C GLY B 530 -18.95 -15.40 33.45
N GLU B 531 -18.12 -15.16 32.44
CA GLU B 531 -18.10 -16.03 31.28
C GLU B 531 -17.71 -17.43 31.66
N ILE B 532 -16.86 -17.58 32.67
CA ILE B 532 -16.44 -18.91 33.04
C ILE B 532 -17.63 -19.76 33.56
N LEU B 533 -18.69 -19.12 34.12
CA LEU B 533 -19.86 -19.88 34.59
C LEU B 533 -20.53 -20.47 33.41
N MET B 534 -20.51 -19.72 32.34
CA MET B 534 -21.05 -20.19 31.09
C MET B 534 -22.49 -20.66 31.25
N LEU B 535 -23.30 -19.77 31.78
CA LEU B 535 -24.67 -20.05 32.09
C LEU B 535 -25.51 -20.32 30.88
N LYS B 536 -25.24 -19.68 29.75
CA LYS B 536 -26.11 -19.94 28.63
C LYS B 536 -26.07 -21.42 28.22
N PRO B 537 -24.91 -22.05 27.90
CA PRO B 537 -24.80 -23.47 27.69
C PRO B 537 -25.38 -24.30 28.82
N LEU B 538 -25.27 -23.92 30.10
CA LEU B 538 -25.93 -24.80 31.05
C LEU B 538 -27.42 -24.83 30.85
N ILE B 539 -27.99 -23.67 30.59
CA ILE B 539 -29.42 -23.62 30.44
C ILE B 539 -29.86 -24.34 29.21
N MET B 540 -29.19 -24.11 28.09
CA MET B 540 -29.67 -24.78 26.89
C MET B 540 -29.41 -26.26 26.94
N PHE B 541 -28.34 -26.67 27.61
CA PHE B 541 -28.02 -28.07 27.72
C PHE B 541 -29.08 -28.79 28.51
N HIS B 542 -29.47 -28.22 29.64
CA HIS B 542 -30.46 -28.89 30.43
C HIS B 542 -31.83 -28.85 29.81
N LEU B 543 -32.19 -27.78 29.09
CA LEU B 543 -33.49 -27.78 28.45
C LEU B 543 -33.53 -28.83 27.37
N LYS B 544 -32.44 -29.01 26.62
CA LYS B 544 -32.46 -30.03 25.61
C LYS B 544 -32.57 -31.39 26.23
N ASN B 545 -31.86 -31.65 27.31
CA ASN B 545 -31.97 -32.97 27.88
C ASN B 545 -33.35 -33.24 28.43
N ALA B 546 -33.97 -32.23 29.01
CA ALA B 546 -35.28 -32.42 29.56
C ALA B 546 -36.35 -32.65 28.52
N PHE B 547 -36.29 -31.94 27.38
CA PHE B 547 -37.38 -32.07 26.44
C PHE B 547 -37.11 -32.58 25.02
N LEU B 548 -35.89 -32.52 24.52
CA LEU B 548 -35.64 -32.93 23.14
C LEU B 548 -34.81 -34.19 23.03
N VAL B 549 -34.58 -34.88 24.13
CA VAL B 549 -33.79 -36.10 24.11
C VAL B 549 -34.62 -37.35 24.20
N LYS B 550 -34.44 -38.20 23.20
CA LYS B 550 -35.15 -39.47 23.13
C LYS B 550 -34.19 -40.60 23.43
N THR B 551 -32.93 -40.39 23.06
CA THR B 551 -31.86 -41.35 23.23
C THR B 551 -30.63 -40.69 23.76
N ASP B 552 -29.78 -41.46 24.42
CA ASP B 552 -28.56 -40.93 24.97
C ASP B 552 -27.62 -40.41 23.90
N LYS B 553 -27.76 -40.87 22.68
CA LYS B 553 -26.92 -40.40 21.59
C LYS B 553 -27.16 -38.91 21.32
N ASP B 554 -28.34 -38.41 21.66
CA ASP B 554 -28.74 -37.04 21.40
C ASP B 554 -27.97 -36.11 22.34
N ARG B 555 -27.42 -36.68 23.41
CA ARG B 555 -26.74 -35.90 24.42
C ARG B 555 -25.38 -35.46 23.89
N GLU B 556 -24.94 -36.05 22.78
CA GLU B 556 -23.68 -35.66 22.20
C GLU B 556 -23.89 -34.48 21.27
N GLU B 557 -25.16 -34.16 20.97
CA GLU B 557 -25.49 -33.06 20.08
C GLU B 557 -25.83 -31.84 20.93
N ALA B 558 -26.37 -32.10 22.13
CA ALA B 558 -26.70 -31.06 23.09
C ALA B 558 -25.41 -30.33 23.47
N MET B 559 -24.32 -31.07 23.46
CA MET B 559 -23.01 -30.58 23.78
C MET B 559 -22.35 -29.82 22.65
N ASP B 560 -22.76 -28.57 22.46
CA ASP B 560 -22.11 -27.73 21.47
C ASP B 560 -21.61 -26.47 22.18
N PRO B 561 -20.34 -26.42 22.59
CA PRO B 561 -19.75 -25.38 23.38
C PRO B 561 -19.44 -24.11 22.63
N GLY B 562 -19.55 -24.13 21.31
CA GLY B 562 -19.11 -22.97 20.57
C GLY B 562 -17.59 -22.96 20.47
N SER B 563 -17.04 -21.76 20.29
CA SER B 563 -15.64 -21.51 20.01
C SER B 563 -15.21 -20.24 20.71
N ILE B 564 -13.95 -19.84 20.57
CA ILE B 564 -13.47 -18.66 21.27
C ILE B 564 -14.17 -17.36 20.90
N GLY B 565 -14.73 -17.24 19.69
CA GLY B 565 -15.41 -16.00 19.35
C GLY B 565 -14.47 -14.94 18.88
N PHE B 566 -13.63 -15.23 17.91
CA PHE B 566 -12.67 -14.23 17.45
C PHE B 566 -13.36 -12.90 17.15
N ASN B 567 -14.52 -12.93 16.52
CA ASN B 567 -15.18 -11.70 16.13
C ASN B 567 -15.76 -10.89 17.27
N THR B 568 -15.85 -11.43 18.49
CA THR B 568 -16.36 -10.63 19.59
C THR B 568 -15.28 -10.38 20.63
N GLY B 569 -14.27 -11.24 20.67
CA GLY B 569 -13.17 -11.15 21.60
C GLY B 569 -12.09 -10.19 21.12
N GLU B 570 -11.69 -10.29 19.85
CA GLU B 570 -10.59 -9.48 19.41
C GLU B 570 -10.88 -7.99 19.52
N PRO B 571 -12.06 -7.47 19.15
CA PRO B 571 -12.42 -6.08 19.25
C PRO B 571 -12.45 -5.53 20.66
N ARG B 572 -12.54 -6.39 21.67
CA ARG B 572 -12.59 -5.90 23.03
C ARG B 572 -11.18 -5.65 23.45
N ILE B 573 -10.30 -6.55 23.05
CA ILE B 573 -8.92 -6.40 23.43
C ILE B 573 -8.41 -5.15 22.76
N GLN B 574 -8.73 -4.97 21.48
CA GLN B 574 -8.24 -3.82 20.77
C GLN B 574 -8.78 -2.52 21.32
N LEU B 575 -10.01 -2.48 21.83
CA LEU B 575 -10.48 -1.25 22.43
C LEU B 575 -9.66 -0.94 23.65
N TYR B 576 -9.35 -1.94 24.45
CA TYR B 576 -8.61 -1.64 25.65
C TYR B 576 -7.19 -1.23 25.31
N PHE B 577 -6.61 -1.78 24.23
CA PHE B 577 -5.28 -1.34 23.83
C PHE B 577 -5.33 0.11 23.43
N LEU B 578 -6.36 0.54 22.72
CA LEU B 578 -6.48 1.93 22.33
C LEU B 578 -6.61 2.82 23.54
N LEU B 579 -7.43 2.44 24.52
CA LEU B 579 -7.60 3.27 25.69
C LEU B 579 -6.30 3.36 26.44
N GLY B 580 -5.57 2.28 26.50
CA GLY B 580 -4.30 2.30 27.18
C GLY B 580 -3.36 3.27 26.50
N LEU B 581 -3.19 3.16 25.20
CA LEU B 581 -2.27 4.04 24.50
C LEU B 581 -2.69 5.49 24.53
N VAL B 582 -3.98 5.77 24.50
CA VAL B 582 -4.49 7.14 24.56
C VAL B 582 -4.36 7.76 25.93
N TYR B 583 -4.71 7.02 26.97
CA TYR B 583 -4.66 7.58 28.30
C TYR B 583 -3.32 7.47 28.98
N ALA B 584 -2.44 6.58 28.56
CA ALA B 584 -1.15 6.45 29.23
C ALA B 584 -0.41 7.77 29.43
N PRO B 585 -0.28 8.70 28.46
CA PRO B 585 0.38 9.96 28.66
C PRO B 585 -0.41 11.03 29.41
N VAL B 586 -1.70 10.80 29.70
CA VAL B 586 -2.50 11.83 30.34
C VAL B 586 -3.07 11.44 31.69
N THR B 587 -3.63 10.24 31.79
CA THR B 587 -4.23 9.75 33.02
C THR B 587 -3.83 8.30 33.28
N PRO B 588 -2.59 8.03 33.71
CA PRO B 588 -1.98 6.73 33.88
C PRO B 588 -2.72 5.81 34.83
N MET B 589 -3.61 6.34 35.68
CA MET B 589 -4.32 5.46 36.60
C MET B 589 -5.28 4.53 35.89
N LEU B 590 -5.56 4.77 34.62
CA LEU B 590 -6.38 3.88 33.83
C LEU B 590 -5.67 2.55 33.59
N LEU B 591 -4.36 2.61 33.36
CA LEU B 591 -3.63 1.44 32.93
C LEU B 591 -3.70 0.22 33.84
N PRO B 592 -3.65 0.30 35.17
CA PRO B 592 -3.77 -0.83 36.05
C PRO B 592 -5.10 -1.55 35.89
N PHE B 593 -6.11 -0.90 35.34
CA PHE B 593 -7.38 -1.55 35.19
C PHE B 593 -7.31 -2.45 33.98
N ILE B 594 -6.59 -2.00 32.93
CA ILE B 594 -6.48 -2.87 31.77
C ILE B 594 -5.48 -3.99 32.09
N LEU B 595 -4.46 -3.71 32.91
CA LEU B 595 -3.53 -4.79 33.22
C LEU B 595 -4.23 -5.90 33.97
N VAL B 596 -5.14 -5.57 34.88
CA VAL B 596 -5.88 -6.62 35.56
C VAL B 596 -6.72 -7.36 34.55
N PHE B 597 -7.38 -6.66 33.65
CA PHE B 597 -8.16 -7.33 32.63
C PHE B 597 -7.35 -8.29 31.82
N PHE B 598 -6.19 -7.89 31.32
CA PHE B 598 -5.45 -8.79 30.48
C PHE B 598 -5.04 -10.01 31.27
N ALA B 599 -4.61 -9.82 32.50
CA ALA B 599 -4.19 -10.96 33.30
C ALA B 599 -5.33 -11.90 33.63
N LEU B 600 -6.50 -11.36 33.95
CA LEU B 600 -7.62 -12.19 34.30
C LEU B 600 -8.16 -12.88 33.09
N ALA B 601 -8.27 -12.17 32.00
CA ALA B 601 -8.78 -12.75 30.79
C ALA B 601 -7.85 -13.84 30.34
N TYR B 602 -6.55 -13.68 30.49
CA TYR B 602 -5.65 -14.73 30.09
C TYR B 602 -5.95 -16.01 30.83
N ILE B 603 -6.07 -15.95 32.15
CA ILE B 603 -6.28 -17.20 32.88
C ILE B 603 -7.65 -17.80 32.64
N VAL B 604 -8.68 -16.98 32.50
CA VAL B 604 -10.00 -17.50 32.25
C VAL B 604 -10.05 -18.12 30.87
N TYR B 605 -9.50 -17.47 29.86
CA TYR B 605 -9.57 -18.07 28.55
C TYR B 605 -8.66 -19.22 28.40
N ARG B 606 -7.54 -19.26 29.09
CA ARG B 606 -6.71 -20.43 28.93
C ARG B 606 -7.49 -21.63 29.44
N HIS B 607 -8.22 -21.46 30.54
CA HIS B 607 -9.04 -22.52 31.05
C HIS B 607 -10.09 -22.94 30.07
N GLN B 608 -10.79 -21.99 29.46
CA GLN B 608 -11.84 -22.36 28.55
C GLN B 608 -11.30 -23.00 27.28
N ILE B 609 -10.15 -22.58 26.82
CA ILE B 609 -9.56 -23.18 25.64
C ILE B 609 -9.23 -24.63 25.88
N ILE B 610 -8.67 -24.94 27.05
CA ILE B 610 -8.34 -26.32 27.38
C ILE B 610 -9.55 -27.21 27.65
N ASN B 611 -10.52 -26.74 28.43
CA ASN B 611 -11.63 -27.59 28.79
C ASN B 611 -12.95 -27.44 28.07
N VAL B 612 -13.22 -26.29 27.47
CA VAL B 612 -14.54 -26.03 26.91
C VAL B 612 -14.69 -25.80 25.42
N TYR B 613 -13.90 -24.93 24.86
CA TYR B 613 -14.19 -24.53 23.51
C TYR B 613 -13.74 -25.47 22.45
N ASN B 614 -14.51 -25.56 21.38
CA ASN B 614 -14.13 -26.31 20.22
C ASN B 614 -13.51 -25.33 19.26
N GLN B 615 -13.06 -25.79 18.13
CA GLN B 615 -12.51 -24.90 17.15
C GLN B 615 -13.15 -25.31 15.84
N GLU B 616 -13.87 -24.37 15.22
CA GLU B 616 -14.64 -24.59 13.99
C GLU B 616 -13.83 -24.64 12.72
N TYR B 617 -12.69 -23.99 12.70
CA TYR B 617 -11.85 -23.98 11.55
C TYR B 617 -10.44 -23.80 12.05
N GLU B 618 -9.45 -24.20 11.29
CA GLU B 618 -8.07 -23.95 11.68
C GLU B 618 -7.41 -23.10 10.63
N SER B 619 -7.18 -21.83 10.93
CA SER B 619 -6.61 -20.95 9.95
C SER B 619 -5.12 -20.76 10.18
N ALA B 620 -4.57 -21.45 11.17
CA ALA B 620 -3.16 -21.39 11.50
C ALA B 620 -2.67 -19.98 11.69
N ALA B 621 -3.41 -19.21 12.46
CA ALA B 621 -3.13 -17.84 12.81
C ALA B 621 -3.05 -16.90 11.66
N ALA B 622 -3.84 -17.13 10.62
CA ALA B 622 -3.90 -16.26 9.46
C ALA B 622 -4.38 -14.88 9.79
N PHE B 623 -5.01 -14.71 10.93
CA PHE B 623 -5.54 -13.44 11.36
C PHE B 623 -4.48 -12.54 11.97
N TRP B 624 -3.29 -13.07 12.26
CA TRP B 624 -2.33 -12.25 12.95
C TRP B 624 -2.04 -10.92 12.30
N PRO B 625 -1.80 -10.80 10.98
CA PRO B 625 -1.52 -9.54 10.35
C PRO B 625 -2.58 -8.49 10.61
N ASP B 626 -3.82 -8.88 10.90
CA ASP B 626 -4.88 -7.93 11.14
C ASP B 626 -4.75 -7.43 12.54
N VAL B 627 -4.32 -8.30 13.44
CA VAL B 627 -4.15 -7.92 14.83
C VAL B 627 -3.03 -6.91 14.89
N HIS B 628 -1.96 -7.19 14.15
CA HIS B 628 -0.82 -6.31 14.11
C HIS B 628 -1.25 -4.96 13.57
N GLY B 629 -1.97 -4.94 12.45
CA GLY B 629 -2.37 -3.68 11.85
C GLY B 629 -3.23 -2.83 12.76
N ARG B 630 -4.12 -3.45 13.52
CA ARG B 630 -4.96 -2.68 14.43
C ARG B 630 -4.15 -2.02 15.52
N VAL B 631 -3.10 -2.67 16.01
CA VAL B 631 -2.31 -2.04 17.05
C VAL B 631 -1.61 -0.84 16.46
N ILE B 632 -1.09 -0.97 15.25
CA ILE B 632 -0.42 0.16 14.62
C ILE B 632 -1.40 1.29 14.45
N ALA B 633 -2.63 1.02 14.03
CA ALA B 633 -3.60 2.09 13.90
C ALA B 633 -3.83 2.74 15.24
N ALA B 634 -3.89 1.96 16.33
CA ALA B 634 -4.10 2.54 17.63
C ALA B 634 -2.96 3.46 18.02
N LEU B 635 -1.71 3.10 17.66
CA LEU B 635 -0.60 3.98 17.96
C LEU B 635 -0.72 5.29 17.22
N VAL B 636 -1.11 5.24 15.97
CA VAL B 636 -1.23 6.47 15.21
C VAL B 636 -2.33 7.34 15.76
N ILE B 637 -3.46 6.76 16.13
CA ILE B 637 -4.57 7.52 16.67
C ILE B 637 -4.15 8.19 17.96
N SER B 638 -3.46 7.48 18.84
CA SER B 638 -3.04 8.09 20.08
C SER B 638 -2.11 9.26 19.83
N GLN B 639 -1.19 9.11 18.90
CA GLN B 639 -0.23 10.18 18.60
C GLN B 639 -0.93 11.42 18.05
N LEU B 640 -1.93 11.24 17.19
CA LEU B 640 -2.66 12.38 16.67
C LEU B 640 -3.52 13.06 17.73
N LEU B 641 -4.10 12.28 18.64
CA LEU B 641 -4.90 12.88 19.70
C LEU B 641 -4.01 13.66 20.63
N LEU B 642 -2.78 13.17 20.85
CA LEU B 642 -1.85 13.87 21.70
C LEU B 642 -1.52 15.20 21.08
N MET B 643 -1.33 15.27 19.76
CA MET B 643 -1.03 16.58 19.17
C MET B 643 -2.10 17.58 19.50
N GLY B 644 -3.36 17.17 19.37
CA GLY B 644 -4.46 18.06 19.68
C GLY B 644 -4.43 18.55 21.13
N LEU B 645 -4.29 17.61 22.07
CA LEU B 645 -4.30 17.98 23.52
C LEU B 645 -3.03 18.75 23.86
N LEU B 646 -1.86 18.10 23.75
CA LEU B 646 -0.57 18.74 24.12
C LEU B 646 -0.42 20.09 23.41
N GLY B 647 -0.58 20.10 22.08
CA GLY B 647 -0.39 21.35 21.31
C GLY B 647 0.89 21.26 20.49
N THR B 648 1.04 22.14 19.50
CA THR B 648 2.24 22.12 18.60
C THR B 648 3.12 23.34 18.89
N ALA B 654 8.06 22.52 17.81
CA ALA B 654 7.86 21.16 18.35
C ALA B 654 7.10 20.23 17.40
N ALA B 655 6.42 20.79 16.36
CA ALA B 655 5.63 20.04 15.38
C ALA B 655 6.44 18.94 14.71
N PRO B 656 7.71 19.11 14.31
CA PRO B 656 8.47 18.05 13.71
C PRO B 656 8.55 16.78 14.57
N PHE B 657 8.43 16.90 15.89
CA PHE B 657 8.52 15.71 16.72
C PHE B 657 7.19 15.01 16.68
N LEU B 658 6.16 15.81 16.79
CA LEU B 658 4.83 15.28 16.79
C LEU B 658 4.44 14.67 15.45
N ILE B 659 4.95 15.23 14.36
CA ILE B 659 4.71 14.74 13.01
C ILE B 659 5.49 13.46 12.75
N ALA B 660 6.75 13.44 13.18
CA ALA B 660 7.56 12.27 12.98
C ALA B 660 6.98 11.06 13.66
N LEU B 661 6.37 11.19 14.82
CA LEU B 661 5.85 9.96 15.41
C LEU B 661 4.97 9.15 14.46
N PRO B 662 3.85 9.64 13.88
CA PRO B 662 3.08 8.93 12.90
C PRO B 662 3.87 8.44 11.69
N VAL B 663 4.85 9.20 11.25
CA VAL B 663 5.61 8.75 10.08
C VAL B 663 6.48 7.56 10.37
N LEU B 664 7.17 7.61 11.49
CA LEU B 664 8.06 6.56 11.90
C LEU B 664 7.27 5.31 12.24
N THR B 665 6.07 5.47 12.83
CA THR B 665 5.24 4.35 13.20
C THR B 665 4.81 3.61 11.93
N ILE B 666 4.44 4.36 10.90
CA ILE B 666 4.08 3.72 9.65
C ILE B 666 5.30 3.08 9.00
N GLY B 667 6.47 3.73 9.02
CA GLY B 667 7.64 3.11 8.43
C GLY B 667 7.94 1.76 9.07
N PHE B 668 7.75 1.65 10.38
CA PHE B 668 7.90 0.40 11.09
C PHE B 668 6.94 -0.63 10.54
N HIS B 669 5.69 -0.23 10.38
CA HIS B 669 4.69 -1.12 9.83
C HIS B 669 5.11 -1.66 8.48
N HIS B 670 5.65 -0.83 7.60
CA HIS B 670 6.06 -1.36 6.29
C HIS B 670 7.23 -2.30 6.40
N PHE B 671 8.15 -2.07 7.33
CA PHE B 671 9.22 -3.02 7.53
C PHE B 671 8.66 -4.38 7.86
N CYS B 672 7.74 -4.42 8.81
CA CYS B 672 7.14 -5.67 9.21
C CYS B 672 6.35 -6.32 8.09
N LYS B 673 5.64 -5.54 7.28
CA LYS B 673 4.94 -6.17 6.19
C LYS B 673 5.90 -6.85 5.25
N GLY B 674 7.01 -6.21 4.97
CA GLY B 674 7.97 -6.83 4.08
C GLY B 674 8.63 -8.06 4.67
N ARG B 675 8.96 -8.01 5.95
CA ARG B 675 9.71 -9.09 6.55
C ARG B 675 8.93 -10.25 7.16
N TYR B 676 7.79 -10.01 7.81
CA TYR B 676 7.09 -11.10 8.48
C TYR B 676 5.80 -11.47 7.84
N GLU B 677 5.10 -10.52 7.24
CA GLU B 677 3.80 -10.81 6.66
C GLU B 677 3.79 -12.00 5.68
N PRO B 678 4.80 -12.24 4.81
CA PRO B 678 4.84 -13.35 3.89
C PRO B 678 4.62 -14.70 4.56
N ALA B 679 4.92 -14.85 5.85
CA ALA B 679 4.70 -16.15 6.46
C ALA B 679 3.22 -16.49 6.51
N PHE B 680 2.37 -15.47 6.39
CA PHE B 680 0.93 -15.59 6.47
C PHE B 680 0.28 -15.49 5.09
N ILE B 681 0.93 -14.82 4.14
CA ILE B 681 0.32 -14.63 2.82
C ILE B 681 0.96 -15.29 1.58
N ARG B 682 2.03 -16.04 1.74
CA ARG B 682 2.69 -16.72 0.60
C ARG B 682 3.10 -18.10 1.11
N TYR B 683 3.05 -19.14 0.28
CA TYR B 683 3.45 -20.46 0.70
C TYR B 683 4.67 -20.83 -0.12
N PRO B 684 5.87 -20.87 0.47
CA PRO B 684 7.08 -21.12 -0.22
C PRO B 684 7.03 -22.40 -0.96
N LEU B 685 7.60 -22.43 -2.14
CA LEU B 685 7.60 -23.64 -2.91
C LEU B 685 8.43 -24.70 -2.27
N GLN B 686 9.52 -24.33 -1.61
CA GLN B 686 10.33 -25.31 -0.95
C GLN B 686 9.58 -26.03 0.15
N GLU B 687 8.72 -25.31 0.87
CA GLU B 687 8.01 -25.93 1.97
C GLU B 687 6.99 -26.89 1.43
N ALA B 688 6.35 -26.51 0.33
CA ALA B 688 5.38 -27.39 -0.28
C ALA B 688 6.04 -28.65 -0.78
N MET B 689 7.23 -28.51 -1.37
CA MET B 689 7.94 -29.66 -1.89
C MET B 689 8.36 -30.57 -0.79
N MET B 690 8.79 -30.04 0.36
CA MET B 690 9.18 -30.94 1.44
C MET B 690 8.02 -31.74 1.95
N LYS B 691 6.83 -31.14 2.09
CA LYS B 691 5.73 -31.95 2.57
C LYS B 691 5.39 -33.02 1.58
N ASP B 692 5.44 -32.70 0.29
CA ASP B 692 5.09 -33.67 -0.72
C ASP B 692 6.06 -34.83 -0.74
N THR B 693 7.34 -34.53 -0.57
CA THR B 693 8.35 -35.56 -0.60
C THR B 693 8.24 -36.48 0.58
N LEU B 694 8.05 -35.93 1.76
CA LEU B 694 7.96 -36.73 2.95
C LEU B 694 6.72 -37.57 2.96
N GLU B 695 5.60 -37.00 2.50
CA GLU B 695 4.37 -37.74 2.47
C GLU B 695 4.48 -38.91 1.53
N THR B 696 5.07 -38.71 0.36
CA THR B 696 5.15 -39.80 -0.57
C THR B 696 6.00 -40.90 0.01
N ALA B 697 7.11 -40.57 0.63
CA ALA B 697 7.96 -41.60 1.19
C ALA B 697 7.27 -42.38 2.31
N ARG B 698 6.53 -41.67 3.15
CA ARG B 698 5.82 -42.24 4.29
C ARG B 698 4.61 -43.09 3.91
N GLU B 699 3.84 -42.64 2.92
CA GLU B 699 2.64 -43.31 2.48
C GLU B 699 2.70 -43.54 0.96
N PRO B 700 3.53 -44.46 0.49
CA PRO B 700 3.85 -44.70 -0.90
C PRO B 700 2.68 -45.22 -1.72
N ASN B 701 1.66 -45.69 -1.04
CA ASN B 701 0.49 -46.24 -1.68
C ASN B 701 -0.77 -45.41 -1.47
N LEU B 702 -0.62 -44.13 -1.16
CA LEU B 702 -1.77 -43.26 -1.00
C LEU B 702 -2.53 -43.03 -2.29
N ASN B 703 -3.85 -43.22 -2.23
CA ASN B 703 -4.70 -42.95 -3.38
C ASN B 703 -5.21 -41.54 -3.21
N LEU B 704 -4.46 -40.59 -3.70
CA LEU B 704 -4.82 -39.22 -3.47
C LEU B 704 -6.09 -38.84 -4.17
N LYS B 705 -6.31 -39.46 -5.33
CA LYS B 705 -7.53 -39.02 -6.04
C LYS B 705 -8.72 -39.50 -5.28
N GLY B 706 -8.67 -40.70 -4.74
CA GLY B 706 -9.82 -41.17 -4.00
C GLY B 706 -10.11 -40.27 -2.82
N TYR B 707 -9.07 -39.80 -2.17
CA TYR B 707 -9.17 -38.91 -1.02
C TYR B 707 -9.82 -37.58 -1.36
N LEU B 708 -9.37 -36.95 -2.44
CA LEU B 708 -9.85 -35.63 -2.81
C LEU B 708 -11.09 -35.59 -3.69
N GLN B 709 -11.41 -36.68 -4.37
CA GLN B 709 -12.50 -36.68 -5.35
C GLN B 709 -13.85 -36.28 -4.84
N ASN B 710 -14.23 -36.62 -3.62
CA ASN B 710 -15.54 -36.22 -3.14
C ASN B 710 -15.47 -35.19 -2.06
N ALA B 711 -14.34 -34.52 -1.95
CA ALA B 711 -14.23 -33.45 -1.01
C ALA B 711 -14.92 -32.29 -1.66
N TYR B 712 -15.38 -31.35 -0.89
CA TYR B 712 -16.02 -30.16 -1.46
C TYR B 712 -17.30 -30.42 -2.23
N VAL B 713 -18.04 -31.42 -1.83
CA VAL B 713 -19.34 -31.69 -2.40
C VAL B 713 -20.30 -31.11 -1.40
N HIS B 714 -21.24 -30.30 -1.84
CA HIS B 714 -22.10 -29.66 -0.86
C HIS B 714 -22.68 -30.75 0.03
N PRO B 715 -22.64 -30.60 1.36
CA PRO B 715 -23.13 -31.52 2.36
C PRO B 715 -24.57 -31.94 2.21
N VAL B 716 -25.39 -31.13 1.55
CA VAL B 716 -26.77 -31.52 1.40
C VAL B 716 -26.88 -32.71 0.47
N PHE B 717 -25.95 -32.85 -0.48
CA PHE B 717 -25.96 -33.97 -1.40
C PHE B 717 -25.31 -35.22 -0.82
N LYS B 718 -24.23 -35.05 -0.02
CA LYS B 718 -23.48 -36.15 0.60
C LYS B 718 -24.39 -36.97 1.52
N ALA C 2 23.98 51.51 -33.42
CA ALA C 2 22.73 51.15 -32.75
C ALA C 2 21.50 51.71 -33.49
N GLU C 3 21.54 53.01 -33.84
CA GLU C 3 20.48 53.77 -34.52
C GLU C 3 20.19 53.28 -35.92
N LYS C 4 21.22 52.83 -36.64
CA LYS C 4 20.98 52.34 -37.99
C LYS C 4 20.00 51.17 -37.93
N PHE C 5 20.29 50.25 -37.02
CA PHE C 5 19.48 49.08 -36.82
C PHE C 5 18.12 49.45 -36.30
N LYS C 6 18.06 50.26 -35.27
CA LYS C 6 16.76 50.59 -34.70
C LYS C 6 15.83 51.21 -35.73
N GLU C 7 16.35 52.08 -36.59
CA GLU C 7 15.49 52.66 -37.61
C GLU C 7 15.09 51.62 -38.63
N ALA C 8 16.01 50.73 -39.00
CA ALA C 8 15.71 49.69 -39.98
C ALA C 8 14.60 48.78 -39.47
N VAL C 9 14.59 48.50 -38.17
CA VAL C 9 13.59 47.65 -37.58
C VAL C 9 12.25 48.33 -37.55
N LYS C 10 12.21 49.59 -37.13
CA LYS C 10 10.94 50.27 -37.10
C LYS C 10 10.35 50.35 -38.49
N ASP C 11 11.21 50.57 -39.50
CA ASP C 11 10.75 50.69 -40.86
C ASP C 11 10.27 49.35 -41.38
N TYR C 12 11.01 48.26 -41.08
CA TYR C 12 10.55 46.98 -41.54
C TYR C 12 9.19 46.72 -41.06
N PHE C 13 8.96 46.91 -39.77
CA PHE C 13 7.65 46.57 -39.31
C PHE C 13 6.59 47.48 -39.88
N ALA C 14 6.84 48.77 -39.93
CA ALA C 14 5.83 49.70 -40.42
C ALA C 14 5.40 49.45 -41.87
N LYS C 15 6.33 49.02 -42.73
CA LYS C 15 5.98 48.82 -44.13
C LYS C 15 5.81 47.39 -44.63
N PHE C 16 6.52 46.43 -44.05
CA PHE C 16 6.51 45.08 -44.56
C PHE C 16 5.86 44.05 -43.67
N TRP C 17 5.62 44.38 -42.41
CA TRP C 17 5.04 43.37 -41.55
C TRP C 17 3.68 43.00 -42.00
N ASP C 18 2.83 43.95 -42.39
CA ASP C 18 1.50 43.52 -42.78
C ASP C 18 1.55 42.40 -43.84
N PRO C 19 2.21 42.53 -45.01
CA PRO C 19 2.41 41.46 -45.94
C PRO C 19 3.00 40.18 -45.36
N ALA C 20 3.99 40.29 -44.47
CA ALA C 20 4.57 39.08 -43.92
C ALA C 20 3.59 38.33 -43.06
N ALA C 21 2.85 39.07 -42.28
CA ALA C 21 1.89 38.50 -41.39
C ALA C 21 0.80 37.81 -42.15
N GLU C 22 0.37 38.38 -43.27
CA GLU C 22 -0.65 37.73 -44.08
C GLU C 22 -0.14 36.43 -44.67
N LYS C 23 1.11 36.41 -45.10
CA LYS C 23 1.65 35.17 -45.65
C LYS C 23 1.73 34.10 -44.58
N LEU C 24 2.12 34.47 -43.36
CA LEU C 24 2.23 33.51 -42.28
C LEU C 24 0.87 33.00 -41.88
N LYS C 25 -0.11 33.89 -41.83
CA LYS C 25 -1.44 33.55 -41.43
C LYS C 25 -2.04 32.51 -42.35
N GLU C 26 -1.87 32.72 -43.66
CA GLU C 26 -2.41 31.81 -44.63
C GLU C 26 -1.66 30.50 -44.62
N ALA C 27 -0.34 30.55 -44.44
CA ALA C 27 0.43 29.33 -44.43
C ALA C 27 -0.01 28.38 -43.34
N VAL C 28 -0.33 28.91 -42.17
CA VAL C 28 -0.76 28.07 -41.08
C VAL C 28 -2.09 27.42 -41.32
N LYS C 29 -3.05 28.20 -41.79
CA LYS C 29 -4.37 27.68 -42.05
C LYS C 29 -4.31 26.58 -43.10
N ASP C 30 -3.49 26.80 -44.12
CA ASP C 30 -3.34 25.88 -45.22
C ASP C 30 -2.65 24.61 -44.76
N TYR C 31 -1.66 24.75 -43.89
CA TYR C 31 -0.97 23.60 -43.35
C TYR C 31 -1.89 22.66 -42.62
N PHE C 32 -2.69 23.18 -41.71
CA PHE C 32 -3.53 22.29 -40.95
C PHE C 32 -4.59 21.64 -41.80
N ALA C 33 -5.06 22.35 -42.80
CA ALA C 33 -6.08 21.87 -43.71
C ALA C 33 -5.61 20.66 -44.53
N LYS C 34 -4.30 20.44 -44.62
CA LYS C 34 -3.75 19.35 -45.40
C LYS C 34 -3.27 18.16 -44.60
N LEU C 35 -3.32 18.24 -43.27
CA LEU C 35 -2.75 17.12 -42.52
C LEU C 35 -3.51 15.81 -42.53
N TRP C 36 -4.86 15.83 -42.67
CA TRP C 36 -5.67 14.62 -42.57
C TRP C 36 -6.65 14.61 -43.72
N PHE D 1 -10.50 9.60 -28.54
CA PHE D 1 -9.98 10.94 -28.31
C PHE D 1 -9.39 11.56 -29.56
N ALA D 2 -8.65 10.76 -30.37
CA ALA D 2 -7.92 11.22 -31.55
C ALA D 2 -8.82 11.78 -32.62
N GLU D 3 -9.98 11.21 -32.85
CA GLU D 3 -10.79 11.74 -33.93
C GLU D 3 -11.41 13.05 -33.56
N LYS D 4 -11.82 13.16 -32.32
CA LYS D 4 -12.46 14.36 -31.86
C LYS D 4 -11.46 15.49 -31.75
N PHE D 5 -10.24 15.15 -31.34
CA PHE D 5 -9.21 16.14 -31.22
C PHE D 5 -8.89 16.67 -32.60
N LYS D 6 -8.73 15.78 -33.59
CA LYS D 6 -8.41 16.22 -34.93
C LYS D 6 -9.49 17.12 -35.49
N GLU D 7 -10.78 16.83 -35.23
CA GLU D 7 -11.81 17.72 -35.74
C GLU D 7 -11.70 19.08 -35.09
N ALA D 8 -11.45 19.13 -33.78
CA ALA D 8 -11.33 20.41 -33.13
C ALA D 8 -10.21 21.23 -33.68
N VAL D 9 -9.11 20.58 -34.04
CA VAL D 9 -8.00 21.33 -34.59
C VAL D 9 -8.37 21.85 -35.96
N LYS D 10 -8.98 21.03 -36.80
CA LYS D 10 -9.36 21.51 -38.11
C LYS D 10 -10.36 22.66 -38.04
N ASP D 11 -11.30 22.59 -37.11
CA ASP D 11 -12.30 23.62 -36.98
C ASP D 11 -11.69 24.88 -36.45
N TYR D 12 -10.77 24.78 -35.50
CA TYR D 12 -10.16 25.98 -34.98
C TYR D 12 -9.41 26.68 -36.08
N PHE D 13 -8.57 25.94 -36.80
CA PHE D 13 -7.78 26.62 -37.78
C PHE D 13 -8.59 27.11 -38.95
N ALA D 14 -9.60 26.39 -39.35
CA ALA D 14 -10.41 26.86 -40.45
C ALA D 14 -11.22 28.11 -40.10
N LYS D 15 -11.73 28.21 -38.88
CA LYS D 15 -12.61 29.32 -38.53
C LYS D 15 -12.15 30.40 -37.56
N PHE D 16 -11.32 30.08 -36.57
CA PHE D 16 -10.98 31.08 -35.57
C PHE D 16 -9.57 31.57 -35.70
N TRP D 17 -8.74 30.82 -36.39
CA TRP D 17 -7.38 31.25 -36.56
C TRP D 17 -7.30 32.60 -37.22
N ASP D 18 -8.05 32.85 -38.29
CA ASP D 18 -7.93 34.16 -38.90
C ASP D 18 -8.01 35.36 -37.95
N PRO D 19 -9.09 35.60 -37.19
CA PRO D 19 -9.15 36.72 -36.27
C PRO D 19 -8.16 36.64 -35.12
N ALA D 20 -7.73 35.44 -34.75
CA ALA D 20 -6.76 35.39 -33.68
C ALA D 20 -5.41 35.89 -34.19
N ALA D 21 -5.08 35.49 -35.41
CA ALA D 21 -3.85 35.88 -36.06
C ALA D 21 -3.86 37.36 -36.35
N GLU D 22 -5.01 37.92 -36.68
CA GLU D 22 -5.08 39.34 -36.95
C GLU D 22 -4.75 40.12 -35.71
N LYS D 23 -5.19 39.67 -34.54
CA LYS D 23 -4.83 40.41 -33.34
C LYS D 23 -3.34 40.35 -33.09
N LEU D 24 -2.70 39.21 -33.37
CA LEU D 24 -1.26 39.16 -33.15
C LEU D 24 -0.58 40.10 -34.11
N LYS D 25 -1.06 40.16 -35.35
CA LYS D 25 -0.45 41.03 -36.34
C LYS D 25 -0.45 42.47 -35.86
N GLU D 26 -1.59 42.92 -35.32
CA GLU D 26 -1.71 44.27 -34.85
C GLU D 26 -0.83 44.52 -33.64
N ALA D 27 -0.76 43.57 -32.71
CA ALA D 27 0.03 43.77 -31.52
C ALA D 27 1.50 43.95 -31.82
N VAL D 28 2.01 43.19 -32.79
CA VAL D 28 3.41 43.31 -33.13
C VAL D 28 3.69 44.62 -33.79
N LYS D 29 2.85 45.01 -34.73
CA LYS D 29 3.03 46.26 -35.43
C LYS D 29 3.02 47.43 -34.45
N ASP D 30 2.11 47.40 -33.49
CA ASP D 30 2.00 48.46 -32.53
C ASP D 30 3.19 48.51 -31.59
N TYR D 31 3.68 47.36 -31.13
CA TYR D 31 4.80 47.34 -30.24
C TYR D 31 5.98 48.03 -30.87
N PHE D 32 6.29 47.68 -32.12
CA PHE D 32 7.44 48.29 -32.73
C PHE D 32 7.22 49.73 -33.07
N ALA D 33 6.00 50.11 -33.44
CA ALA D 33 5.72 51.49 -33.76
C ALA D 33 5.99 52.40 -32.57
N LYS D 34 5.75 51.90 -31.36
CA LYS D 34 5.95 52.67 -30.15
C LYS D 34 7.35 52.60 -29.51
N LEU D 35 8.27 51.84 -30.09
CA LEU D 35 9.61 51.78 -29.53
C LEU D 35 10.47 52.84 -30.17
N TRP D 36 11.51 53.32 -29.46
CA TRP D 36 12.58 54.17 -30.02
C TRP D 36 12.02 55.42 -30.71
N PHE E 1 -11.80 39.05 -31.05
CA PHE E 1 -12.08 37.66 -31.44
C PHE E 1 -12.79 36.86 -30.32
N ALA E 2 -12.54 37.25 -29.04
CA ALA E 2 -12.92 36.59 -27.80
C ALA E 2 -14.39 36.48 -27.53
N GLU E 3 -15.19 37.45 -27.90
CA GLU E 3 -16.59 37.31 -27.58
C GLU E 3 -17.20 36.22 -28.41
N LYS E 4 -16.88 36.20 -29.70
CA LYS E 4 -17.41 35.20 -30.58
C LYS E 4 -16.80 33.86 -30.30
N PHE E 5 -15.50 33.85 -29.99
CA PHE E 5 -14.84 32.61 -29.72
C PHE E 5 -15.41 31.97 -28.49
N LYS E 6 -15.58 32.72 -27.41
CA LYS E 6 -16.14 32.11 -26.23
C LYS E 6 -17.52 31.51 -26.51
N GLU E 7 -18.37 32.20 -27.29
CA GLU E 7 -19.65 31.59 -27.61
C GLU E 7 -19.48 30.34 -28.44
N ALA E 8 -18.53 30.34 -29.39
CA ALA E 8 -18.30 29.17 -30.21
C ALA E 8 -17.89 28.01 -29.35
N VAL E 9 -17.10 28.29 -28.33
CA VAL E 9 -16.68 27.27 -27.40
C VAL E 9 -17.85 26.77 -26.63
N LYS E 10 -18.70 27.65 -26.13
CA LYS E 10 -19.83 27.16 -25.38
C LYS E 10 -20.61 26.12 -26.14
N ASP E 11 -20.88 26.40 -27.42
CA ASP E 11 -21.65 25.45 -28.20
C ASP E 11 -20.88 24.21 -28.60
N TYR E 12 -19.61 24.38 -28.95
CA TYR E 12 -18.79 23.27 -29.41
C TYR E 12 -18.57 22.28 -28.28
N PHE E 13 -18.33 22.84 -27.12
CA PHE E 13 -18.05 22.14 -25.91
C PHE E 13 -19.32 21.44 -25.42
N ALA E 14 -20.44 22.19 -25.37
CA ALA E 14 -21.73 21.68 -24.90
C ALA E 14 -22.22 20.53 -25.76
N LYS E 15 -21.88 20.55 -27.03
CA LYS E 15 -22.22 19.51 -27.97
C LYS E 15 -21.91 18.12 -27.47
N PHE E 16 -20.83 17.96 -26.70
CA PHE E 16 -20.44 16.62 -26.28
C PHE E 16 -21.00 16.25 -24.94
N TRP E 17 -21.63 17.19 -24.27
CA TRP E 17 -22.14 16.91 -22.94
C TRP E 17 -23.35 16.03 -22.94
N ASP E 18 -24.35 16.34 -23.74
CA ASP E 18 -25.56 15.53 -23.69
C ASP E 18 -25.31 14.02 -23.73
N PRO E 19 -24.56 13.44 -24.70
CA PRO E 19 -24.27 12.03 -24.74
C PRO E 19 -23.39 11.55 -23.61
N ALA E 20 -22.65 12.44 -22.96
CA ALA E 20 -21.81 12.00 -21.87
C ALA E 20 -22.70 11.77 -20.70
N ALA E 21 -23.69 12.64 -20.57
CA ALA E 21 -24.63 12.55 -19.49
C ALA E 21 -25.42 11.26 -19.60
N GLU E 22 -25.74 10.86 -20.83
CA GLU E 22 -26.48 9.62 -21.03
C GLU E 22 -25.63 8.43 -20.69
N LYS E 23 -24.35 8.46 -21.04
CA LYS E 23 -23.49 7.35 -20.70
C LYS E 23 -23.32 7.23 -19.19
N LEU E 24 -23.21 8.34 -18.49
CA LEU E 24 -23.07 8.27 -17.05
C LEU E 24 -24.31 7.71 -16.41
N LYS E 25 -25.48 8.10 -16.91
CA LYS E 25 -26.72 7.61 -16.38
C LYS E 25 -26.75 6.09 -16.51
N GLU E 26 -26.41 5.57 -17.69
CA GLU E 26 -26.43 4.13 -17.86
C GLU E 26 -25.38 3.45 -17.02
N ALA E 27 -24.20 4.04 -16.89
CA ALA E 27 -23.18 3.38 -16.11
C ALA E 27 -23.63 3.14 -14.69
N VAL E 28 -24.35 4.08 -14.10
CA VAL E 28 -24.84 3.89 -12.76
C VAL E 28 -25.89 2.82 -12.72
N LYS E 29 -26.82 2.87 -13.67
CA LYS E 29 -27.89 1.89 -13.70
C LYS E 29 -27.32 0.49 -13.75
N ASP E 30 -26.33 0.26 -14.61
CA ASP E 30 -25.77 -1.07 -14.79
C ASP E 30 -24.93 -1.50 -13.61
N TYR E 31 -24.20 -0.57 -13.01
CA TYR E 31 -23.42 -0.91 -11.85
C TYR E 31 -24.29 -1.47 -10.78
N PHE E 32 -25.39 -0.80 -10.47
CA PHE E 32 -26.24 -1.35 -9.44
C PHE E 32 -27.05 -2.52 -9.92
N ALA E 33 -27.43 -2.55 -11.18
CA ALA E 33 -28.27 -3.62 -11.69
C ALA E 33 -27.66 -4.99 -11.52
N LYS E 34 -26.32 -5.09 -11.60
CA LYS E 34 -25.66 -6.39 -11.47
C LYS E 34 -25.90 -7.04 -10.12
N LEU E 35 -26.35 -6.26 -9.16
CA LEU E 35 -26.67 -6.77 -7.84
C LEU E 35 -27.75 -7.85 -7.83
N TRP E 36 -28.78 -7.77 -8.72
CA TRP E 36 -29.92 -8.67 -8.78
C TRP E 36 -29.69 -9.64 -9.91
N PHE F 13 -35.68 1.37 -5.66
CA PHE F 13 -35.43 2.80 -5.86
C PHE F 13 -35.21 3.22 -7.33
N ALA F 14 -35.40 2.29 -8.32
CA ALA F 14 -35.23 2.55 -9.77
C ALA F 14 -36.19 3.64 -10.25
N LYS F 15 -37.37 3.66 -9.64
CA LYS F 15 -38.43 4.61 -9.94
C LYS F 15 -38.09 6.01 -9.48
N PHE F 16 -37.12 6.16 -8.59
CA PHE F 16 -36.76 7.49 -8.14
C PHE F 16 -35.46 7.89 -8.81
N TRP F 17 -34.57 6.93 -9.00
CA TRP F 17 -33.31 7.26 -9.59
C TRP F 17 -33.47 7.74 -11.02
N ASP F 18 -34.27 7.05 -11.83
CA ASP F 18 -34.37 7.49 -13.21
C ASP F 18 -34.72 8.99 -13.30
N PRO F 19 -35.84 9.51 -12.74
CA PRO F 19 -36.13 10.92 -12.79
C PRO F 19 -35.12 11.76 -12.01
N ALA F 20 -34.41 11.19 -11.02
CA ALA F 20 -33.42 11.99 -10.34
C ALA F 20 -32.30 12.33 -11.30
N ALA F 21 -31.97 11.37 -12.15
CA ALA F 21 -30.90 11.55 -13.11
C ALA F 21 -31.28 12.64 -14.07
N GLU F 22 -32.56 12.69 -14.43
CA GLU F 22 -33.01 13.72 -15.36
C GLU F 22 -32.94 15.10 -14.71
N LYS F 23 -33.29 15.16 -13.43
CA LYS F 23 -33.22 16.43 -12.72
C LYS F 23 -31.80 16.91 -12.60
N LEU F 24 -30.86 15.98 -12.37
CA LEU F 24 -29.47 16.34 -12.26
C LEU F 24 -28.92 16.86 -13.56
N LYS F 25 -29.32 16.26 -14.69
CA LYS F 25 -28.83 16.79 -15.94
C LYS F 25 -29.25 18.24 -16.12
N GLU F 26 -30.48 18.57 -15.75
CA GLU F 26 -30.92 19.93 -15.89
C GLU F 26 -30.19 20.84 -14.90
N ALA F 27 -29.92 20.33 -13.69
CA ALA F 27 -29.22 21.10 -12.67
C ALA F 27 -27.83 21.47 -13.13
N VAL F 28 -27.17 20.57 -13.87
CA VAL F 28 -25.84 20.82 -14.38
C VAL F 28 -25.88 21.88 -15.44
N LYS F 29 -26.82 21.76 -16.37
CA LYS F 29 -26.88 22.75 -17.41
C LYS F 29 -27.13 24.13 -16.85
N ASP F 30 -27.98 24.23 -15.82
CA ASP F 30 -28.26 25.51 -15.23
C ASP F 30 -27.08 26.08 -14.46
N TYR F 31 -26.43 25.27 -13.64
CA TYR F 31 -25.33 25.78 -12.88
C TYR F 31 -24.22 26.24 -13.78
N PHE F 32 -23.88 25.45 -14.78
CA PHE F 32 -22.84 25.85 -15.67
C PHE F 32 -23.24 27.02 -16.53
N ALA F 33 -24.49 27.13 -16.97
CA ALA F 33 -24.83 28.32 -17.74
C ALA F 33 -24.58 29.58 -16.90
N LYS F 34 -24.89 29.50 -15.59
CA LYS F 34 -24.66 30.62 -14.68
C LYS F 34 -23.18 30.90 -14.50
N LEU F 35 -22.34 29.87 -14.41
CA LEU F 35 -20.91 30.11 -14.26
C LEU F 35 -20.26 30.63 -15.51
N TRP F 36 -20.71 30.10 -16.63
CA TRP F 36 -20.16 30.40 -17.93
C TRP F 36 -20.33 31.86 -18.37
N ASP F 37 -21.57 32.40 -18.31
CA ASP F 37 -21.94 33.75 -18.79
C ASP F 37 -21.99 34.80 -17.65
N ALA G 2 -33.54 -1.57 56.73
CA ALA G 2 -32.36 -0.91 56.19
C ALA G 2 -31.27 -0.75 57.27
N GLU G 3 -31.65 -0.25 58.46
CA GLU G 3 -30.80 0.02 59.62
C GLU G 3 -30.17 -1.23 60.21
N LYS G 4 -30.89 -2.34 60.21
CA LYS G 4 -30.32 -3.57 60.75
C LYS G 4 -29.07 -3.92 59.98
N PHE G 5 -29.18 -3.87 58.67
CA PHE G 5 -28.09 -4.18 57.77
C PHE G 5 -26.99 -3.15 57.91
N LYS G 6 -27.33 -1.87 57.84
CA LYS G 6 -26.28 -0.88 57.90
C LYS G 6 -25.45 -0.98 59.17
N GLU G 7 -26.08 -1.26 60.31
CA GLU G 7 -25.31 -1.41 61.52
C GLU G 7 -24.48 -2.67 61.48
N ALA G 8 -25.02 -3.76 60.92
CA ALA G 8 -24.27 -5.00 60.83
C ALA G 8 -23.02 -4.83 59.98
N VAL G 9 -23.12 -4.03 58.92
CA VAL G 9 -22.00 -3.78 58.04
C VAL G 9 -20.95 -2.95 58.73
N LYS G 10 -21.35 -1.88 59.39
CA LYS G 10 -20.37 -1.07 60.06
C LYS G 10 -19.64 -1.87 61.11
N ASP G 11 -20.37 -2.75 61.80
CA ASP G 11 -19.78 -3.55 62.85
C ASP G 11 -18.84 -4.59 62.26
N TYR G 12 -19.25 -5.23 61.17
CA TYR G 12 -18.37 -6.21 60.57
C TYR G 12 -17.06 -5.58 60.25
N PHE G 13 -17.09 -4.44 59.58
CA PHE G 13 -15.82 -3.90 59.22
C PHE G 13 -15.02 -3.45 60.41
N ALA G 14 -15.64 -2.80 61.38
CA ALA G 14 -14.91 -2.31 62.54
C ALA G 14 -14.22 -3.41 63.35
N LYS G 15 -14.84 -4.58 63.46
CA LYS G 15 -14.25 -5.64 64.28
C LYS G 15 -13.58 -6.81 63.56
N PHE G 16 -14.04 -7.16 62.37
CA PHE G 16 -13.55 -8.34 61.70
C PHE G 16 -12.75 -8.09 60.45
N TRP G 17 -12.80 -6.89 59.90
CA TRP G 17 -12.08 -6.67 58.67
C TRP G 17 -10.61 -6.81 58.89
N ASP G 18 -10.05 -6.28 59.96
CA ASP G 18 -8.62 -6.42 60.09
C ASP G 18 -8.16 -7.89 59.94
N PRO G 19 -8.67 -8.87 60.71
CA PRO G 19 -8.39 -10.27 60.49
C PRO G 19 -8.63 -10.78 59.08
N ALA G 20 -9.73 -10.35 58.44
CA ALA G 20 -9.98 -10.84 57.09
C ALA G 20 -8.96 -10.34 56.12
N ALA G 21 -8.59 -9.10 56.27
CA ALA G 21 -7.64 -8.47 55.40
C ALA G 21 -6.30 -9.12 55.53
N GLU G 22 -5.90 -9.49 56.75
CA GLU G 22 -4.62 -10.16 56.94
C GLU G 22 -4.63 -11.53 56.29
N LYS G 23 -5.75 -12.25 56.37
CA LYS G 23 -5.80 -13.56 55.73
C LYS G 23 -5.68 -13.43 54.23
N LEU G 24 -6.35 -12.41 53.66
CA LEU G 24 -6.30 -12.21 52.21
C LEU G 24 -4.93 -11.81 51.76
N LYS G 25 -4.29 -10.94 52.55
CA LYS G 25 -2.98 -10.44 52.22
C LYS G 25 -1.97 -11.55 52.13
N GLU G 26 -2.01 -12.46 53.11
CA GLU G 26 -1.09 -13.55 53.15
C GLU G 26 -1.39 -14.55 52.06
N ALA G 27 -2.67 -14.79 51.79
CA ALA G 27 -3.03 -15.75 50.77
C ALA G 27 -2.49 -15.37 49.41
N VAL G 28 -2.51 -14.08 49.09
CA VAL G 28 -2.00 -13.63 47.81
C VAL G 28 -0.52 -13.80 47.68
N LYS G 29 0.21 -13.39 48.70
CA LYS G 29 1.65 -13.50 48.66
C LYS G 29 2.08 -14.94 48.52
N ASP G 30 1.39 -15.82 49.24
CA ASP G 30 1.69 -17.23 49.25
C ASP G 30 1.36 -17.85 47.90
N TYR G 31 0.26 -17.43 47.30
CA TYR G 31 -0.12 -17.93 46.00
C TYR G 31 0.93 -17.67 44.96
N PHE G 32 1.40 -16.43 44.87
CA PHE G 32 2.36 -16.13 43.82
C PHE G 32 3.67 -16.82 44.04
N ALA G 33 4.04 -17.00 45.29
CA ALA G 33 5.28 -17.67 45.66
C ALA G 33 5.32 -19.13 45.23
N LYS G 34 4.16 -19.73 44.95
CA LYS G 34 4.09 -21.13 44.58
C LYS G 34 3.90 -21.38 43.09
N LEU G 35 3.71 -20.34 42.29
CA LEU G 35 3.42 -20.61 40.89
C LEU G 35 4.54 -21.16 40.04
N TRP G 36 5.82 -20.84 40.33
CA TRP G 36 6.94 -21.24 39.48
C TRP G 36 8.03 -21.80 40.37
N PHE H 1 11.03 -12.32 27.28
CA PHE H 1 10.09 -11.50 28.05
C PHE H 1 9.52 -12.26 29.24
N ALA H 2 9.19 -13.56 29.07
CA ALA H 2 8.53 -14.38 30.08
C ALA H 2 9.34 -14.57 31.32
N GLU H 3 10.66 -14.72 31.21
CA GLU H 3 11.41 -14.97 32.42
C GLU H 3 11.54 -13.73 33.25
N LYS H 4 11.72 -12.61 32.58
CA LYS H 4 11.89 -11.36 33.26
C LYS H 4 10.59 -10.91 33.88
N PHE H 5 9.48 -11.18 33.20
CA PHE H 5 8.18 -10.81 33.71
C PHE H 5 7.92 -11.62 34.96
N LYS H 6 8.19 -12.94 34.91
CA LYS H 6 7.95 -13.77 36.08
C LYS H 6 8.77 -13.32 37.27
N GLU H 7 10.03 -12.92 37.06
CA GLU H 7 10.80 -12.44 38.19
C GLU H 7 10.19 -11.19 38.77
N ALA H 8 9.75 -10.27 37.92
CA ALA H 8 9.16 -9.05 38.43
C ALA H 8 7.93 -9.32 39.24
N VAL H 9 7.14 -10.30 38.83
CA VAL H 9 5.95 -10.61 39.59
C VAL H 9 6.33 -11.20 40.92
N LYS H 10 7.27 -12.13 40.96
CA LYS H 10 7.67 -12.70 42.23
C LYS H 10 8.24 -11.66 43.17
N ASP H 11 9.03 -10.72 42.64
CA ASP H 11 9.64 -9.72 43.47
C ASP H 11 8.60 -8.75 43.98
N TYR H 12 7.63 -8.39 43.14
CA TYR H 12 6.61 -7.49 43.62
C TYR H 12 5.84 -8.10 44.75
N PHE H 13 5.39 -9.33 44.55
CA PHE H 13 4.58 -9.90 45.58
C PHE H 13 5.36 -10.23 46.82
N ALA H 14 6.59 -10.66 46.70
CA ALA H 14 7.36 -10.94 47.88
C ALA H 14 7.69 -9.71 48.70
N LYS H 15 7.96 -8.56 48.04
CA LYS H 15 8.41 -7.38 48.76
C LYS H 15 7.51 -6.16 48.87
N PHE H 16 6.68 -5.86 47.88
CA PHE H 16 5.91 -4.64 47.91
C PHE H 16 4.46 -4.86 48.16
N TRP H 17 3.99 -6.08 47.93
CA TRP H 17 2.61 -6.37 48.17
C TRP H 17 2.22 -6.08 49.59
N ASP H 18 3.00 -6.50 50.58
CA ASP H 18 2.58 -6.21 51.94
C ASP H 18 2.15 -4.76 52.23
N PRO H 19 2.99 -3.72 52.07
CA PRO H 19 2.57 -2.36 52.31
C PRO H 19 1.50 -1.85 51.36
N ALA H 20 1.40 -2.42 50.15
CA ALA H 20 0.36 -1.95 49.28
C ALA H 20 -0.99 -2.45 49.79
N ALA H 21 -1.01 -3.69 50.24
CA ALA H 21 -2.20 -4.32 50.78
C ALA H 21 -2.61 -3.66 52.07
N GLU H 22 -1.64 -3.21 52.87
CA GLU H 22 -1.97 -2.55 54.11
C GLU H 22 -2.70 -1.26 53.84
N LYS H 23 -2.32 -0.53 52.80
CA LYS H 23 -3.04 0.69 52.52
C LYS H 23 -4.46 0.38 52.09
N LEU H 24 -4.68 -0.69 51.34
CA LEU H 24 -6.05 -1.00 50.96
C LEU H 24 -6.84 -1.36 52.19
N LYS H 25 -6.24 -2.10 53.11
CA LYS H 25 -6.93 -2.51 54.32
C LYS H 25 -7.44 -1.30 55.07
N GLU H 26 -6.59 -0.28 55.21
CA GLU H 26 -6.96 0.92 55.92
C GLU H 26 -8.02 1.70 55.21
N ALA H 27 -7.93 1.80 53.88
CA ALA H 27 -8.91 2.56 53.14
C ALA H 27 -10.30 1.99 53.26
N VAL H 28 -10.41 0.67 53.26
CA VAL H 28 -11.72 0.06 53.35
C VAL H 28 -12.29 0.26 54.73
N LYS H 29 -11.48 0.05 55.75
CA LYS H 29 -11.94 0.22 57.11
C LYS H 29 -12.43 1.63 57.35
N ASP H 30 -11.70 2.60 56.82
CA ASP H 30 -12.05 4.00 57.00
C ASP H 30 -13.32 4.36 56.26
N TYR H 31 -13.49 3.87 55.04
CA TYR H 31 -14.68 4.18 54.28
C TYR H 31 -15.90 3.76 55.03
N PHE H 32 -15.91 2.53 55.53
CA PHE H 32 -17.10 2.08 56.23
C PHE H 32 -17.28 2.76 57.56
N ALA H 33 -16.19 3.07 58.25
CA ALA H 33 -16.30 3.75 59.52
C ALA H 33 -17.01 5.09 59.39
N LYS H 34 -16.81 5.77 58.26
CA LYS H 34 -17.40 7.07 58.01
C LYS H 34 -18.79 7.06 57.35
N LEU H 35 -19.34 5.90 57.03
CA LEU H 35 -20.66 5.86 56.43
C LEU H 35 -21.69 5.76 57.52
N TRP H 36 -22.92 6.26 57.27
CA TRP H 36 -24.11 6.02 58.10
C TRP H 36 -23.86 6.43 59.57
N PHE I 1 3.61 3.72 51.01
CA PHE I 1 4.35 2.69 50.27
C PHE I 1 5.11 3.27 49.04
N ALA I 2 4.56 4.38 48.46
CA ALA I 2 4.94 5.01 47.21
C ALA I 2 6.32 5.59 47.16
N GLU I 3 6.83 6.14 48.24
CA GLU I 3 8.15 6.73 48.11
C GLU I 3 9.19 5.65 47.93
N LYS I 4 9.05 4.59 48.73
CA LYS I 4 9.99 3.49 48.63
C LYS I 4 9.78 2.72 47.37
N PHE I 5 8.53 2.55 46.97
CA PHE I 5 8.25 1.80 45.77
C PHE I 5 8.80 2.51 44.57
N LYS I 6 8.59 3.82 44.45
CA LYS I 6 9.13 4.50 43.31
C LYS I 6 10.64 4.37 43.25
N GLU I 7 11.34 4.44 44.38
CA GLU I 7 12.78 4.25 44.33
C GLU I 7 13.13 2.82 43.91
N ALA I 8 12.37 1.84 44.40
CA ALA I 8 12.62 0.46 44.03
C ALA I 8 12.47 0.28 42.55
N VAL I 9 11.50 0.96 41.97
CA VAL I 9 11.27 0.92 40.55
C VAL I 9 12.43 1.56 39.85
N LYS I 10 12.89 2.71 40.29
CA LYS I 10 13.98 3.33 39.60
C LYS I 10 15.15 2.38 39.44
N ASP I 11 15.50 1.67 40.51
CA ASP I 11 16.63 0.77 40.43
C ASP I 11 16.34 -0.50 39.66
N TYR I 12 15.14 -1.05 39.82
CA TYR I 12 14.78 -2.30 39.19
C TYR I 12 14.71 -2.11 37.69
N PHE I 13 14.15 -0.99 37.31
CA PHE I 13 13.91 -0.60 35.95
C PHE I 13 15.26 -0.25 35.30
N ALA I 14 16.08 0.56 35.98
CA ALA I 14 17.39 1.00 35.49
C ALA I 14 18.31 -0.16 35.26
N LYS I 15 18.17 -1.21 36.05
CA LYS I 15 18.95 -2.41 35.95
C LYS I 15 19.00 -2.96 34.54
N PHE I 16 17.93 -2.83 33.77
CA PHE I 16 17.90 -3.43 32.44
C PHE I 16 18.37 -2.48 31.36
N TRP I 17 18.57 -1.22 31.72
CA TRP I 17 18.94 -0.25 30.70
C TRP I 17 20.36 -0.40 30.22
N ASP I 18 21.32 -0.50 31.12
CA ASP I 18 22.70 -0.58 30.67
C ASP I 18 22.93 -1.59 29.53
N PRO I 19 22.54 -2.88 29.63
CA PRO I 19 22.70 -3.84 28.57
C PRO I 19 21.86 -3.55 27.33
N ALA I 20 20.79 -2.76 27.47
CA ALA I 20 19.99 -2.47 26.32
C ALA I 20 20.73 -1.46 25.50
N ALA I 21 21.37 -0.55 26.21
CA ALA I 21 22.12 0.49 25.56
C ALA I 21 23.28 -0.12 24.79
N GLU I 22 23.88 -1.17 25.35
CA GLU I 22 24.99 -1.84 24.67
C GLU I 22 24.50 -2.55 23.43
N LYS I 23 23.33 -3.18 23.49
CA LYS I 23 22.81 -3.85 22.33
C LYS I 23 22.48 -2.86 21.24
N LEU I 24 21.93 -1.70 21.59
CA LEU I 24 21.62 -0.72 20.58
C LEU I 24 22.87 -0.19 19.92
N LYS I 25 23.93 0.02 20.71
CA LYS I 25 25.17 0.50 20.16
C LYS I 25 25.68 -0.48 19.13
N GLU I 26 25.69 -1.78 19.45
CA GLU I 26 26.17 -2.76 18.51
C GLU I 26 25.27 -2.85 17.29
N ALA I 27 23.96 -2.77 17.47
CA ALA I 27 23.08 -2.90 16.34
C ALA I 27 23.39 -1.84 15.29
N VAL I 28 23.69 -0.62 15.72
CA VAL I 28 24.02 0.41 14.76
C VAL I 28 25.33 0.13 14.09
N LYS I 29 26.33 -0.26 14.88
CA LYS I 29 27.63 -0.54 14.33
C LYS I 29 27.52 -1.58 13.24
N ASP I 30 26.80 -2.67 13.49
CA ASP I 30 26.70 -3.77 12.54
C ASP I 30 25.87 -3.39 11.32
N TYR I 31 24.81 -2.62 11.52
CA TYR I 31 24.01 -2.20 10.39
C TYR I 31 24.85 -1.46 9.40
N PHE I 32 25.65 -0.51 9.86
CA PHE I 32 26.45 0.19 8.90
C PHE I 32 27.65 -0.60 8.45
N ALA I 33 28.20 -1.45 9.30
CA ALA I 33 29.38 -2.22 8.97
C ALA I 33 29.20 -3.09 7.75
N LYS I 34 28.00 -3.60 7.53
CA LYS I 34 27.74 -4.50 6.40
C LYS I 34 27.98 -3.80 5.07
N LEU I 35 28.03 -2.48 5.07
CA LEU I 35 28.29 -1.70 3.88
C LEU I 35 29.64 -2.00 3.23
N TRP I 36 30.71 -2.31 4.02
CA TRP I 36 32.06 -2.53 3.54
C TRP I 36 32.32 -4.03 3.53
N PHE J 13 33.98 7.52 9.80
CA PHE J 13 33.34 8.14 10.97
C PHE J 13 33.21 7.22 12.20
N ALA J 14 33.81 6.00 12.18
CA ALA J 14 33.78 5.02 13.29
C ALA J 14 34.42 5.61 14.56
N LYS J 15 35.45 6.42 14.34
CA LYS J 15 36.19 7.08 15.40
C LYS J 15 35.38 8.16 16.10
N PHE J 16 34.28 8.61 15.49
CA PHE J 16 33.47 9.63 16.12
C PHE J 16 32.23 8.98 16.67
N TRP J 17 31.71 7.99 15.97
CA TRP J 17 30.51 7.36 16.42
C TRP J 17 30.71 6.64 17.72
N ASP J 18 31.80 5.86 17.85
CA ASP J 18 31.95 5.13 19.09
C ASP J 18 31.84 6.06 20.33
N PRO J 19 32.66 7.13 20.50
CA PRO J 19 32.50 8.02 21.62
C PRO J 19 31.18 8.78 21.59
N ALA J 20 30.55 8.97 20.42
CA ALA J 20 29.27 9.65 20.43
C ALA J 20 28.26 8.80 21.15
N ALA J 21 28.35 7.48 20.94
CA ALA J 21 27.43 6.56 21.55
C ALA J 21 27.59 6.61 23.05
N GLU J 22 28.83 6.76 23.50
CA GLU J 22 29.07 6.82 24.94
C GLU J 22 28.50 8.10 25.53
N LYS J 23 28.62 9.20 24.79
CA LYS J 23 28.07 10.46 25.26
C LYS J 23 26.56 10.39 25.34
N LEU J 24 25.93 9.73 24.36
CA LEU J 24 24.49 9.60 24.36
C LEU J 24 24.02 8.77 25.52
N LYS J 25 24.73 7.70 25.86
CA LYS J 25 24.28 6.93 27.00
C LYS J 25 24.25 7.79 28.26
N GLU J 26 25.27 8.63 28.44
CA GLU J 26 25.29 9.48 29.61
C GLU J 26 24.17 10.53 29.53
N ALA J 27 23.91 11.05 28.32
CA ALA J 27 22.86 12.05 28.13
C ALA J 27 21.51 11.50 28.51
N VAL J 28 21.28 10.22 28.23
CA VAL J 28 20.02 9.58 28.56
C VAL J 28 19.89 9.42 30.04
N LYS J 29 20.94 8.95 30.70
CA LYS J 29 20.84 8.78 32.13
C LYS J 29 20.58 10.11 32.81
N ASP J 30 21.20 11.18 32.34
CA ASP J 30 20.97 12.47 32.94
C ASP J 30 19.58 13.01 32.70
N TYR J 31 19.11 12.95 31.47
CA TYR J 31 17.80 13.48 31.20
C TYR J 31 16.75 12.74 31.97
N PHE J 32 16.82 11.43 31.99
CA PHE J 32 15.83 10.69 32.71
C PHE J 32 15.98 10.87 34.21
N ALA J 33 17.18 10.99 34.75
CA ALA J 33 17.25 11.23 36.19
C ALA J 33 16.51 12.52 36.54
N LYS J 34 16.64 13.54 35.67
CA LYS J 34 15.96 14.81 35.88
C LYS J 34 14.45 14.67 35.76
N LEU J 35 13.96 13.86 34.81
CA LEU J 35 12.51 13.68 34.69
C LEU J 35 11.94 12.86 35.80
N TRP J 36 12.67 11.85 36.20
CA TRP J 36 12.25 10.89 37.19
C TRP J 36 12.02 11.48 38.59
N ASP J 37 13.03 12.22 39.14
CA ASP J 37 13.02 12.79 40.51
C ASP J 37 12.59 14.28 40.55
CAA Y01 K . 2.86 23.42 -32.53
CBA Y01 K . 3.76 22.83 -33.63
CAB Y01 K . 4.73 23.93 -34.11
CAN Y01 K . 3.00 22.16 -34.83
CAJ Y01 K . 2.57 20.68 -34.64
CAO Y01 K . 1.06 20.46 -34.24
CBB Y01 K . 0.29 19.16 -34.65
CAC Y01 K . 0.31 18.90 -36.17
CBE Y01 K . 0.44 17.78 -33.82
CAP Y01 K . 0.94 17.88 -32.36
CAQ Y01 K . 0.33 16.76 -31.52
CBG Y01 K . -0.29 15.83 -32.55
CBI Y01 K . -0.79 16.75 -33.73
CAE Y01 K . -2.18 17.49 -33.49
CAU Y01 K . -0.96 15.80 -34.98
CAS Y01 K . -1.92 14.60 -34.81
CBF Y01 K . -1.69 13.78 -33.48
CBD Y01 K . -1.23 14.63 -32.16
CAK Y01 K . -0.61 13.69 -31.11
CAI Y01 K . -1.27 12.31 -30.95
CAZ Y01 K . -2.17 11.78 -31.80
CAV Y01 K . -2.79 10.41 -31.56
CBH Y01 K . -2.68 12.55 -33.13
CAD Y01 K . -4.16 13.05 -32.95
CAT Y01 K . -2.70 11.52 -34.39
CAR Y01 K . -3.16 10.09 -34.16
CBC Y01 K . -2.76 9.43 -32.80
OAW Y01 K . -3.82 8.51 -32.54
CAY Y01 K . -3.67 7.16 -32.23
OAG Y01 K . -3.16 6.54 -33.13
CAM Y01 K . -4.12 6.65 -30.91
CAL Y01 K . -5.40 7.27 -30.31
CAX Y01 K . -5.79 6.99 -28.83
OAH Y01 K . -6.72 6.20 -28.64
OAF Y01 K . -5.15 7.58 -27.90
C1 PLM L . 22.76 23.01 -22.00
O1 PLM L . 21.65 22.43 -21.92
O2 PLM L . 23.84 22.48 -22.26
C2 PLM L . 22.73 24.53 -21.73
C3 PLM L . 22.06 25.29 -22.88
C4 PLM L . 22.13 26.83 -22.70
C5 PLM L . 21.43 27.63 -23.83
C6 PLM L . 19.91 27.91 -23.57
C7 PLM L . 18.94 27.07 -24.43
C8 PLM L . 18.74 27.59 -25.87
C9 PLM L . 17.88 28.89 -25.96
CA PLM L . 18.65 30.08 -26.56
CB PLM L . 17.79 31.36 -26.64
CC PLM L . 18.64 32.58 -27.10
CD PLM L . 17.85 33.91 -27.05
CE PLM L . 18.74 35.13 -26.74
CF PLM L . 17.93 36.45 -26.59
CG PLM L . 17.68 37.16 -27.91
C1 PLM M . 31.38 5.80 -5.05
O1 PLM M . 32.42 6.08 -4.38
O2 PLM M . 31.06 4.69 -5.47
C2 PLM M . 30.45 6.99 -5.35
C3 PLM M . 29.79 7.51 -4.04
C4 PLM M . 28.49 8.28 -4.26
C5 PLM M . 28.71 9.69 -4.87
C6 PLM M . 27.44 10.57 -4.74
C7 PLM M . 27.67 11.97 -5.33
C8 PLM M . 26.52 12.94 -5.05
C9 PLM M . 26.59 13.59 -3.65
CA PLM M . 25.55 14.73 -3.51
CB PLM M . 25.48 15.29 -2.06
CC PLM M . 26.59 16.32 -1.74
CD PLM M . 26.27 17.75 -2.22
CE PLM M . 27.15 18.81 -1.51
CF PLM M . 26.95 20.23 -2.08
CG PLM M . 27.64 21.30 -1.23
C1 PLM N . 32.39 1.31 -0.82
O1 PLM N . 33.22 0.73 -0.05
O2 PLM N . 31.83 0.80 -1.80
C2 PLM N . 32.06 2.78 -0.46
C3 PLM N . 31.38 2.88 0.94
C4 PLM N . 31.33 4.33 1.48
C5 PLM N . 30.09 5.12 1.00
C6 PLM N . 30.06 6.59 1.50
C7 PLM N . 30.62 7.60 0.45
C8 PLM N . 30.10 9.03 0.67
C9 PLM N . 28.72 9.27 0.00
CA PLM N . 28.15 10.69 0.25
CB PLM N . 27.55 10.86 1.68
CC PLM N . 26.77 12.18 1.87
CD PLM N . 27.70 13.41 2.00
CE PLM N . 26.90 14.71 2.27
CF PLM N . 27.83 15.95 2.31
CG PLM N . 27.01 17.26 2.42
C1 PLM O . 15.56 1.08 2.36
O1 PLM O . 15.02 0.48 1.37
O2 PLM O . 16.75 1.07 2.63
C2 PLM O . 14.63 1.87 3.30
C3 PLM O . 15.10 3.33 3.36
C4 PLM O . 14.41 4.15 4.47
C5 PLM O . 14.73 5.65 4.34
C6 PLM O . 14.16 6.47 5.51
C7 PLM O . 14.15 7.98 5.23
C8 PLM O . 15.55 8.63 5.34
C9 PLM O . 15.48 10.14 5.00
CA PLM O . 16.81 10.86 5.29
CB PLM O . 16.67 12.38 5.04
CC PLM O . 17.81 13.19 5.69
CD PLM O . 17.59 13.46 7.20
CE PLM O . 18.90 13.76 7.96
CF PLM O . 19.53 15.14 7.59
CG PLM O . 20.69 15.03 6.61
C1 PLM P . 11.56 4.64 -1.89
O1 PLM P . 10.86 3.88 -1.15
O2 PLM P . 12.49 4.27 -2.61
C2 PLM P . 11.18 6.13 -1.88
C3 PLM P . 10.93 6.66 -0.44
C4 PLM P . 10.88 8.21 -0.36
C5 PLM P . 12.27 8.84 -0.06
C6 PLM P . 12.26 10.37 -0.14
C7 PLM P . 13.51 10.98 0.56
C8 PLM P . 13.85 12.39 0.07
C9 PLM P . 13.07 13.53 0.80
CA PLM P . 12.89 14.77 -0.11
CB PLM P . 12.51 16.05 0.66
CC PLM P . 13.74 16.88 1.06
CD PLM P . 13.34 18.35 1.40
CE PLM P . 14.57 19.24 1.67
CF PLM P . 14.21 20.75 1.70
CG PLM P . 15.43 21.63 1.47
C1 PLM Q . 6.66 8.51 -7.95
O1 PLM Q . 6.21 7.47 -8.51
O2 PLM Q . 7.64 9.16 -8.37
C2 PLM Q . 5.92 8.94 -6.64
C3 PLM Q . 6.05 10.46 -6.39
C4 PLM Q . 5.67 10.91 -4.93
C5 PLM Q . 6.73 11.85 -4.31
C6 PLM Q . 6.19 12.65 -3.10
C7 PLM Q . 7.33 13.51 -2.45
C8 PLM Q . 6.79 14.62 -1.52
C9 PLM Q . 7.92 15.51 -0.96
CA PLM Q . 7.36 16.83 -0.36
CB PLM Q . 8.44 17.69 0.34
CC PLM Q . 7.86 19.05 0.83
CD PLM Q . 8.89 19.95 1.58
CE PLM Q . 9.73 20.86 0.63
CF PLM Q . 9.77 22.35 1.08
CG PLM Q . 10.55 23.25 0.10
C1 PLM R . 2.54 6.54 -5.39
O1 PLM R . 2.50 5.28 -5.25
O2 PLM R . 3.52 7.24 -5.11
C2 PLM R . 1.26 7.19 -5.97
C3 PLM R . 1.00 8.61 -5.40
C4 PLM R . 0.40 8.58 -3.97
C5 PLM R . -0.02 9.97 -3.46
C6 PLM R . 1.16 10.83 -2.96
C7 PLM R . 0.70 12.21 -2.48
C8 PLM R . 1.84 12.98 -1.77
C9 PLM R . 1.41 14.40 -1.37
CA PLM R . 2.51 15.13 -0.58
CB PLM R . 2.33 16.68 -0.55
CC PLM R . 3.67 17.45 -0.61
CD PLM R . 3.54 18.91 -1.10
CE PLM R . 3.07 19.90 0.00
CF PLM R . 2.28 21.10 -0.59
CG PLM R . 0.83 20.75 -0.92
C1 PLM S . 30.99 20.87 -40.86
O1 PLM S . 30.12 21.31 -41.65
O2 PLM S . 32.21 21.07 -40.93
C2 PLM S . 30.46 19.99 -39.70
C3 PLM S . 30.21 20.82 -38.42
C4 PLM S . 28.91 21.66 -38.49
C5 PLM S . 28.71 22.54 -37.24
C6 PLM S . 27.44 23.41 -37.36
C7 PLM S . 27.25 24.33 -36.13
C8 PLM S . 25.95 25.17 -36.21
C9 PLM S . 26.04 26.35 -37.22
CA PLM S . 25.27 26.10 -38.54
CB PLM S . 25.94 26.76 -39.76
CC PLM S . 25.12 26.57 -41.07
CD PLM S . 24.09 27.70 -41.31
CE PLM S . 23.27 27.49 -42.60
CF PLM S . 22.28 28.63 -42.89
CG PLM S . 20.95 28.47 -42.14
C1 PLM T . -14.01 -0.35 -16.59
O1 PLM T . -13.74 -1.35 -15.86
O2 PLM T . -14.30 -0.37 -17.79
C2 PLM T . -13.96 1.02 -15.87
C3 PLM T . -15.31 1.32 -15.18
C4 PLM T . -15.25 2.61 -14.30
C5 PLM T . -14.81 2.34 -12.85
C6 PLM T . -14.22 3.59 -12.17
C7 PLM T . -14.07 3.39 -10.65
C8 PLM T . -13.46 4.63 -9.96
C9 PLM T . -13.85 4.69 -8.46
CA PLM T . -13.47 6.06 -7.83
CB PLM T . -14.17 6.33 -6.48
CC PLM T . -13.25 6.03 -5.26
CD PLM T . -14.01 6.19 -3.93
CE PLM T . -13.06 6.19 -2.71
CF PLM T . -13.79 6.65 -1.41
CG PLM T . -13.04 6.21 -0.15
C1 PLM U . -7.28 35.59 -23.31
O1 PLM U . -7.41 35.86 -24.54
O2 PLM U . -8.18 35.73 -22.45
C2 PLM U . -5.89 35.04 -22.88
C3 PLM U . -5.99 33.78 -21.97
C4 PLM U . -5.45 32.47 -22.61
C5 PLM U . -6.52 31.55 -23.26
C6 PLM U . -7.01 32.08 -24.63
C7 PLM U . -7.96 31.10 -25.35
C8 PLM U . -7.24 29.85 -25.93
C9 PLM U . -7.72 28.54 -25.27
CA PLM U . -7.09 27.29 -25.90
CB PLM U . -7.78 26.87 -27.23
CC PLM U . -7.12 25.61 -27.82
CD PLM U . -7.74 25.18 -29.17
CE PLM U . -6.72 24.52 -30.13
CF PLM U . -7.35 23.47 -31.06
CG PLM U . -7.41 22.07 -30.42
C1 LBN V . -17.16 13.40 -21.93
N1 LBN V . -13.20 19.03 -18.83
P1 LBN V . -16.99 16.24 -21.67
C2 LBN V . -16.91 11.98 -21.13
C3 LBN V . -17.39 12.05 -19.62
C4 LBN V . -19.95 20.98 -19.86
C5 LBN V . -14.97 8.29 -14.70
C6 LBN V . -13.73 18.09 -20.03
O1 LBN V . -16.65 14.57 -21.32
C7 LBN V . -20.74 22.31 -20.13
C8 LBN V . -13.83 7.74 -13.89
C9 LBN V . -15.21 18.27 -20.64
O2 LBN V . -15.46 17.27 -21.55
C10 LBN V . -22.23 22.16 -20.63
C11 LBN V . -12.97 8.71 -13.03
C12 LBN V . -11.70 18.91 -18.48
O3 LBN V . -17.80 16.77 -20.56
C13 LBN V . -23.20 23.34 -20.32
C14 LBN V . -13.46 9.05 -11.61
C15 LBN V . -14.01 18.83 -17.52
O4 LBN V . -17.23 16.39 -23.11
C16 LBN V . -23.69 24.20 -21.53
C17 LBN V . -12.34 9.51 -10.64
C18 LBN V . -13.34 20.51 -19.17
C19 LBN V . -25.12 23.83 -22.05
C20 LBN V . -12.78 9.83 -9.20
C21 LBN V . -25.72 24.82 -23.06
C22 LBN V . -12.23 11.16 -8.62
C23 LBN V . -13.31 12.17 -8.16
C24 LBN V . -12.81 13.52 -7.62
C25 LBN V . -16.31 12.09 -17.36
O5 LBN V . -16.42 11.59 -18.64
C26 LBN V . -15.94 13.57 -17.17
O6 LBN V . -16.48 11.33 -16.44
C27 LBN V . -17.03 14.56 -16.66
C28 LBN V . -16.59 15.86 -15.89
C29 LBN V . -16.93 17.27 -16.51
C30 LBN V . -18.07 18.12 -15.87
C31 LBN V . -18.27 19.61 -16.36
C32 LBN V . -19.35 19.90 -17.45
C33 LBN V . -19.00 20.90 -18.62
C34 LBN V . -17.53 9.58 -21.85
O7 LBN V . -17.71 10.96 -21.81
C35 LBN V . -17.52 8.78 -20.51
O8 LBN V . -17.38 9.07 -22.96
C36 LBN V . -18.56 7.61 -20.25
C37 LBN V . -18.06 6.14 -20.00
C38 LBN V . -18.56 5.35 -18.74
C39 LBN V . -17.49 5.11 -17.59
C40 LBN V . -17.76 5.85 -16.23
C41 LBN V . -16.51 6.27 -15.36
C42 LBN V . -16.05 7.72 -15.29
CAA Y01 W . -5.21 -11.14 38.25
CBA Y01 W . -5.72 -12.59 38.41
CAB Y01 W . -6.90 -12.58 39.40
CAN Y01 W . -4.64 -13.65 38.80
CAJ Y01 W . -3.80 -14.26 37.64
CAO Y01 W . -2.37 -13.63 37.44
CBB Y01 W . -1.18 -14.47 36.84
CAC Y01 W . -0.91 -15.76 37.63
CBE Y01 W . -1.03 -14.73 35.25
CAP Y01 W . -1.74 -13.73 34.30
CAQ Y01 W . -0.94 -13.59 33.01
CBG Y01 W . 0.07 -14.72 33.07
CBI Y01 W . 0.43 -14.89 34.60
CAE Y01 W . 1.49 -13.85 35.19
CAU Y01 W . 1.06 -16.34 34.72
CAS Y01 W . 2.32 -16.62 33.86
CBF Y01 W . 2.15 -16.21 32.35
CBD Y01 W . 1.27 -14.85 32.06
CAK Y01 W . 0.83 -14.81 30.57
CAI Y01 W . 1.85 -15.32 29.55
CAZ Y01 W . 2.98 -16.00 29.84
CAV Y01 W . 3.93 -16.44 28.75
CBH Y01 W . 3.41 -16.36 31.35
CAD Y01 W . 4.63 -15.48 31.83
CAT Y01 W . 3.92 -17.92 31.41
CAR Y01 W . 4.77 -18.44 30.26
CBC Y01 W . 4.39 -17.94 28.83
OAW Y01 W . 5.64 -17.97 28.13
CAY Y01 W . 5.85 -18.59 26.89
OAG Y01 W . 5.70 -19.79 26.95
CAM Y01 W . 6.25 -17.78 25.72
CAL Y01 W . 7.19 -16.58 25.97
CAX Y01 W . 7.43 -15.51 24.85
OAH Y01 W . 8.51 -15.56 24.27
OAF Y01 W . 6.51 -14.67 24.59
C1 PLM X . -25.33 -9.64 28.23
O1 PLM X . -24.10 -9.59 27.92
O2 PLM X . -26.14 -10.48 27.85
C2 PLM X . -25.80 -8.53 29.19
C3 PLM X . -25.23 -8.74 30.61
C4 PLM X . -25.79 -7.70 31.63
C5 PLM X . -25.21 -7.86 33.05
C6 PLM X . -23.91 -7.03 33.31
C7 PLM X . -22.61 -7.87 33.38
C8 PLM X . -22.39 -8.57 34.75
C9 PLM X . -21.95 -7.60 35.89
CA PLM X . -22.97 -7.58 37.05
CB PLM X . -22.54 -6.61 38.18
CC PLM X . -23.64 -6.49 39.26
CD PLM X . -23.30 -5.43 40.34
CE PLM X . -24.56 -4.73 40.93
CF PLM X . -24.23 -3.59 41.92
CG PLM X . -24.01 -4.08 43.35
C1 PLM Y . -30.60 -9.89 3.15
O1 PLM Y . -31.76 -9.55 2.76
O2 PLM Y . -29.89 -10.77 2.63
C2 PLM Y . -30.04 -9.12 4.36
C3 PLM Y . -29.77 -7.65 3.97
C4 PLM Y . -28.74 -6.95 4.89
C5 PLM Y . -29.29 -6.63 6.30
C6 PLM Y . -28.39 -5.63 7.04
C7 PLM Y . -28.96 -5.31 8.44
C8 PLM Y . -28.19 -4.16 9.14
C9 PLM Y . -28.68 -2.76 8.71
CA PLM Y . -28.06 -1.65 9.60
CB PLM Y . -28.37 -0.24 9.10
CC PLM Y . -29.78 0.28 9.49
CD PLM Y . -29.84 0.87 10.92
CE PLM Y . -31.09 1.75 11.11
CF PLM Y . -31.26 2.24 12.57
CG PLM Y . -32.35 3.30 12.70
C1 PLM Z . -30.77 -9.73 -3.11
O1 PLM Z . -31.49 -9.76 -4.16
O2 PLM Z . -29.95 -10.58 -2.77
C2 PLM Z . -30.97 -8.48 -2.21
C3 PLM Z . -30.55 -7.18 -2.94
C4 PLM Z . -31.02 -5.89 -2.21
C5 PLM Z . -30.04 -5.40 -1.13
C6 PLM Z . -30.54 -4.16 -0.36
C7 PLM Z . -31.21 -4.50 1.00
C8 PLM Z . -31.19 -3.33 2.00
C9 PLM Z . -29.87 -3.26 2.81
CA PLM Z . -29.81 -2.06 3.78
CB PLM Z . -29.50 -0.72 3.06
CC PLM Z . -29.20 0.45 4.03
CD PLM Z . -30.47 1.00 4.73
CE PLM Z . -30.15 2.21 5.62
CF PLM Z . -31.40 2.71 6.40
CG PLM Z . -31.05 3.80 7.41
C1 PLM AA . -15.31 -2.36 -2.95
O1 PLM AA . -14.49 -3.28 -2.68
O2 PLM AA . -16.47 -2.53 -3.30
C2 PLM AA . -14.81 -0.90 -2.84
C3 PLM AA . -15.72 -0.13 -1.87
C4 PLM AA . -15.47 1.40 -1.89
C5 PLM AA . -16.22 2.09 -0.73
C6 PLM AA . -16.10 3.63 -0.81
C7 PLM AA . -16.51 4.31 0.51
C8 PLM AA . -18.05 4.34 0.72
C9 PLM AA . -18.38 5.02 2.06
CA PLM AA . -19.89 5.26 2.23
CB PLM AA . -20.19 6.02 3.54
CC PLM AA . -21.61 6.63 3.55
CD PLM AA . -21.69 7.98 2.81
CE PLM AA . -23.13 8.32 2.35
CF PLM AA . -24.10 8.68 3.51
CG PLM AA . -25.02 7.53 3.91
C1 PLM BA . -12.02 -2.18 3.03
O1 PLM BA . -11.25 -1.86 2.08
O2 PLM BA . -12.69 -3.22 3.09
C2 PLM BA . -12.13 -1.16 4.20
C3 PLM BA . -12.27 0.29 3.69
C4 PLM BA . -12.71 1.29 4.80
C5 PLM BA . -14.24 1.46 4.86
C6 PLM BA . -14.69 2.32 6.06
C7 PLM BA . -16.15 2.81 5.88
C8 PLM BA . -16.83 3.19 7.21
C9 PLM BA . -16.55 4.64 7.68
CA PLM BA . -16.62 4.76 9.23
CB PLM BA . -16.77 6.21 9.72
CC PLM BA . -18.25 6.63 9.92
CD PLM BA . -18.37 7.87 10.83
CE PLM BA . -19.84 8.23 11.14
CF PLM BA . -19.97 9.25 12.30
CG PLM BA . -21.35 9.23 12.94
C1 PLM CA . -7.74 -2.89 10.57
O1 PLM CA . -6.91 -3.79 10.23
O2 PLM CA . -8.80 -3.12 11.19
C2 PLM CA . -7.36 -1.42 10.14
C3 PLM CA . -7.99 -0.37 11.09
C4 PLM CA . -7.97 1.08 10.53
C5 PLM CA . -9.34 1.79 10.67
C6 PLM CA . -9.26 3.33 10.55
C7 PLM CA . -10.68 3.97 10.60
C8 PLM CA . -10.65 5.48 10.90
C9 PLM CA . -12.07 6.10 11.03
CA PLM CA . -12.02 7.49 11.70
CB PLM CA . -13.40 8.19 11.73
CC PLM CA . -13.34 9.54 12.51
CD PLM CA . -14.68 10.31 12.54
CE PLM CA . -15.63 9.89 13.72
CF PLM CA . -16.19 11.10 14.53
CG PLM CA . -17.04 10.67 15.73
C1 PLM DA . -3.63 -0.90 8.02
O1 PLM DA . -3.22 -1.53 6.99
O2 PLM DA . -4.80 -0.57 8.22
C2 PLM DA . -2.53 -0.55 9.07
C3 PLM DA . -2.80 0.79 9.78
C4 PLM DA . -2.44 2.02 8.93
C5 PLM DA . -2.53 3.37 9.68
C6 PLM DA . -3.98 3.88 9.82
C7 PLM DA . -4.04 5.20 10.60
C8 PLM DA . -5.44 5.84 10.54
C9 PLM DA . -5.53 7.12 11.41
CA PLM DA . -6.92 7.79 11.28
CB PLM DA . -7.20 8.80 12.44
CC PLM DA . -8.71 8.80 12.85
CD PLM DA . -8.96 9.34 14.28
CE PLM DA . -8.97 10.89 14.36
CF PLM DA . -8.51 11.41 15.75
CG PLM DA . -6.98 11.39 15.91
C1 PLM EA . -29.72 -27.46 37.79
O1 PLM EA . -28.92 -27.52 38.76
O2 PLM EA . -30.93 -27.77 37.81
C2 PLM EA . -29.12 -26.96 36.45
C3 PLM EA . -29.32 -25.44 36.27
C4 PLM EA . -28.35 -24.60 37.13
C5 PLM EA . -28.61 -23.07 36.99
C6 PLM EA . -27.66 -22.26 37.90
C7 PLM EA . -27.93 -20.73 37.81
C8 PLM EA . -26.95 -19.90 38.67
C9 PLM EA . -27.26 -19.97 40.20
CA PLM EA . -26.27 -20.87 40.97
CB PLM EA . -26.93 -21.60 42.18
CC PLM EA . -25.91 -22.44 43.00
CD PLM EA . -25.25 -21.62 44.15
CE PLM EA . -24.23 -22.47 44.94
CF PLM EA . -23.60 -21.69 46.12
CG PLM EA . -22.42 -20.82 45.71
C1 PLM FA . 15.66 -8.26 12.57
O1 PLM FA . 15.61 -8.41 11.31
O2 PLM FA . 16.10 -9.08 13.38
C2 PLM FA . 15.09 -6.93 13.11
C3 PLM FA . 16.17 -5.82 13.08
C4 PLM FA . 15.60 -4.43 13.45
C5 PLM FA . 15.06 -3.65 12.24
C6 PLM FA . 14.02 -2.57 12.64
C7 PLM FA . 13.72 -1.60 11.48
C8 PLM FA . 12.68 -0.54 11.86
C9 PLM FA . 12.80 0.73 10.99
CA PLM FA . 11.95 1.89 11.55
CB PLM FA . 12.33 3.27 10.95
CC PLM FA . 11.38 3.72 9.82
CD PLM FA . 11.86 5.04 9.17
CE PLM FA . 10.80 5.66 8.23
CF PLM FA . 11.15 7.11 7.83
CG PLM FA . 10.40 7.56 6.58
C1 PLM GA . -0.69 6.04 42.72
O1 PLM GA . -0.48 5.33 43.76
O2 PLM GA . -0.02 7.04 42.40
C2 PLM GA . -1.90 5.60 41.85
C3 PLM GA . -1.55 5.57 40.33
C4 PLM GA . -1.56 4.15 39.69
C5 PLM GA . -0.19 3.44 39.58
C6 PLM GA . 0.31 2.89 40.94
C7 PLM GA . 1.60 2.07 40.83
C8 PLM GA . 1.39 0.68 40.17
C9 PLM GA . 2.14 0.53 38.83
CA PLM GA . 2.02 -0.88 38.22
CB PLM GA . 2.99 -1.90 38.88
CC PLM GA . 2.84 -3.29 38.23
CD PLM GA . 3.76 -4.36 38.88
CE PLM GA . 3.13 -5.78 38.88
CF PLM GA . 4.18 -6.91 38.78
CG PLM GA . 4.56 -7.25 37.34
C1 LBN HA . 15.19 -3.10 26.73
N1 LBN HA . 9.29 1.34 28.33
P1 LBN HA . 14.12 -1.28 28.65
C2 LBN HA . 15.28 -3.43 25.13
C3 LBN HA . 15.48 -2.12 24.25
C4 LBN HA . 15.21 3.79 31.41
C5 LBN HA . 13.66 -1.43 17.89
C6 LBN HA . 10.26 0.05 28.50
O1 LBN HA . 14.26 -2.11 27.14
C7 LBN HA . 15.58 4.62 32.69
C8 LBN HA . 12.63 -1.50 16.79
C9 LBN HA . 11.68 0.15 29.24
O2 LBN HA . 12.35 -1.04 29.12
C10 LBN HA . 17.10 4.61 33.12
C11 LBN HA . 11.41 -0.56 16.83
C12 LBN HA . 7.86 1.07 27.80
O3 LBN HA . 14.56 0.11 28.43
C13 LBN HA . 17.61 5.84 33.94
C14 LBN HA . 11.56 0.86 16.23
C15 LBN HA . 9.93 2.44 27.44
O4 LBN HA . 14.50 -2.18 29.73
C16 LBN HA . 17.99 5.62 35.44
C17 LBN HA . 10.23 1.51 15.78
C18 LBN HA . 9.03 2.00 29.69
C19 LBN HA . 19.51 5.43 35.71
C20 LBN HA . 10.33 2.91 15.14
C21 LBN HA . 19.92 5.47 37.19
C22 LBN HA . 9.33 3.95 15.67
C23 LBN HA . 9.97 5.23 16.28
C24 LBN HA . 9.02 6.28 16.86
C25 LBN HA . 14.14 -0.74 22.65
O5 LBN HA . 14.57 -1.96 23.14
C26 LBN HA . 13.30 0.16 23.57
O6 LBN HA . 14.40 -0.45 21.51
C27 LBN HA . 13.96 1.46 24.14
C28 LBN HA . 13.03 2.68 24.53
C29 LBN HA . 13.02 3.16 26.04
C30 LBN HA . 13.74 4.48 26.43
C31 LBN HA . 13.55 5.07 27.88
C32 LBN HA . 14.62 4.76 28.95
C33 LBN HA . 14.15 4.38 30.41
C34 LBN HA . 16.69 -5.20 23.89
O7 LBN HA . 16.44 -4.30 24.92
C35 LBN HA . 16.72 -4.68 22.42
O8 LBN HA . 16.86 -6.37 24.21
C36 LBN HA . 18.04 -4.86 21.53
C37 LBN HA . 17.98 -5.71 20.20
C38 LBN HA . 18.50 -5.08 18.85
C39 LBN HA . 17.42 -4.70 17.79
C40 LBN HA . 17.24 -3.18 17.48
C41 LBN HA . 15.81 -2.65 17.05
C42 LBN HA . 14.92 -1.88 18.01
C1 CLR IA . -1.19 36.91 -25.72
C2 CLR IA . -1.87 37.85 -24.64
C3 CLR IA . -2.70 37.07 -23.62
C4 CLR IA . -1.79 35.89 -22.99
C5 CLR IA . -1.09 34.79 -24.00
C6 CLR IA . -1.07 33.42 -23.85
C7 CLR IA . -0.40 32.39 -24.90
C8 CLR IA . 0.37 33.02 -26.16
C9 CLR IA . -0.24 34.47 -26.55
C10 CLR IA . -0.41 35.54 -25.24
C11 CLR IA . 0.42 35.06 -27.88
C12 CLR IA . 0.59 34.06 -29.11
C13 CLR IA . 1.28 32.69 -28.74
C14 CLR IA . 0.52 32.04 -27.51
C15 CLR IA . 1.08 30.56 -27.49
C16 CLR IA . 1.55 30.21 -28.96
C17 CLR IA . 1.23 31.45 -29.86
C18 CLR IA . 2.78 33.08 -28.43
C19 CLR IA . 1.00 36.01 -24.72
C20 CLR IA . 2.09 31.57 -31.23
C21 CLR IA . 1.50 32.64 -32.18
C22 CLR IA . 2.43 30.22 -32.03
C23 CLR IA . 1.24 29.43 -32.70
C24 CLR IA . 1.56 28.11 -33.50
C25 CLR IA . 0.32 27.35 -34.18
C26 CLR IA . 0.07 27.88 -35.60
C27 CLR IA . 0.38 25.77 -34.19
O1 CLR IA . -3.15 37.99 -22.61
C1 CLR JA . -4.42 34.44 -27.66
C2 CLR JA . -4.75 35.97 -27.51
C3 CLR JA . -4.13 36.85 -28.63
C4 CLR JA . -4.45 36.21 -30.08
C5 CLR JA . -4.11 34.62 -30.37
C6 CLR JA . -3.53 34.10 -31.49
C7 CLR JA . -3.21 32.55 -31.75
C8 CLR JA . -3.68 31.53 -30.62
C9 CLR JA . -3.70 32.22 -29.15
C10 CLR JA . -4.54 33.71 -29.12
C11 CLR JA . -4.09 31.17 -28.00
C12 CLR JA . -3.43 29.70 -28.09
C13 CLR JA . -3.49 29.01 -29.53
C14 CLR JA . -2.94 30.03 -30.61
C15 CLR JA . -2.75 29.08 -31.87
C16 CLR JA . -2.58 27.61 -31.37
C17 CLR JA . -2.56 27.66 -29.80
C18 CLR JA . -5.04 28.65 -29.73
C19 CLR JA . -6.08 33.47 -29.35
C20 CLR JA . -2.90 26.28 -29.02
C21 CLR JA . -2.27 26.24 -27.59
C22 CLR JA . -2.68 24.87 -29.77
C23 CLR JA . -1.22 24.35 -30.05
C24 CLR JA . -0.98 23.29 -31.22
C25 CLR JA . -1.92 21.99 -31.43
C26 CLR JA . -2.43 21.37 -30.09
C27 CLR JA . -3.12 22.20 -32.43
O1 CLR JA . -4.69 38.18 -28.49
C1 PLM KA . 2.88 42.90 -26.27
O1 PLM KA . 2.94 41.68 -26.00
O2 PLM KA . 2.03 43.72 -25.88
C2 PLM KA . 4.00 43.42 -27.18
C3 PLM KA . 4.21 42.55 -28.46
C4 PLM KA . 5.67 42.05 -28.60
C5 PLM KA . 5.97 41.50 -30.00
C6 PLM KA . 7.40 40.92 -30.09
C7 PLM KA . 7.76 40.42 -31.49
C8 PLM KA . 9.27 40.14 -31.63
C9 PLM KA . 9.72 39.91 -33.09
CA PLM KA . 9.34 38.52 -33.68
CB PLM KA . 8.00 38.50 -34.47
CC PLM KA . 8.07 37.68 -35.79
CD PLM KA . 8.02 36.14 -35.56
CE PLM KA . 8.08 35.36 -36.90
CF PLM KA . 8.17 33.82 -36.65
CG PLM KA . 8.45 33.03 -37.94
C1 PLM LA . -1.32 41.27 -26.98
O1 PLM LA . -0.84 41.20 -25.81
O2 PLM LA . -2.15 42.10 -27.37
C2 PLM LA . -0.82 40.20 -27.99
C3 PLM LA . 0.72 40.07 -27.99
C4 PLM LA . 1.18 38.99 -28.99
C5 PLM LA . 2.72 38.84 -29.10
C6 PLM LA . 3.15 37.36 -29.33
C7 PLM LA . 4.49 37.24 -30.08
C8 PLM LA . 4.33 37.38 -31.62
C9 PLM LA . 4.32 36.03 -32.33
CA PLM LA . 4.09 36.18 -33.85
CB PLM LA . 4.19 34.81 -34.56
CC PLM LA . 3.88 34.89 -36.09
CD PLM LA . 2.53 34.25 -36.50
CE PLM LA . 1.33 35.24 -36.43
CF PLM LA . 1.16 36.06 -37.73
CG PLM LA . 0.24 37.27 -37.53
C1 CLR MA . -14.88 15.56 -25.67
C2 CLR MA . -15.10 14.13 -25.05
C3 CLR MA . -14.28 13.02 -25.78
C4 CLR MA . -12.75 13.49 -26.00
C5 CLR MA . -12.38 15.01 -26.54
C6 CLR MA . -11.40 15.34 -27.44
C7 CLR MA . -11.10 16.84 -27.95
C8 CLR MA . -11.81 18.01 -27.13
C9 CLR MA . -13.32 17.57 -26.72
C10 CLR MA . -13.35 16.10 -25.88
C11 CLR MA . -14.17 18.79 -26.10
C12 CLR MA . -14.00 20.22 -26.82
C13 CLR MA . -12.51 20.68 -27.04
C14 CLR MA . -11.74 19.52 -27.81
C15 CLR MA . -10.37 20.23 -28.17
C16 CLR MA . -10.64 21.77 -28.29
C17 CLR MA . -12.18 21.98 -28.03
C18 CLR MA . -11.96 20.97 -25.58
C19 CLR MA . -12.77 16.34 -24.44
C20 CLR MA . -12.61 23.46 -27.57
C21 CLR MA . -14.13 23.73 -27.75
C22 CLR MA . -11.78 24.68 -28.20
C23 CLR MA . -11.72 24.83 -29.78
C24 CLR MA . -12.67 25.88 -30.48
C25 CLR MA . -13.86 25.33 -31.39
C26 CLR MA . -15.05 26.33 -31.39
C27 CLR MA . -13.41 24.95 -32.84
O1 CLR MA . -14.36 11.83 -25.00
C1 PLM NA . -17.48 -2.93 -12.64
O1 PLM NA . -17.44 -4.20 -12.55
O2 PLM NA . -18.38 -2.32 -13.21
C2 PLM NA . -16.32 -2.16 -11.96
C3 PLM NA . -16.35 -2.43 -10.44
C4 PLM NA . -15.19 -1.76 -9.66
C5 PLM NA . -15.34 -0.22 -9.52
C6 PLM NA . -14.89 0.33 -8.14
C7 PLM NA . -15.98 0.18 -7.05
C8 PLM NA . -16.61 1.52 -6.59
C9 PLM NA . -17.66 2.06 -7.59
CA PLM NA . -18.43 3.26 -7.00
CB PLM NA . -19.67 3.64 -7.84
CC PLM NA . -20.56 4.63 -7.08
CD PLM NA . -21.83 5.00 -7.88
CE PLM NA . -22.83 5.81 -7.01
CF PLM NA . -23.94 6.48 -7.87
CG PLM NA . -25.25 6.66 -7.13
C1 CLR OA . -6.48 3.16 44.42
C2 CLR OA . -6.30 4.73 44.51
C3 CLR OA . -5.42 5.29 43.38
C4 CLR OA . -5.99 4.77 41.96
C5 CLR OA . -6.18 3.16 41.70
C6 CLR OA . -5.80 2.44 40.58
C7 CLR OA . -5.98 0.84 40.41
C8 CLR OA . -6.70 0.05 41.59
C9 CLR OA . -6.52 0.82 43.01
C10 CLR OA . -6.87 2.47 42.98
C11 CLR OA . -7.13 -0.02 44.23
C12 CLR OA . -6.82 -1.59 44.26
C13 CLR OA . -7.09 -2.35 42.90
C14 CLR OA . -6.35 -1.57 41.72
C15 CLR OA . -6.43 -2.62 40.53
C16 CLR OA . -6.57 -4.06 41.16
C17 CLR OA . -6.51 -3.89 42.72
C18 CLR OA . -8.68 -2.35 42.77
C19 CLR OA . -8.42 2.71 42.78
C20 CLR OA . -7.16 -5.10 43.58
C21 CLR OA . -6.79 -5.00 45.09
C22 CLR OA . -6.95 -6.61 43.04
C23 CLR OA . -5.49 -7.22 43.07
C24 CLR OA . -5.28 -8.69 42.55
C25 CLR OA . -3.78 -9.26 42.61
C26 CLR OA . -3.50 -9.94 43.98
C27 CLR OA . -3.35 -10.23 41.45
O1 CLR OA . -5.43 6.72 43.47
C1 CLR PA . -2.42 1.24 44.30
C2 CLR PA . -2.60 2.37 45.40
C3 CLR PA . -3.29 1.87 46.70
C4 CLR PA . -2.59 0.51 47.22
C5 CLR PA . -2.38 -0.75 46.16
C6 CLR PA . -2.60 -2.08 46.43
C7 CLR PA . -2.41 -3.29 45.40
C8 CLR PA . -1.80 -2.92 43.97
C9 CLR PA . -2.20 -1.40 43.54
C10 CLR PA . -1.87 -0.24 44.74
C11 CLR PA . -1.67 -1.06 42.05
C12 CLR PA . -1.84 -2.19 40.92
C13 CLR PA . -1.37 -3.65 41.36
C14 CLR PA . -2.04 -4.02 42.74
C15 CLR PA . -1.75 -5.58 42.84
C16 CLR PA . -1.53 -6.15 41.39
C17 CLR PA . -1.80 -4.94 40.40
C18 CLR PA . 0.22 -3.54 41.44
C19 CLR PA . -0.31 -0.08 44.93
C20 CLR PA . -1.16 -5.07 38.91
C21 CLR PA . -1.96 -4.24 37.87
C22 CLR PA . -0.83 -6.54 38.33
C23 CLR PA . -2.01 -7.50 37.91
C24 CLR PA . -1.74 -9.07 37.85
C25 CLR PA . -0.43 -9.72 37.17
C26 CLR PA . 0.05 -8.93 35.89
C27 CLR PA . 0.77 -9.98 38.14
O1 CLR PA . -3.19 2.93 47.67
C1 PLM QA . -12.07 5.08 48.66
O1 PLM QA . -11.79 4.55 47.56
O2 PLM QA . -11.57 6.10 49.13
C2 PLM QA . -13.15 4.37 49.49
C3 PLM QA . -12.90 2.84 49.63
C4 PLM QA . -14.10 1.99 49.16
C5 PLM QA . -14.02 0.52 49.61
C6 PLM QA . -15.17 -0.32 49.03
C7 PLM QA . -15.17 -1.77 49.53
C8 PLM QA . -16.49 -2.50 49.19
C9 PLM QA . -16.62 -3.86 49.91
CA PLM QA . -15.76 -5.01 49.31
CB PLM QA . -14.38 -5.20 50.01
CC PLM QA . -14.01 -6.69 50.25
CD PLM QA . -13.52 -7.42 48.97
CE PLM QA . -13.16 -8.90 49.24
CF PLM QA . -12.79 -9.67 47.93
CG PLM QA . -12.63 -11.17 48.14
C1 PLM RA . -7.52 4.86 48.50
O1 PLM RA . -8.12 5.54 47.62
O2 PLM RA . -6.94 5.32 49.50
C2 PLM RA . -7.52 3.33 48.30
C3 PLM RA . -8.93 2.78 47.97
C4 PLM RA . -8.89 1.25 47.76
C5 PLM RA . -10.27 0.61 47.51
C6 PLM RA . -10.20 -0.57 46.51
C7 PLM RA . -11.31 -1.61 46.71
C8 PLM RA . -10.99 -2.62 47.84
C9 PLM RA . -10.46 -3.96 47.29
CA PLM RA . -10.07 -4.93 48.43
CB PLM RA . -9.64 -6.30 47.86
CC PLM RA . -9.17 -7.30 48.96
CD PLM RA . -7.64 -7.56 48.95
CE PLM RA . -6.83 -6.57 49.82
CF PLM RA . -6.74 -6.99 51.31
CG PLM RA . -6.27 -5.84 52.20
C1 CLR SA . 12.91 -5.31 30.46
C2 CLR SA . 13.46 -5.63 29.02
C3 CLR SA . 13.14 -7.07 28.56
C4 CLR SA . 11.59 -7.42 28.82
C5 CLR SA . 10.86 -7.04 30.25
C6 CLR SA . 9.96 -7.81 30.96
C7 CLR SA . 9.29 -7.39 32.35
C8 CLR SA . 9.48 -5.87 32.80
C9 CLR SA . 10.99 -5.37 32.42
C10 CLR SA . 11.35 -5.60 30.77
C11 CLR SA . 11.32 -3.92 33.05
C12 CLR SA . 10.83 -3.66 34.54
C13 CLR SA . 9.31 -4.00 34.82
C14 CLR SA . 9.04 -5.49 34.35
C15 CLR SA . 7.60 -5.77 34.92
C16 CLR SA . 7.40 -4.86 36.18
C17 CLR SA . 8.75 -4.07 36.38
C18 CLR SA . 8.49 -2.92 34.00
C19 CLR SA . 10.51 -4.56 29.94
C20 CLR SA . 8.63 -2.71 37.26
C21 CLR SA . 10.01 -2.22 37.78
C22 CLR SA . 7.56 -2.72 38.46
C23 CLR SA . 7.70 -3.82 39.59
C24 CLR SA . 8.37 -3.41 40.96
C25 CLR SA . 9.78 -4.06 41.30
C26 CLR SA . 10.60 -3.10 42.22
C27 CLR SA . 9.69 -5.50 41.91
O1 CLR SA . 13.47 -7.17 27.17
C1 PLM TA . 19.15 -5.81 8.56
O1 PLM TA . 19.49 -6.50 7.56
O2 PLM TA . 19.90 -5.59 9.52
C2 PLM TA . 17.72 -5.20 8.53
C3 PLM TA . 17.61 -4.21 7.34
C4 PLM TA . 16.22 -3.58 7.17
C5 PLM TA . 15.87 -2.52 8.25
C6 PLM TA . 15.09 -1.31 7.67
C7 PLM TA . 16.00 -0.25 7.02
C8 PLM TA . 16.11 1.07 7.81
C9 PLM TA . 17.07 0.97 9.01
CA PLM TA . 17.34 2.36 9.63
CB PLM TA . 18.53 2.34 10.63
CC PLM TA . 18.95 3.78 11.00
CD PLM TA . 20.15 3.79 11.97
CE PLM TA . 20.72 5.21 12.16
CF PLM TA . 21.67 5.31 13.38
CG PLM TA . 22.76 6.38 13.21
#